data_7AYE
# 
_entry.id   7AYE 
# 
_audit_conform.dict_name       mmcif_pdbx.dic 
_audit_conform.dict_version    5.397 
_audit_conform.dict_location   http://mmcif.pdb.org/dictionaries/ascii/mmcif_pdbx.dic 
# 
loop_
_database_2.database_id 
_database_2.database_code 
_database_2.pdbx_database_accession 
_database_2.pdbx_DOI 
PDB   7AYE         pdb_00007aye 10.2210/pdb7aye/pdb 
WWPDB D_1292112166 ?            ?                   
# 
loop_
_pdbx_audit_revision_history.ordinal 
_pdbx_audit_revision_history.data_content_type 
_pdbx_audit_revision_history.major_revision 
_pdbx_audit_revision_history.minor_revision 
_pdbx_audit_revision_history.revision_date 
1 'Structure model' 1 0 2021-08-18 
2 'Structure model' 1 1 2021-10-13 
3 'Structure model' 1 2 2024-01-31 
4 'Structure model' 1 3 2024-10-16 
# 
_pdbx_audit_revision_details.ordinal             1 
_pdbx_audit_revision_details.revision_ordinal    1 
_pdbx_audit_revision_details.data_content_type   'Structure model' 
_pdbx_audit_revision_details.provider            repository 
_pdbx_audit_revision_details.type                'Initial release' 
_pdbx_audit_revision_details.description         ? 
_pdbx_audit_revision_details.details             ? 
# 
loop_
_pdbx_audit_revision_group.ordinal 
_pdbx_audit_revision_group.revision_ordinal 
_pdbx_audit_revision_group.data_content_type 
_pdbx_audit_revision_group.group 
1 2 'Structure model' 'Data collection'        
2 2 'Structure model' 'Database references'    
3 3 'Structure model' 'Data collection'        
4 3 'Structure model' 'Refinement description' 
5 4 'Structure model' 'Structure summary'      
# 
loop_
_pdbx_audit_revision_category.ordinal 
_pdbx_audit_revision_category.revision_ordinal 
_pdbx_audit_revision_category.data_content_type 
_pdbx_audit_revision_category.category 
1 2 'Structure model' citation                      
2 2 'Structure model' citation_author               
3 2 'Structure model' pdbx_database_proc            
4 3 'Structure model' chem_comp_atom                
5 3 'Structure model' chem_comp_bond                
6 3 'Structure model' pdbx_initial_refinement_model 
7 4 'Structure model' pdbx_entry_details            
8 4 'Structure model' pdbx_modification_feature     
# 
loop_
_pdbx_audit_revision_item.ordinal 
_pdbx_audit_revision_item.revision_ordinal 
_pdbx_audit_revision_item.data_content_type 
_pdbx_audit_revision_item.item 
1  2 'Structure model' '_citation.country'                 
2  2 'Structure model' '_citation.journal_abbrev'          
3  2 'Structure model' '_citation.journal_id_CSD'          
4  2 'Structure model' '_citation.journal_id_ISSN'         
5  2 'Structure model' '_citation.journal_volume'          
6  2 'Structure model' '_citation.page_first'              
7  2 'Structure model' '_citation.page_last'               
8  2 'Structure model' '_citation.pdbx_database_id_DOI'    
9  2 'Structure model' '_citation.pdbx_database_id_PubMed' 
10 2 'Structure model' '_citation.title'                   
11 2 'Structure model' '_citation.year'                    
# 
_pdbx_database_status.status_code                     REL 
_pdbx_database_status.status_code_sf                  REL 
_pdbx_database_status.status_code_mr                  ? 
_pdbx_database_status.entry_id                        7AYE 
_pdbx_database_status.recvd_initial_deposition_date   2020-11-12 
_pdbx_database_status.SG_entry                        N 
_pdbx_database_status.deposit_site                    PDBE 
_pdbx_database_status.process_site                    PDBE 
_pdbx_database_status.status_code_cs                  ? 
_pdbx_database_status.status_code_nmr_data            ? 
_pdbx_database_status.methods_development_category    ? 
_pdbx_database_status.pdb_format_compatible           Y 
# 
loop_
_audit_author.name 
_audit_author.pdbx_ordinal 
_audit_author.identifier_ORCID 
'Yang, C.'      1 0000-0002-4591-5373 
'Lau, K.'       2 0000-0002-9040-7597 
'Pojer, F.'     3 0000-0002-9183-7206 
'Correia, B.E.' 4 0000-0002-7377-8636 
# 
_citation.abstract                  ? 
_citation.abstract_id_CAS           ? 
_citation.book_id_ISBN              ? 
_citation.book_publisher            ? 
_citation.book_publisher_city       ? 
_citation.book_title                ? 
_citation.coordinate_linkage        ? 
_citation.country                   UK 
_citation.database_id_Medline       ? 
_citation.details                   ? 
_citation.id                        primary 
_citation.journal_abbrev            'Nat Commun' 
_citation.journal_id_ASTM           ? 
_citation.journal_id_CSD            ? 
_citation.journal_id_ISSN           2041-1723 
_citation.journal_full              ? 
_citation.journal_issue             ? 
_citation.journal_volume            12 
_citation.language                  ? 
_citation.page_first                5754 
_citation.page_last                 5754 
_citation.title                     'A rational blueprint for the design of chemically-controlled protein switches.' 
_citation.year                      2021 
_citation.database_id_CSD           ? 
_citation.pdbx_database_id_DOI      10.1038/s41467-021-25735-9 
_citation.pdbx_database_id_PubMed   34599176 
_citation.unpublished_flag          ? 
# 
loop_
_citation_author.citation_id 
_citation_author.name 
_citation_author.ordinal 
_citation_author.identifier_ORCID 
primary 'Shui, S.'              1  ?                   
primary 'Gainza, P.'            2  0000-0001-9197-0982 
primary 'Scheller, L.'          3  0000-0003-2490-4015 
primary 'Yang, C.'              4  0000-0002-4591-5373 
primary 'Kurumida, Y.'          5  ?                   
primary 'Rosset, S.'            6  ?                   
primary 'Georgeon, S.'          7  0000-0002-8158-4508 
primary 'Di Roberto, R.B.'      8  0000-0003-0976-5395 
primary 'Castellanos-Rueda, R.' 9  0000-0002-9674-4172 
primary 'Reddy, S.T.'           10 ?                   
primary 'Correia, B.E.'         11 0000-0002-7377-8636 
# 
loop_
_entity.id 
_entity.type 
_entity.src_method 
_entity.pdbx_description 
_entity.formula_weight 
_entity.pdbx_number_of_molecules 
_entity.pdbx_ec 
_entity.pdbx_mutation 
_entity.pdbx_fragment 
_entity.details 
1 polymer man 'Isoform 11 of E3 ubiquitin-protein ligase Mdm2' 13185.105 1 2.3.2.27 ? ? ? 
2 polymer man 'Thiol:disulfide interchange protein DsbD'       15537.526 1 1.8.1.8  ? ? ? 
# 
loop_
_entity_name_com.entity_id 
_entity_name_com.name 
1 'Double minute 2 protein,Hdm2,Oncoprotein Mdm2,RING-type E3 ubiquitin transferase Mdm2,p53-binding protein Mdm2' 
2 'Protein-disulfide reductase,Disulfide reductase'                                                                
# 
loop_
_entity_poly.entity_id 
_entity_poly.type 
_entity_poly.nstd_linkage 
_entity_poly.nstd_monomer 
_entity_poly.pdbx_seq_one_letter_code 
_entity_poly.pdbx_seq_one_letter_code_can 
_entity_poly.pdbx_strand_id 
_entity_poly.pdbx_target_identifier 
1 'polypeptide(L)' no no 
;MEFSQIPASEQETLVRPKPLLLKLLKSVGAQKDTYTMKEVLFYLGQYIMTKRLYDEKQQHIVYCSNDLLGDLFGVPSFSV
KEHRKIYTMIYRNLVVVNQQESSDSGTSVSENLE
;
;MEFSQIPASEQETLVRPKPLLLKLLKSVGAQKDTYTMKEVLFYLGQYIMTKRLYDEKQQHIVYCSNDLLGDLFGVPSFSV
KEHRKIYTMIYRNLVVVNQQESSDSGTSVSENLE
;
A ? 
2 'polypeptide(L)' no no 
;MATHTAQTQTHLNFTQIKTAFALYWALLEAQGKPVMLDLYADWCVACKEFEKYTFSDPQVQKALADTVLLQANVTANDAQ
DVALLKHLNVLGLPTILFFDGQGQEHPQARVTGFMDAETFSAHLRDRQPLEHHHHHH
;
;MATHTAQTQTHLNFTQIKTAFALYWALLEAQGKPVMLDLYADWCVACKEFEKYTFSDPQVQKALADTVLLQANVTANDAQ
DVALLKHLNVLGLPTILFFDGQGQEHPQARVTGFMDAETFSAHLRDRQPLEHHHHHH
;
B ? 
# 
loop_
_entity_poly_seq.entity_id 
_entity_poly_seq.num 
_entity_poly_seq.mon_id 
_entity_poly_seq.hetero 
1 1   MET n 
1 2   GLU n 
1 3   PHE n 
1 4   SER n 
1 5   GLN n 
1 6   ILE n 
1 7   PRO n 
1 8   ALA n 
1 9   SER n 
1 10  GLU n 
1 11  GLN n 
1 12  GLU n 
1 13  THR n 
1 14  LEU n 
1 15  VAL n 
1 16  ARG n 
1 17  PRO n 
1 18  LYS n 
1 19  PRO n 
1 20  LEU n 
1 21  LEU n 
1 22  LEU n 
1 23  LYS n 
1 24  LEU n 
1 25  LEU n 
1 26  LYS n 
1 27  SER n 
1 28  VAL n 
1 29  GLY n 
1 30  ALA n 
1 31  GLN n 
1 32  LYS n 
1 33  ASP n 
1 34  THR n 
1 35  TYR n 
1 36  THR n 
1 37  MET n 
1 38  LYS n 
1 39  GLU n 
1 40  VAL n 
1 41  LEU n 
1 42  PHE n 
1 43  TYR n 
1 44  LEU n 
1 45  GLY n 
1 46  GLN n 
1 47  TYR n 
1 48  ILE n 
1 49  MET n 
1 50  THR n 
1 51  LYS n 
1 52  ARG n 
1 53  LEU n 
1 54  TYR n 
1 55  ASP n 
1 56  GLU n 
1 57  LYS n 
1 58  GLN n 
1 59  GLN n 
1 60  HIS n 
1 61  ILE n 
1 62  VAL n 
1 63  TYR n 
1 64  CYS n 
1 65  SER n 
1 66  ASN n 
1 67  ASP n 
1 68  LEU n 
1 69  LEU n 
1 70  GLY n 
1 71  ASP n 
1 72  LEU n 
1 73  PHE n 
1 74  GLY n 
1 75  VAL n 
1 76  PRO n 
1 77  SER n 
1 78  PHE n 
1 79  SER n 
1 80  VAL n 
1 81  LYS n 
1 82  GLU n 
1 83  HIS n 
1 84  ARG n 
1 85  LYS n 
1 86  ILE n 
1 87  TYR n 
1 88  THR n 
1 89  MET n 
1 90  ILE n 
1 91  TYR n 
1 92  ARG n 
1 93  ASN n 
1 94  LEU n 
1 95  VAL n 
1 96  VAL n 
1 97  VAL n 
1 98  ASN n 
1 99  GLN n 
1 100 GLN n 
1 101 GLU n 
1 102 SER n 
1 103 SER n 
1 104 ASP n 
1 105 SER n 
1 106 GLY n 
1 107 THR n 
1 108 SER n 
1 109 VAL n 
1 110 SER n 
1 111 GLU n 
1 112 ASN n 
1 113 LEU n 
1 114 GLU n 
2 1   MET n 
2 2   ALA n 
2 3   THR n 
2 4   HIS n 
2 5   THR n 
2 6   ALA n 
2 7   GLN n 
2 8   THR n 
2 9   GLN n 
2 10  THR n 
2 11  HIS n 
2 12  LEU n 
2 13  ASN n 
2 14  PHE n 
2 15  THR n 
2 16  GLN n 
2 17  ILE n 
2 18  LYS n 
2 19  THR n 
2 20  ALA n 
2 21  PHE n 
2 22  ALA n 
2 23  LEU n 
2 24  TYR n 
2 25  TRP n 
2 26  ALA n 
2 27  LEU n 
2 28  LEU n 
2 29  GLU n 
2 30  ALA n 
2 31  GLN n 
2 32  GLY n 
2 33  LYS n 
2 34  PRO n 
2 35  VAL n 
2 36  MET n 
2 37  LEU n 
2 38  ASP n 
2 39  LEU n 
2 40  TYR n 
2 41  ALA n 
2 42  ASP n 
2 43  TRP n 
2 44  CYS n 
2 45  VAL n 
2 46  ALA n 
2 47  CYS n 
2 48  LYS n 
2 49  GLU n 
2 50  PHE n 
2 51  GLU n 
2 52  LYS n 
2 53  TYR n 
2 54  THR n 
2 55  PHE n 
2 56  SER n 
2 57  ASP n 
2 58  PRO n 
2 59  GLN n 
2 60  VAL n 
2 61  GLN n 
2 62  LYS n 
2 63  ALA n 
2 64  LEU n 
2 65  ALA n 
2 66  ASP n 
2 67  THR n 
2 68  VAL n 
2 69  LEU n 
2 70  LEU n 
2 71  GLN n 
2 72  ALA n 
2 73  ASN n 
2 74  VAL n 
2 75  THR n 
2 76  ALA n 
2 77  ASN n 
2 78  ASP n 
2 79  ALA n 
2 80  GLN n 
2 81  ASP n 
2 82  VAL n 
2 83  ALA n 
2 84  LEU n 
2 85  LEU n 
2 86  LYS n 
2 87  HIS n 
2 88  LEU n 
2 89  ASN n 
2 90  VAL n 
2 91  LEU n 
2 92  GLY n 
2 93  LEU n 
2 94  PRO n 
2 95  THR n 
2 96  ILE n 
2 97  LEU n 
2 98  PHE n 
2 99  PHE n 
2 100 ASP n 
2 101 GLY n 
2 102 GLN n 
2 103 GLY n 
2 104 GLN n 
2 105 GLU n 
2 106 HIS n 
2 107 PRO n 
2 108 GLN n 
2 109 ALA n 
2 110 ARG n 
2 111 VAL n 
2 112 THR n 
2 113 GLY n 
2 114 PHE n 
2 115 MET n 
2 116 ASP n 
2 117 ALA n 
2 118 GLU n 
2 119 THR n 
2 120 PHE n 
2 121 SER n 
2 122 ALA n 
2 123 HIS n 
2 124 LEU n 
2 125 ARG n 
2 126 ASP n 
2 127 ARG n 
2 128 GLN n 
2 129 PRO n 
2 130 LEU n 
2 131 GLU n 
2 132 HIS n 
2 133 HIS n 
2 134 HIS n 
2 135 HIS n 
2 136 HIS n 
2 137 HIS n 
# 
loop_
_entity_src_gen.entity_id 
_entity_src_gen.pdbx_src_id 
_entity_src_gen.pdbx_alt_source_flag 
_entity_src_gen.pdbx_seq_type 
_entity_src_gen.pdbx_beg_seq_num 
_entity_src_gen.pdbx_end_seq_num 
_entity_src_gen.gene_src_common_name 
_entity_src_gen.gene_src_genus 
_entity_src_gen.pdbx_gene_src_gene 
_entity_src_gen.gene_src_species 
_entity_src_gen.gene_src_strain 
_entity_src_gen.gene_src_tissue 
_entity_src_gen.gene_src_tissue_fraction 
_entity_src_gen.gene_src_details 
_entity_src_gen.pdbx_gene_src_fragment 
_entity_src_gen.pdbx_gene_src_scientific_name 
_entity_src_gen.pdbx_gene_src_ncbi_taxonomy_id 
_entity_src_gen.pdbx_gene_src_variant 
_entity_src_gen.pdbx_gene_src_cell_line 
_entity_src_gen.pdbx_gene_src_atcc 
_entity_src_gen.pdbx_gene_src_organ 
_entity_src_gen.pdbx_gene_src_organelle 
_entity_src_gen.pdbx_gene_src_cell 
_entity_src_gen.pdbx_gene_src_cellular_location 
_entity_src_gen.host_org_common_name 
_entity_src_gen.pdbx_host_org_scientific_name 
_entity_src_gen.pdbx_host_org_ncbi_taxonomy_id 
_entity_src_gen.host_org_genus 
_entity_src_gen.pdbx_host_org_gene 
_entity_src_gen.pdbx_host_org_organ 
_entity_src_gen.host_org_species 
_entity_src_gen.pdbx_host_org_tissue 
_entity_src_gen.pdbx_host_org_tissue_fraction 
_entity_src_gen.pdbx_host_org_strain 
_entity_src_gen.pdbx_host_org_variant 
_entity_src_gen.pdbx_host_org_cell_line 
_entity_src_gen.pdbx_host_org_atcc 
_entity_src_gen.pdbx_host_org_culture_collection 
_entity_src_gen.pdbx_host_org_cell 
_entity_src_gen.pdbx_host_org_organelle 
_entity_src_gen.pdbx_host_org_cellular_location 
_entity_src_gen.pdbx_host_org_vector_type 
_entity_src_gen.pdbx_host_org_vector 
_entity_src_gen.host_org_details 
_entity_src_gen.expression_system_id 
_entity_src_gen.plasmid_name 
_entity_src_gen.plasmid_details 
_entity_src_gen.pdbx_description 
1 1 sample 'Biological sequence' 1 114 Human ? MDM2             ? ? ? ? ? ? 'Homo sapiens'               9606   ? ? ? ? ? ? ? ? 
'Escherichia coli' 562 ? ? ? ? ? ? ? ? ? ? ? ? ? ? ? ? ? ? ? ? ? 
2 1 sample 'Biological sequence' 1 137 ?     ? 'dsbD, SDY_4441' ? ? ? ? ? ? 'Shigella dysenteriae Sd197' 300267 ? ? ? ? ? ? ? ? 
'Escherichia coli' 562 ? ? ? ? ? ? ? ? ? ? ? ? ? ? ? ? ? ? ? ? ? 
# 
loop_
_chem_comp.id 
_chem_comp.type 
_chem_comp.mon_nstd_flag 
_chem_comp.name 
_chem_comp.pdbx_synonyms 
_chem_comp.formula 
_chem_comp.formula_weight 
ALA 'L-peptide linking' y ALANINE         ? 'C3 H7 N O2'     89.093  
ARG 'L-peptide linking' y ARGININE        ? 'C6 H15 N4 O2 1' 175.209 
ASN 'L-peptide linking' y ASPARAGINE      ? 'C4 H8 N2 O3'    132.118 
ASP 'L-peptide linking' y 'ASPARTIC ACID' ? 'C4 H7 N O4'     133.103 
CYS 'L-peptide linking' y CYSTEINE        ? 'C3 H7 N O2 S'   121.158 
GLN 'L-peptide linking' y GLUTAMINE       ? 'C5 H10 N2 O3'   146.144 
GLU 'L-peptide linking' y 'GLUTAMIC ACID' ? 'C5 H9 N O4'     147.129 
GLY 'peptide linking'   y GLYCINE         ? 'C2 H5 N O2'     75.067  
HIS 'L-peptide linking' y HISTIDINE       ? 'C6 H10 N3 O2 1' 156.162 
ILE 'L-peptide linking' y ISOLEUCINE      ? 'C6 H13 N O2'    131.173 
LEU 'L-peptide linking' y LEUCINE         ? 'C6 H13 N O2'    131.173 
LYS 'L-peptide linking' y LYSINE          ? 'C6 H15 N2 O2 1' 147.195 
MET 'L-peptide linking' y METHIONINE      ? 'C5 H11 N O2 S'  149.211 
PHE 'L-peptide linking' y PHENYLALANINE   ? 'C9 H11 N O2'    165.189 
PRO 'L-peptide linking' y PROLINE         ? 'C5 H9 N O2'     115.130 
SER 'L-peptide linking' y SERINE          ? 'C3 H7 N O3'     105.093 
THR 'L-peptide linking' y THREONINE       ? 'C4 H9 N O3'     119.119 
TRP 'L-peptide linking' y TRYPTOPHAN      ? 'C11 H12 N2 O2'  204.225 
TYR 'L-peptide linking' y TYROSINE        ? 'C9 H11 N O3'    181.189 
VAL 'L-peptide linking' y VALINE          ? 'C5 H11 N O2'    117.146 
# 
loop_
_pdbx_poly_seq_scheme.asym_id 
_pdbx_poly_seq_scheme.entity_id 
_pdbx_poly_seq_scheme.seq_id 
_pdbx_poly_seq_scheme.mon_id 
_pdbx_poly_seq_scheme.ndb_seq_num 
_pdbx_poly_seq_scheme.pdb_seq_num 
_pdbx_poly_seq_scheme.auth_seq_num 
_pdbx_poly_seq_scheme.pdb_mon_id 
_pdbx_poly_seq_scheme.auth_mon_id 
_pdbx_poly_seq_scheme.pdb_strand_id 
_pdbx_poly_seq_scheme.pdb_ins_code 
_pdbx_poly_seq_scheme.hetero 
A 1 1   MET 1   0   ?   ?   ?   A . n 
A 1 2   GLU 2   1   ?   ?   ?   A . n 
A 1 3   PHE 3   2   ?   ?   ?   A . n 
A 1 4   SER 4   3   ?   ?   ?   A . n 
A 1 5   GLN 5   4   ?   ?   ?   A . n 
A 1 6   ILE 6   5   ?   ?   ?   A . n 
A 1 7   PRO 7   6   ?   ?   ?   A . n 
A 1 8   ALA 8   7   ?   ?   ?   A . n 
A 1 9   SER 9   8   ?   ?   ?   A . n 
A 1 10  GLU 10  9   ?   ?   ?   A . n 
A 1 11  GLN 11  10  ?   ?   ?   A . n 
A 1 12  GLU 12  11  11  GLU GLU A . n 
A 1 13  THR 13  12  12  THR THR A . n 
A 1 14  LEU 14  13  13  LEU LEU A . n 
A 1 15  VAL 15  14  14  VAL VAL A . n 
A 1 16  ARG 16  15  15  ARG ARG A . n 
A 1 17  PRO 17  16  16  PRO PRO A . n 
A 1 18  LYS 18  17  17  LYS LYS A . n 
A 1 19  PRO 19  18  18  PRO PRO A . n 
A 1 20  LEU 20  19  19  LEU LEU A . n 
A 1 21  LEU 21  20  20  LEU LEU A . n 
A 1 22  LEU 22  21  21  LEU LEU A . n 
A 1 23  LYS 23  22  22  LYS LYS A . n 
A 1 24  LEU 24  23  23  LEU LEU A . n 
A 1 25  LEU 25  24  24  LEU LEU A . n 
A 1 26  LYS 26  25  25  LYS LYS A . n 
A 1 27  SER 27  26  26  SER SER A . n 
A 1 28  VAL 28  27  27  VAL VAL A . n 
A 1 29  GLY 29  28  28  GLY GLY A . n 
A 1 30  ALA 30  29  29  ALA ALA A . n 
A 1 31  GLN 31  30  30  GLN GLN A . n 
A 1 32  LYS 32  31  31  LYS LYS A . n 
A 1 33  ASP 33  32  32  ASP ASP A . n 
A 1 34  THR 34  33  33  THR THR A . n 
A 1 35  TYR 35  34  34  TYR TYR A . n 
A 1 36  THR 36  35  35  THR THR A . n 
A 1 37  MET 37  36  36  MET MET A . n 
A 1 38  LYS 38  37  37  LYS LYS A . n 
A 1 39  GLU 39  38  38  GLU GLU A . n 
A 1 40  VAL 40  39  39  VAL VAL A . n 
A 1 41  LEU 41  40  40  LEU LEU A . n 
A 1 42  PHE 42  41  41  PHE PHE A . n 
A 1 43  TYR 43  42  42  TYR TYR A . n 
A 1 44  LEU 44  43  43  LEU LEU A . n 
A 1 45  GLY 45  44  44  GLY GLY A . n 
A 1 46  GLN 46  45  45  GLN GLN A . n 
A 1 47  TYR 47  46  46  TYR TYR A . n 
A 1 48  ILE 48  47  47  ILE ILE A . n 
A 1 49  MET 49  48  48  MET MET A . n 
A 1 50  THR 50  49  49  THR THR A . n 
A 1 51  LYS 51  50  50  LYS LYS A . n 
A 1 52  ARG 52  51  51  ARG ARG A . n 
A 1 53  LEU 53  52  52  LEU LEU A . n 
A 1 54  TYR 54  53  53  TYR TYR A . n 
A 1 55  ASP 55  54  54  ASP ASP A . n 
A 1 56  GLU 56  55  55  GLU GLU A . n 
A 1 57  LYS 57  56  56  LYS LYS A . n 
A 1 58  GLN 58  57  57  GLN GLN A . n 
A 1 59  GLN 59  58  58  GLN GLN A . n 
A 1 60  HIS 60  59  59  HIS HIS A . n 
A 1 61  ILE 61  60  60  ILE ILE A . n 
A 1 62  VAL 62  61  61  VAL VAL A . n 
A 1 63  TYR 63  62  62  TYR TYR A . n 
A 1 64  CYS 64  63  63  CYS CYS A . n 
A 1 65  SER 65  64  64  SER SER A . n 
A 1 66  ASN 66  65  65  ASN ASN A . n 
A 1 67  ASP 67  66  66  ASP ASP A . n 
A 1 68  LEU 68  67  67  LEU LEU A . n 
A 1 69  LEU 69  68  68  LEU LEU A . n 
A 1 70  GLY 70  69  69  GLY GLY A . n 
A 1 71  ASP 71  70  70  ASP ASP A . n 
A 1 72  LEU 72  71  71  LEU LEU A . n 
A 1 73  PHE 73  72  72  PHE PHE A . n 
A 1 74  GLY 74  73  73  GLY GLY A . n 
A 1 75  VAL 75  74  74  VAL VAL A . n 
A 1 76  PRO 76  75  75  PRO PRO A . n 
A 1 77  SER 77  76  76  SER SER A . n 
A 1 78  PHE 78  77  77  PHE PHE A . n 
A 1 79  SER 79  78  78  SER SER A . n 
A 1 80  VAL 80  79  79  VAL VAL A . n 
A 1 81  LYS 81  80  80  LYS LYS A . n 
A 1 82  GLU 82  81  81  GLU GLU A . n 
A 1 83  HIS 83  82  82  HIS HIS A . n 
A 1 84  ARG 84  83  83  ARG ARG A . n 
A 1 85  LYS 85  84  84  LYS LYS A . n 
A 1 86  ILE 86  85  85  ILE ILE A . n 
A 1 87  TYR 87  86  86  TYR TYR A . n 
A 1 88  THR 88  87  87  THR THR A . n 
A 1 89  MET 89  88  88  MET MET A . n 
A 1 90  ILE 90  89  89  ILE ILE A . n 
A 1 91  TYR 91  90  90  TYR TYR A . n 
A 1 92  ARG 92  91  91  ARG ARG A . n 
A 1 93  ASN 93  92  92  ASN ASN A . n 
A 1 94  LEU 94  93  93  LEU LEU A . n 
A 1 95  VAL 95  94  94  VAL VAL A . n 
A 1 96  VAL 96  95  95  VAL VAL A . n 
A 1 97  VAL 97  96  96  VAL VAL A . n 
A 1 98  ASN 98  97  ?   ?   ?   A . n 
A 1 99  GLN 99  98  ?   ?   ?   A . n 
A 1 100 GLN 100 99  ?   ?   ?   A . n 
A 1 101 GLU 101 100 ?   ?   ?   A . n 
A 1 102 SER 102 101 ?   ?   ?   A . n 
A 1 103 SER 103 102 ?   ?   ?   A . n 
A 1 104 ASP 104 103 ?   ?   ?   A . n 
A 1 105 SER 105 104 ?   ?   ?   A . n 
A 1 106 GLY 106 105 ?   ?   ?   A . n 
A 1 107 THR 107 106 ?   ?   ?   A . n 
A 1 108 SER 108 107 ?   ?   ?   A . n 
A 1 109 VAL 109 108 ?   ?   ?   A . n 
A 1 110 SER 110 109 ?   ?   ?   A . n 
A 1 111 GLU 111 110 ?   ?   ?   A . n 
A 1 112 ASN 112 111 ?   ?   ?   A . n 
A 1 113 LEU 113 112 ?   ?   ?   A . n 
A 1 114 GLU 114 113 ?   ?   ?   A . n 
B 2 1   MET 1   1   ?   ?   ?   B . n 
B 2 2   ALA 2   2   ?   ?   ?   B . n 
B 2 3   THR 3   3   ?   ?   ?   B . n 
B 2 4   HIS 4   4   ?   ?   ?   B . n 
B 2 5   THR 5   5   ?   ?   ?   B . n 
B 2 6   ALA 6   6   ?   ?   ?   B . n 
B 2 7   GLN 7   7   ?   ?   ?   B . n 
B 2 8   THR 8   8   ?   ?   ?   B . n 
B 2 9   GLN 9   9   ?   ?   ?   B . n 
B 2 10  THR 10  10  10  THR THR B . n 
B 2 11  HIS 11  11  11  HIS HIS B . n 
B 2 12  LEU 12  12  12  LEU LEU B . n 
B 2 13  ASN 13  13  13  ASN ASN B . n 
B 2 14  PHE 14  14  14  PHE PHE B . n 
B 2 15  THR 15  15  15  THR THR B . n 
B 2 16  GLN 16  16  16  GLN GLN B . n 
B 2 17  ILE 17  17  17  ILE ILE B . n 
B 2 18  LYS 18  18  18  LYS LYS B . n 
B 2 19  THR 19  19  19  THR THR B . n 
B 2 20  ALA 20  20  20  ALA ALA B . n 
B 2 21  PHE 21  21  21  PHE PHE B . n 
B 2 22  ALA 22  22  22  ALA ALA B . n 
B 2 23  LEU 23  23  23  LEU LEU B . n 
B 2 24  TYR 24  24  24  TYR TYR B . n 
B 2 25  TRP 25  25  25  TRP TRP B . n 
B 2 26  ALA 26  26  26  ALA ALA B . n 
B 2 27  LEU 27  27  27  LEU LEU B . n 
B 2 28  LEU 28  28  28  LEU LEU B . n 
B 2 29  GLU 29  29  29  GLU GLU B . n 
B 2 30  ALA 30  30  30  ALA ALA B . n 
B 2 31  GLN 31  31  31  GLN GLN B . n 
B 2 32  GLY 32  32  32  GLY GLY B . n 
B 2 33  LYS 33  33  33  LYS LYS B . n 
B 2 34  PRO 34  34  34  PRO PRO B . n 
B 2 35  VAL 35  35  35  VAL VAL B . n 
B 2 36  MET 36  36  36  MET MET B . n 
B 2 37  LEU 37  37  37  LEU LEU B . n 
B 2 38  ASP 38  38  38  ASP ASP B . n 
B 2 39  LEU 39  39  39  LEU LEU B . n 
B 2 40  TYR 40  40  40  TYR TYR B . n 
B 2 41  ALA 41  41  41  ALA ALA B . n 
B 2 42  ASP 42  42  42  ASP ASP B . n 
B 2 43  TRP 43  43  43  TRP TRP B . n 
B 2 44  CYS 44  44  44  CYS CYS B . n 
B 2 45  VAL 45  45  45  VAL VAL B . n 
B 2 46  ALA 46  46  46  ALA ALA B . n 
B 2 47  CYS 47  47  47  CYS CYS B . n 
B 2 48  LYS 48  48  48  LYS LYS B . n 
B 2 49  GLU 49  49  49  GLU GLU B . n 
B 2 50  PHE 50  50  50  PHE PHE B . n 
B 2 51  GLU 51  51  51  GLU GLU B . n 
B 2 52  LYS 52  52  52  LYS LYS B . n 
B 2 53  TYR 53  53  53  TYR TYR B . n 
B 2 54  THR 54  54  54  THR THR B . n 
B 2 55  PHE 55  55  55  PHE PHE B . n 
B 2 56  SER 56  56  56  SER SER B . n 
B 2 57  ASP 57  57  57  ASP ASP B . n 
B 2 58  PRO 58  58  58  PRO PRO B . n 
B 2 59  GLN 59  59  59  GLN GLN B . n 
B 2 60  VAL 60  60  60  VAL VAL B . n 
B 2 61  GLN 61  61  61  GLN GLN B . n 
B 2 62  LYS 62  62  62  LYS LYS B . n 
B 2 63  ALA 63  63  63  ALA ALA B . n 
B 2 64  LEU 64  64  64  LEU LEU B . n 
B 2 65  ALA 65  65  65  ALA ALA B . n 
B 2 66  ASP 66  66  66  ASP ASP B . n 
B 2 67  THR 67  67  67  THR THR B . n 
B 2 68  VAL 68  68  68  VAL VAL B . n 
B 2 69  LEU 69  69  69  LEU LEU B . n 
B 2 70  LEU 70  70  70  LEU LEU B . n 
B 2 71  GLN 71  71  71  GLN GLN B . n 
B 2 72  ALA 72  72  72  ALA ALA B . n 
B 2 73  ASN 73  73  73  ASN ASN B . n 
B 2 74  VAL 74  74  74  VAL VAL B . n 
B 2 75  THR 75  75  75  THR THR B . n 
B 2 76  ALA 76  76  76  ALA ALA B . n 
B 2 77  ASN 77  77  77  ASN ASN B . n 
B 2 78  ASP 78  78  78  ASP ASP B . n 
B 2 79  ALA 79  79  79  ALA ALA B . n 
B 2 80  GLN 80  80  80  GLN GLN B . n 
B 2 81  ASP 81  81  81  ASP ASP B . n 
B 2 82  VAL 82  82  82  VAL VAL B . n 
B 2 83  ALA 83  83  83  ALA ALA B . n 
B 2 84  LEU 84  84  84  LEU LEU B . n 
B 2 85  LEU 85  85  85  LEU LEU B . n 
B 2 86  LYS 86  86  86  LYS LYS B . n 
B 2 87  HIS 87  87  87  HIS HIS B . n 
B 2 88  LEU 88  88  88  LEU LEU B . n 
B 2 89  ASN 89  89  89  ASN ASN B . n 
B 2 90  VAL 90  90  90  VAL VAL B . n 
B 2 91  LEU 91  91  91  LEU LEU B . n 
B 2 92  GLY 92  92  92  GLY GLY B . n 
B 2 93  LEU 93  93  93  LEU LEU B . n 
B 2 94  PRO 94  94  94  PRO PRO B . n 
B 2 95  THR 95  95  95  THR THR B . n 
B 2 96  ILE 96  96  96  ILE ILE B . n 
B 2 97  LEU 97  97  97  LEU LEU B . n 
B 2 98  PHE 98  98  98  PHE PHE B . n 
B 2 99  PHE 99  99  99  PHE PHE B . n 
B 2 100 ASP 100 100 100 ASP ASP B . n 
B 2 101 GLY 101 101 101 GLY GLY B . n 
B 2 102 GLN 102 102 102 GLN GLN B . n 
B 2 103 GLY 103 103 103 GLY GLY B . n 
B 2 104 GLN 104 104 104 GLN GLN B . n 
B 2 105 GLU 105 105 105 GLU GLU B . n 
B 2 106 HIS 106 106 106 HIS HIS B . n 
B 2 107 PRO 107 107 107 PRO PRO B . n 
B 2 108 GLN 108 108 108 GLN GLN B . n 
B 2 109 ALA 109 109 109 ALA ALA B . n 
B 2 110 ARG 110 110 110 ARG ARG B . n 
B 2 111 VAL 111 111 111 VAL VAL B . n 
B 2 112 THR 112 112 112 THR THR B . n 
B 2 113 GLY 113 113 113 GLY GLY B . n 
B 2 114 PHE 114 114 114 PHE PHE B . n 
B 2 115 MET 115 115 115 MET MET B . n 
B 2 116 ASP 116 116 116 ASP ASP B . n 
B 2 117 ALA 117 117 117 ALA ALA B . n 
B 2 118 GLU 118 118 118 GLU GLU B . n 
B 2 119 THR 119 119 119 THR THR B . n 
B 2 120 PHE 120 120 120 PHE PHE B . n 
B 2 121 SER 121 121 121 SER SER B . n 
B 2 122 ALA 122 122 122 ALA ALA B . n 
B 2 123 HIS 123 123 123 HIS HIS B . n 
B 2 124 LEU 124 124 124 LEU LEU B . n 
B 2 125 ARG 125 125 125 ARG ARG B . n 
B 2 126 ASP 126 126 126 ASP ASP B . n 
B 2 127 ARG 127 127 127 ARG ARG B . n 
B 2 128 GLN 128 128 128 GLN GLN B . n 
B 2 129 PRO 129 129 ?   ?   ?   B . n 
B 2 130 LEU 130 130 ?   ?   ?   B . n 
B 2 131 GLU 131 131 ?   ?   ?   B . n 
B 2 132 HIS 132 132 ?   ?   ?   B . n 
B 2 133 HIS 133 133 ?   ?   ?   B . n 
B 2 134 HIS 134 134 ?   ?   ?   B . n 
B 2 135 HIS 135 135 ?   ?   ?   B . n 
B 2 136 HIS 136 136 ?   ?   ?   B . n 
B 2 137 HIS 137 137 ?   ?   ?   B . n 
# 
loop_
_software.citation_id 
_software.classification 
_software.compiler_name 
_software.compiler_version 
_software.contact_author 
_software.contact_author_email 
_software.date 
_software.description 
_software.dependencies 
_software.hardware 
_software.language 
_software.location 
_software.mods 
_software.name 
_software.os 
_software.os_version 
_software.type 
_software.version 
_software.pdbx_ordinal 
? refinement        ? ? ? ? ? ? ? ? ? ? ? REFMAC      ? ? ? 5.8.0267 1 
? 'data extraction' ? ? ? ? ? ? ? ? ? ? ? PDB_EXTRACT ? ? ? 3.27     2 
? 'data reduction'  ? ? ? ? ? ? ? ? ? ? ? XDS         ? ? ? .        3 
? 'data scaling'    ? ? ? ? ? ? ? ? ? ? ? XDS         ? ? ? .        4 
? phasing           ? ? ? ? ? ? ? ? ? ? ? PHASER      ? ? ? .        5 
# 
_cell.angle_alpha                  90.000 
_cell.angle_alpha_esd              ? 
_cell.angle_beta                   90.000 
_cell.angle_beta_esd               ? 
_cell.angle_gamma                  90.000 
_cell.angle_gamma_esd              ? 
_cell.entry_id                     7AYE 
_cell.details                      ? 
_cell.formula_units_Z              ? 
_cell.length_a                     73.238 
_cell.length_a_esd                 ? 
_cell.length_b                     73.238 
_cell.length_b_esd                 ? 
_cell.length_c                     92.262 
_cell.length_c_esd                 ? 
_cell.volume                       ? 
_cell.volume_esd                   ? 
_cell.Z_PDB                        8 
_cell.reciprocal_angle_alpha       ? 
_cell.reciprocal_angle_beta        ? 
_cell.reciprocal_angle_gamma       ? 
_cell.reciprocal_angle_alpha_esd   ? 
_cell.reciprocal_angle_beta_esd    ? 
_cell.reciprocal_angle_gamma_esd   ? 
_cell.reciprocal_length_a          ? 
_cell.reciprocal_length_b          ? 
_cell.reciprocal_length_c          ? 
_cell.reciprocal_length_a_esd      ? 
_cell.reciprocal_length_b_esd      ? 
_cell.reciprocal_length_c_esd      ? 
_cell.pdbx_unique_axis             ? 
# 
_symmetry.entry_id                         7AYE 
_symmetry.cell_setting                     ? 
_symmetry.Int_Tables_number                95 
_symmetry.space_group_name_Hall            ? 
_symmetry.space_group_name_H-M             'P 43 2 2' 
_symmetry.pdbx_full_space_group_name_H-M   ? 
# 
_exptl.absorpt_coefficient_mu     ? 
_exptl.absorpt_correction_T_max   ? 
_exptl.absorpt_correction_T_min   ? 
_exptl.absorpt_correction_type    ? 
_exptl.absorpt_process_details    ? 
_exptl.entry_id                   7AYE 
_exptl.crystals_number            1 
_exptl.details                    ? 
_exptl.method                     'X-RAY DIFFRACTION' 
_exptl.method_details             ? 
# 
_exptl_crystal.colour                      ? 
_exptl_crystal.density_diffrn              ? 
_exptl_crystal.density_Matthews            2.15 
_exptl_crystal.density_method              ? 
_exptl_crystal.density_percent_sol         42.89 
_exptl_crystal.description                 ? 
_exptl_crystal.F_000                       ? 
_exptl_crystal.id                          1 
_exptl_crystal.preparation                 ? 
_exptl_crystal.size_max                    ? 
_exptl_crystal.size_mid                    ? 
_exptl_crystal.size_min                    ? 
_exptl_crystal.size_rad                    ? 
_exptl_crystal.colour_lustre               ? 
_exptl_crystal.colour_modifier             ? 
_exptl_crystal.colour_primary              ? 
_exptl_crystal.density_meas                ? 
_exptl_crystal.density_meas_esd            ? 
_exptl_crystal.density_meas_gt             ? 
_exptl_crystal.density_meas_lt             ? 
_exptl_crystal.density_meas_temp           ? 
_exptl_crystal.density_meas_temp_esd       ? 
_exptl_crystal.density_meas_temp_gt        ? 
_exptl_crystal.density_meas_temp_lt        ? 
_exptl_crystal.pdbx_crystal_image_url      ? 
_exptl_crystal.pdbx_crystal_image_format   ? 
_exptl_crystal.pdbx_mosaicity              ? 
_exptl_crystal.pdbx_mosaicity_esd          ? 
# 
_exptl_crystal_grow.apparatus       ? 
_exptl_crystal_grow.atmosphere      ? 
_exptl_crystal_grow.crystal_id      1 
_exptl_crystal_grow.details         ? 
_exptl_crystal_grow.method          'VAPOR DIFFUSION, SITTING DROP' 
_exptl_crystal_grow.method_ref      ? 
_exptl_crystal_grow.pH              ? 
_exptl_crystal_grow.pressure        ? 
_exptl_crystal_grow.pressure_esd    ? 
_exptl_crystal_grow.seeding         ? 
_exptl_crystal_grow.seeding_ref     ? 
_exptl_crystal_grow.temp            291 
_exptl_crystal_grow.temp_details    ? 
_exptl_crystal_grow.temp_esd        ? 
_exptl_crystal_grow.time            ? 
_exptl_crystal_grow.pdbx_details    '1.5 M Ammonium sulfate, 0.1 M Sodium cacodylate pH 6.5' 
_exptl_crystal_grow.pdbx_pH_range   ? 
# 
_diffrn.ambient_environment              ? 
_diffrn.ambient_temp                     100 
_diffrn.ambient_temp_details             ? 
_diffrn.ambient_temp_esd                 ? 
_diffrn.crystal_id                       1 
_diffrn.crystal_support                  ? 
_diffrn.crystal_treatment                ? 
_diffrn.details                          ? 
_diffrn.id                               1 
_diffrn.ambient_pressure                 ? 
_diffrn.ambient_pressure_esd             ? 
_diffrn.ambient_pressure_gt              ? 
_diffrn.ambient_pressure_lt              ? 
_diffrn.ambient_temp_gt                  ? 
_diffrn.ambient_temp_lt                  ? 
_diffrn.pdbx_serial_crystal_experiment   N 
# 
_diffrn_detector.details                      ? 
_diffrn_detector.detector                     PIXEL 
_diffrn_detector.diffrn_id                    1 
_diffrn_detector.type                         'DECTRIS PILATUS 2M-F' 
_diffrn_detector.area_resol_mean              ? 
_diffrn_detector.dtime                        ? 
_diffrn_detector.pdbx_frames_total            ? 
_diffrn_detector.pdbx_collection_time_total   ? 
_diffrn_detector.pdbx_collection_date         2018-03-02 
_diffrn_detector.pdbx_frequency               ? 
# 
_diffrn_radiation.collimation                      ? 
_diffrn_radiation.diffrn_id                        1 
_diffrn_radiation.filter_edge                      ? 
_diffrn_radiation.inhomogeneity                    ? 
_diffrn_radiation.monochromator                    ? 
_diffrn_radiation.polarisn_norm                    ? 
_diffrn_radiation.polarisn_ratio                   ? 
_diffrn_radiation.probe                            ? 
_diffrn_radiation.type                             ? 
_diffrn_radiation.xray_symbol                      ? 
_diffrn_radiation.wavelength_id                    1 
_diffrn_radiation.pdbx_monochromatic_or_laue_m_l   M 
_diffrn_radiation.pdbx_wavelength_list             ? 
_diffrn_radiation.pdbx_wavelength                  ? 
_diffrn_radiation.pdbx_diffrn_protocol             'SINGLE WAVELENGTH' 
_diffrn_radiation.pdbx_analyzer                    ? 
_diffrn_radiation.pdbx_scattering_type             x-ray 
# 
_diffrn_radiation_wavelength.id           1 
_diffrn_radiation_wavelength.wavelength   1 
_diffrn_radiation_wavelength.wt           1.0 
# 
_diffrn_source.current                     ? 
_diffrn_source.details                     ? 
_diffrn_source.diffrn_id                   1 
_diffrn_source.power                       ? 
_diffrn_source.size                        ? 
_diffrn_source.source                      SYNCHROTRON 
_diffrn_source.target                      ? 
_diffrn_source.type                        'SLS BEAMLINE X06DA' 
_diffrn_source.voltage                     ? 
_diffrn_source.take-off_angle              ? 
_diffrn_source.pdbx_wavelength_list        1 
_diffrn_source.pdbx_wavelength             ? 
_diffrn_source.pdbx_synchrotron_beamline   X06DA 
_diffrn_source.pdbx_synchrotron_site       SLS 
# 
_reflns.B_iso_Wilson_estimate            ? 
_reflns.entry_id                         7AYE 
_reflns.data_reduction_details           ? 
_reflns.data_reduction_method            ? 
_reflns.d_resolution_high                2.95 
_reflns.d_resolution_low                 45.2 
_reflns.details                          ? 
_reflns.limit_h_max                      ? 
_reflns.limit_h_min                      ? 
_reflns.limit_k_max                      ? 
_reflns.limit_k_min                      ? 
_reflns.limit_l_max                      ? 
_reflns.limit_l_min                      ? 
_reflns.number_all                       ? 
_reflns.number_obs                       5646 
_reflns.observed_criterion               ? 
_reflns.observed_criterion_F_max         ? 
_reflns.observed_criterion_F_min         ? 
_reflns.observed_criterion_I_max         ? 
_reflns.observed_criterion_I_min         ? 
_reflns.observed_criterion_sigma_F       ? 
_reflns.observed_criterion_sigma_I       ? 
_reflns.percent_possible_obs             99.8 
_reflns.R_free_details                   ? 
_reflns.Rmerge_F_all                     ? 
_reflns.Rmerge_F_obs                     ? 
_reflns.Friedel_coverage                 ? 
_reflns.number_gt                        ? 
_reflns.threshold_expression             ? 
_reflns.pdbx_redundancy                  6.9 
_reflns.pdbx_Rmerge_I_obs                ? 
_reflns.pdbx_Rmerge_I_all                ? 
_reflns.pdbx_Rsym_value                  ? 
_reflns.pdbx_netI_over_av_sigmaI         ? 
_reflns.pdbx_netI_over_sigmaI            22.18 
_reflns.pdbx_res_netI_over_av_sigmaI_2   ? 
_reflns.pdbx_res_netI_over_sigmaI_2      ? 
_reflns.pdbx_chi_squared                 ? 
_reflns.pdbx_scaling_rejects             ? 
_reflns.pdbx_d_res_high_opt              ? 
_reflns.pdbx_d_res_low_opt               ? 
_reflns.pdbx_d_res_opt_method            ? 
_reflns.phase_calculation_details        ? 
_reflns.pdbx_Rrim_I_all                  ? 
_reflns.pdbx_Rpim_I_all                  ? 
_reflns.pdbx_d_opt                       ? 
_reflns.pdbx_number_measured_all         ? 
_reflns.pdbx_diffrn_id                   1 
_reflns.pdbx_ordinal                     1 
_reflns.pdbx_CC_half                     0.99 
_reflns.pdbx_CC_star                     ? 
_reflns.pdbx_R_split                     ? 
# 
_reflns_shell.d_res_high                  2.95 
_reflns_shell.d_res_low                   3.13 
_reflns_shell.meanI_over_sigI_all         ? 
_reflns_shell.meanI_over_sigI_obs         2.19 
_reflns_shell.number_measured_all         ? 
_reflns_shell.number_measured_obs         ? 
_reflns_shell.number_possible             ? 
_reflns_shell.number_unique_all           ? 
_reflns_shell.number_unique_obs           872 
_reflns_shell.percent_possible_all        99.8 
_reflns_shell.percent_possible_obs        ? 
_reflns_shell.Rmerge_F_all                ? 
_reflns_shell.Rmerge_F_obs                ? 
_reflns_shell.Rmerge_I_all                ? 
_reflns_shell.Rmerge_I_obs                ? 
_reflns_shell.meanI_over_sigI_gt          ? 
_reflns_shell.meanI_over_uI_all           ? 
_reflns_shell.meanI_over_uI_gt            ? 
_reflns_shell.number_measured_gt          ? 
_reflns_shell.number_unique_gt            ? 
_reflns_shell.percent_possible_gt         ? 
_reflns_shell.Rmerge_F_gt                 ? 
_reflns_shell.Rmerge_I_gt                 ? 
_reflns_shell.pdbx_redundancy             ? 
_reflns_shell.pdbx_Rsym_value             ? 
_reflns_shell.pdbx_chi_squared            ? 
_reflns_shell.pdbx_netI_over_sigmaI_all   ? 
_reflns_shell.pdbx_netI_over_sigmaI_obs   ? 
_reflns_shell.pdbx_Rrim_I_all             ? 
_reflns_shell.pdbx_Rpim_I_all             ? 
_reflns_shell.pdbx_rejects                ? 
_reflns_shell.pdbx_ordinal                1 
_reflns_shell.pdbx_diffrn_id              1 
_reflns_shell.pdbx_CC_half                0.67 
_reflns_shell.pdbx_CC_star                ? 
_reflns_shell.pdbx_R_split                ? 
# 
_refine.aniso_B[1][1]                            1.9500 
_refine.aniso_B[1][2]                            0.0000 
_refine.aniso_B[1][3]                            0.0000 
_refine.aniso_B[2][2]                            1.9500 
_refine.aniso_B[2][3]                            0.0000 
_refine.aniso_B[3][3]                            -3.9000 
_refine.B_iso_max                                174.210 
_refine.B_iso_mean                               86.0970 
_refine.B_iso_min                                52.110 
_refine.correlation_coeff_Fo_to_Fc               0.9490 
_refine.correlation_coeff_Fo_to_Fc_free          0.9310 
_refine.details                                  
'HYDROGENS HAVE BEEN ADDED IN THE RIDING POSITIONS U VALUES      : REFINED INDIVIDUALLY' 
_refine.diff_density_max                         ? 
_refine.diff_density_max_esd                     ? 
_refine.diff_density_min                         ? 
_refine.diff_density_min_esd                     ? 
_refine.diff_density_rms                         ? 
_refine.diff_density_rms_esd                     ? 
_refine.entry_id                                 7AYE 
_refine.pdbx_refine_id                           'X-RAY DIFFRACTION' 
_refine.ls_abs_structure_details                 ? 
_refine.ls_abs_structure_Flack                   ? 
_refine.ls_abs_structure_Flack_esd               ? 
_refine.ls_abs_structure_Rogers                  ? 
_refine.ls_abs_structure_Rogers_esd              ? 
_refine.ls_d_res_high                            2.9500 
_refine.ls_d_res_low                             45.2000 
_refine.ls_extinction_coef                       ? 
_refine.ls_extinction_coef_esd                   ? 
_refine.ls_extinction_expression                 ? 
_refine.ls_extinction_method                     ? 
_refine.ls_goodness_of_fit_all                   ? 
_refine.ls_goodness_of_fit_all_esd               ? 
_refine.ls_goodness_of_fit_obs                   ? 
_refine.ls_goodness_of_fit_obs_esd               ? 
_refine.ls_hydrogen_treatment                    ? 
_refine.ls_matrix_type                           ? 
_refine.ls_number_constraints                    ? 
_refine.ls_number_parameters                     ? 
_refine.ls_number_reflns_all                     ? 
_refine.ls_number_reflns_obs                     5361 
_refine.ls_number_reflns_R_free                  285 
_refine.ls_number_reflns_R_work                  ? 
_refine.ls_number_restraints                     ? 
_refine.ls_percent_reflns_obs                    99.8100 
_refine.ls_percent_reflns_R_free                 5.0000 
_refine.ls_R_factor_all                          ? 
_refine.ls_R_factor_obs                          0.2006 
_refine.ls_R_factor_R_free                       0.2599 
_refine.ls_R_factor_R_free_error                 ? 
_refine.ls_R_factor_R_free_error_details         ? 
_refine.ls_R_factor_R_work                       0.1971 
_refine.ls_R_Fsqd_factor_obs                     ? 
_refine.ls_R_I_factor_obs                        ? 
_refine.ls_redundancy_reflns_all                 ? 
_refine.ls_redundancy_reflns_obs                 ? 
_refine.ls_restrained_S_all                      ? 
_refine.ls_restrained_S_obs                      ? 
_refine.ls_shift_over_esd_max                    ? 
_refine.ls_shift_over_esd_mean                   ? 
_refine.ls_structure_factor_coef                 ? 
_refine.ls_weighting_details                     ? 
_refine.ls_weighting_scheme                      ? 
_refine.ls_wR_factor_all                         ? 
_refine.ls_wR_factor_obs                         ? 
_refine.ls_wR_factor_R_free                      ? 
_refine.ls_wR_factor_R_work                      ? 
_refine.occupancy_max                            ? 
_refine.occupancy_min                            ? 
_refine.solvent_model_details                    MASK 
_refine.solvent_model_param_bsol                 ? 
_refine.solvent_model_param_ksol                 ? 
_refine.pdbx_R_complete                          ? 
_refine.ls_R_factor_gt                           ? 
_refine.ls_goodness_of_fit_gt                    ? 
_refine.ls_goodness_of_fit_ref                   ? 
_refine.ls_shift_over_su_max                     ? 
_refine.ls_shift_over_su_max_lt                  ? 
_refine.ls_shift_over_su_mean                    ? 
_refine.ls_shift_over_su_mean_lt                 ? 
_refine.pdbx_ls_sigma_I                          ? 
_refine.pdbx_ls_sigma_F                          0.000 
_refine.pdbx_ls_sigma_Fsqd                       ? 
_refine.pdbx_data_cutoff_high_absF               ? 
_refine.pdbx_data_cutoff_high_rms_absF           ? 
_refine.pdbx_data_cutoff_low_absF                ? 
_refine.pdbx_isotropic_thermal_model             ? 
_refine.pdbx_ls_cross_valid_method               THROUGHOUT 
_refine.pdbx_method_to_determine_struct          'MOLECULAR REPLACEMENT' 
_refine.pdbx_starting_model                      5AFG 
_refine.pdbx_stereochemistry_target_values       'MAXIMUM LIKELIHOOD' 
_refine.pdbx_R_Free_selection_details            RANDOM 
_refine.pdbx_stereochem_target_val_spec_case     ? 
_refine.pdbx_overall_ESU_R                       ? 
_refine.pdbx_overall_ESU_R_Free                  0.4340 
_refine.pdbx_solvent_vdw_probe_radii             1.2000 
_refine.pdbx_solvent_ion_probe_radii             0.8000 
_refine.pdbx_solvent_shrinkage_radii             0.8000 
_refine.pdbx_real_space_R                        ? 
_refine.pdbx_density_correlation                 ? 
_refine.pdbx_pd_number_of_powder_patterns        ? 
_refine.pdbx_pd_number_of_points                 ? 
_refine.pdbx_pd_meas_number_of_points            ? 
_refine.pdbx_pd_proc_ls_prof_R_factor            ? 
_refine.pdbx_pd_proc_ls_prof_wR_factor           ? 
_refine.pdbx_pd_Marquardt_correlation_coeff      ? 
_refine.pdbx_pd_Fsqrd_R_factor                   ? 
_refine.pdbx_pd_ls_matrix_band_width             ? 
_refine.pdbx_overall_phase_error                 ? 
_refine.pdbx_overall_SU_R_free_Cruickshank_DPI   ? 
_refine.pdbx_overall_SU_R_free_Blow_DPI          ? 
_refine.pdbx_overall_SU_R_Blow_DPI               ? 
_refine.pdbx_TLS_residual_ADP_flag               ? 
_refine.pdbx_diffrn_id                           1 
_refine.overall_SU_B                             21.4520 
_refine.overall_SU_ML                            0.3830 
_refine.overall_SU_R_Cruickshank_DPI             ? 
_refine.overall_SU_R_free                        ? 
_refine.overall_FOM_free_R_set                   ? 
_refine.overall_FOM_work_R_set                   ? 
_refine.pdbx_average_fsc_overall                 ? 
_refine.pdbx_average_fsc_work                    ? 
_refine.pdbx_average_fsc_free                    ? 
# 
_refine_hist.pdbx_refine_id                   'X-RAY DIFFRACTION' 
_refine_hist.cycle_id                         final 
_refine_hist.details                          ? 
_refine_hist.d_res_high                       2.9500 
_refine_hist.d_res_low                        45.2000 
_refine_hist.number_atoms_solvent             0 
_refine_hist.number_atoms_total               1656 
_refine_hist.number_reflns_all                ? 
_refine_hist.number_reflns_obs                ? 
_refine_hist.number_reflns_R_free             ? 
_refine_hist.number_reflns_R_work             ? 
_refine_hist.R_factor_all                     ? 
_refine_hist.R_factor_obs                     ? 
_refine_hist.R_factor_R_free                  ? 
_refine_hist.R_factor_R_work                  ? 
_refine_hist.pdbx_number_residues_total       205 
_refine_hist.pdbx_B_iso_mean_ligand           ? 
_refine_hist.pdbx_B_iso_mean_solvent          ? 
_refine_hist.pdbx_number_atoms_protein        1656 
_refine_hist.pdbx_number_atoms_nucleic_acid   0 
_refine_hist.pdbx_number_atoms_ligand         0 
_refine_hist.pdbx_number_atoms_lipid          ? 
_refine_hist.pdbx_number_atoms_carb           ? 
_refine_hist.pdbx_pseudo_atom_details         ? 
# 
loop_
_refine_ls_restr.pdbx_refine_id 
_refine_ls_restr.criterion 
_refine_ls_restr.dev_ideal 
_refine_ls_restr.dev_ideal_target 
_refine_ls_restr.number 
_refine_ls_restr.rejects 
_refine_ls_restr.type 
_refine_ls_restr.weight 
_refine_ls_restr.pdbx_restraint_function 
'X-RAY DIFFRACTION' ? 0.008  0.013  1693 ? r_bond_refined_d       ? ? 
'X-RAY DIFFRACTION' ? 0.001  0.017  1638 ? r_bond_other_d         ? ? 
'X-RAY DIFFRACTION' ? 1.610  1.642  2294 ? r_angle_refined_deg    ? ? 
'X-RAY DIFFRACTION' ? 1.216  1.582  3763 ? r_angle_other_deg      ? ? 
'X-RAY DIFFRACTION' ? 7.858  5.000  203  ? r_dihedral_angle_1_deg ? ? 
'X-RAY DIFFRACTION' ? 40.781 23.294 85   ? r_dihedral_angle_2_deg ? ? 
'X-RAY DIFFRACTION' ? 22.783 15.000 300  ? r_dihedral_angle_3_deg ? ? 
'X-RAY DIFFRACTION' ? 14.692 15.000 7    ? r_dihedral_angle_4_deg ? ? 
'X-RAY DIFFRACTION' ? 0.062  0.200  216  ? r_chiral_restr         ? ? 
'X-RAY DIFFRACTION' ? 0.007  0.020  1884 ? r_gen_planes_refined   ? ? 
'X-RAY DIFFRACTION' ? 0.002  0.020  390  ? r_gen_planes_other     ? ? 
# 
_refine_ls_shell.pdbx_refine_id                   'X-RAY DIFFRACTION' 
_refine_ls_shell.d_res_high                       2.9540 
_refine_ls_shell.d_res_low                        3.0310 
_refine_ls_shell.number_reflns_all                400 
_refine_ls_shell.number_reflns_obs                ? 
_refine_ls_shell.number_reflns_R_free             18 
_refine_ls_shell.number_reflns_R_work             382 
_refine_ls_shell.percent_reflns_obs               99.5000 
_refine_ls_shell.percent_reflns_R_free            ? 
_refine_ls_shell.R_factor_all                     ? 
_refine_ls_shell.R_factor_obs                     ? 
_refine_ls_shell.R_factor_R_free                  0.2520 
_refine_ls_shell.R_factor_R_free_error            0.0000 
_refine_ls_shell.R_factor_R_work                  0.3270 
_refine_ls_shell.redundancy_reflns_all            ? 
_refine_ls_shell.redundancy_reflns_obs            ? 
_refine_ls_shell.wR_factor_all                    ? 
_refine_ls_shell.wR_factor_obs                    ? 
_refine_ls_shell.wR_factor_R_free                 ? 
_refine_ls_shell.wR_factor_R_work                 ? 
_refine_ls_shell.pdbx_R_complete                  ? 
_refine_ls_shell.pdbx_total_number_of_bins_used   20 
_refine_ls_shell.pdbx_phase_error                 ? 
_refine_ls_shell.pdbx_fsc_work                    ? 
_refine_ls_shell.pdbx_fsc_free                    ? 
# 
_struct.entry_id                     7AYE 
_struct.title                        
'Crystal structure of the computationally designed chemically disruptable heterodimer LD6-MDM2' 
_struct.pdbx_model_details           ? 
_struct.pdbx_formula_weight          ? 
_struct.pdbx_formula_weight_method   ? 
_struct.pdbx_model_type_details      ? 
_struct.pdbx_CASP_flag               N 
# 
_struct_keywords.entry_id        7AYE 
_struct_keywords.text            
'chemically disruptable heterodimer (CDH), protein-protein interaction, gene and cell therapy, protein switches, PROTEIN BINDING' 
_struct_keywords.pdbx_keywords   'PROTEIN BINDING' 
# 
loop_
_struct_asym.id 
_struct_asym.pdbx_blank_PDB_chainid_flag 
_struct_asym.pdbx_modified 
_struct_asym.entity_id 
_struct_asym.details 
A N N 1 ? 
B N N 2 ? 
# 
loop_
_struct_ref.id 
_struct_ref.db_name 
_struct_ref.db_code 
_struct_ref.pdbx_db_accession 
_struct_ref.pdbx_db_isoform 
_struct_ref.entity_id 
_struct_ref.pdbx_seq_one_letter_code 
_struct_ref.pdbx_align_begin 
1 UNP MDM2_HUMAN Q00987 Q00987-11 1 
;SQIPASEQETLVRPKPLLLKLLKSVGAQKDTYTMKEVLFYLGQYIMTKRLYDEKQQHIVYCSNDLLGDLFGVPSFSVKEH
RKIYTMIYRNLVVVNQQESSDSGTSVSEN
;
23  
2 UNP DSBD_SHIDS Q328D2 ?         2 
;ATHTAQTQTHLNFTQIKTVDELNQALVEAKGKPVMLDLYADWCVACKEFEKYTFSDPQVQKALADTVLLQANVTANDAQD
VALLKHLNVLGLPTILFFDGQGQEHPQARVTGFMDAETFSAHLRDRQP
;
438 
# 
loop_
_struct_ref_seq.align_id 
_struct_ref_seq.ref_id 
_struct_ref_seq.pdbx_PDB_id_code 
_struct_ref_seq.pdbx_strand_id 
_struct_ref_seq.seq_align_beg 
_struct_ref_seq.pdbx_seq_align_beg_ins_code 
_struct_ref_seq.seq_align_end 
_struct_ref_seq.pdbx_seq_align_end_ins_code 
_struct_ref_seq.pdbx_db_accession 
_struct_ref_seq.db_align_beg 
_struct_ref_seq.pdbx_db_align_beg_ins_code 
_struct_ref_seq.db_align_end 
_struct_ref_seq.pdbx_db_align_end_ins_code 
_struct_ref_seq.pdbx_auth_seq_align_beg 
_struct_ref_seq.pdbx_auth_seq_align_end 
1 1 7AYE A 4 ? 112 ? Q00987 23  ? 131 ? 3 111 
2 2 7AYE B 2 ? 129 ? Q328D2 438 ? 565 ? 2 129 
# 
loop_
_struct_ref_seq_dif.align_id 
_struct_ref_seq_dif.pdbx_pdb_id_code 
_struct_ref_seq_dif.mon_id 
_struct_ref_seq_dif.pdbx_pdb_strand_id 
_struct_ref_seq_dif.seq_num 
_struct_ref_seq_dif.pdbx_pdb_ins_code 
_struct_ref_seq_dif.pdbx_seq_db_name 
_struct_ref_seq_dif.pdbx_seq_db_accession_code 
_struct_ref_seq_dif.db_mon_id 
_struct_ref_seq_dif.pdbx_seq_db_seq_num 
_struct_ref_seq_dif.details 
_struct_ref_seq_dif.pdbx_auth_seq_num 
_struct_ref_seq_dif.pdbx_ordinal 
1 7AYE MET A 1   ? UNP Q00987 ?   ?   'initiating methionine' 0   1  
1 7AYE GLU A 2   ? UNP Q00987 ?   ?   'expression tag'        1   2  
1 7AYE PHE A 3   ? UNP Q00987 ?   ?   'expression tag'        2   3  
1 7AYE LEU A 113 ? UNP Q00987 ?   ?   'expression tag'        112 4  
1 7AYE GLU A 114 ? UNP Q00987 ?   ?   'expression tag'        113 5  
2 7AYE MET B 1   ? UNP Q328D2 ?   ?   'initiating methionine' 1   6  
2 7AYE ALA B 20  ? UNP Q328D2 VAL 456 'engineered mutation'   20  7  
2 7AYE PHE B 21  ? UNP Q328D2 ASP 457 'engineered mutation'   21  8  
2 7AYE ALA B 22  ? UNP Q328D2 GLU 458 'engineered mutation'   22  9  
2 7AYE TYR B 24  ? UNP Q328D2 ASN 460 'engineered mutation'   24  10 
2 7AYE TRP B 25  ? UNP Q328D2 GLN 461 'engineered mutation'   25  11 
2 7AYE LEU B 28  ? UNP Q328D2 VAL 464 'engineered mutation'   28  12 
2 7AYE GLN B 31  ? UNP Q328D2 LYS 467 'engineered mutation'   31  13 
2 7AYE LEU B 130 ? UNP Q328D2 ?   ?   'expression tag'        130 14 
2 7AYE GLU B 131 ? UNP Q328D2 ?   ?   'expression tag'        131 15 
2 7AYE HIS B 132 ? UNP Q328D2 ?   ?   'expression tag'        132 16 
2 7AYE HIS B 133 ? UNP Q328D2 ?   ?   'expression tag'        133 17 
2 7AYE HIS B 134 ? UNP Q328D2 ?   ?   'expression tag'        134 18 
2 7AYE HIS B 135 ? UNP Q328D2 ?   ?   'expression tag'        135 19 
2 7AYE HIS B 136 ? UNP Q328D2 ?   ?   'expression tag'        136 20 
2 7AYE HIS B 137 ? UNP Q328D2 ?   ?   'expression tag'        137 21 
# 
_pdbx_struct_assembly.id                   1 
_pdbx_struct_assembly.details              author_and_software_defined_assembly 
_pdbx_struct_assembly.method_details       PISA 
_pdbx_struct_assembly.oligomeric_details   dimeric 
_pdbx_struct_assembly.oligomeric_count     2 
# 
loop_
_pdbx_struct_assembly_prop.biol_id 
_pdbx_struct_assembly_prop.type 
_pdbx_struct_assembly_prop.value 
_pdbx_struct_assembly_prop.details 
1 'ABSA (A^2)' 1500  ? 
1 MORE         -10   ? 
1 'SSA (A^2)'  10700 ? 
# 
_pdbx_struct_assembly_gen.assembly_id       1 
_pdbx_struct_assembly_gen.oper_expression   1 
_pdbx_struct_assembly_gen.asym_id_list      A,B 
# 
_pdbx_struct_assembly_auth_evidence.id                     1 
_pdbx_struct_assembly_auth_evidence.assembly_id            1 
_pdbx_struct_assembly_auth_evidence.experimental_support   'gel filtration' 
_pdbx_struct_assembly_auth_evidence.details                ? 
# 
_pdbx_struct_oper_list.id                   1 
_pdbx_struct_oper_list.type                 'identity operation' 
_pdbx_struct_oper_list.name                 1_555 
_pdbx_struct_oper_list.symmetry_operation   x,y,z 
_pdbx_struct_oper_list.matrix[1][1]         1.0000000000 
_pdbx_struct_oper_list.matrix[1][2]         0.0000000000 
_pdbx_struct_oper_list.matrix[1][3]         0.0000000000 
_pdbx_struct_oper_list.vector[1]            0.0000000000 
_pdbx_struct_oper_list.matrix[2][1]         0.0000000000 
_pdbx_struct_oper_list.matrix[2][2]         1.0000000000 
_pdbx_struct_oper_list.matrix[2][3]         0.0000000000 
_pdbx_struct_oper_list.vector[2]            0.0000000000 
_pdbx_struct_oper_list.matrix[3][1]         0.0000000000 
_pdbx_struct_oper_list.matrix[3][2]         0.0000000000 
_pdbx_struct_oper_list.matrix[3][3]         1.0000000000 
_pdbx_struct_oper_list.vector[3]            0.0000000000 
# 
loop_
_struct_conf.conf_type_id 
_struct_conf.id 
_struct_conf.pdbx_PDB_helix_id 
_struct_conf.beg_label_comp_id 
_struct_conf.beg_label_asym_id 
_struct_conf.beg_label_seq_id 
_struct_conf.pdbx_beg_PDB_ins_code 
_struct_conf.end_label_comp_id 
_struct_conf.end_label_asym_id 
_struct_conf.end_label_seq_id 
_struct_conf.pdbx_end_PDB_ins_code 
_struct_conf.beg_auth_comp_id 
_struct_conf.beg_auth_asym_id 
_struct_conf.beg_auth_seq_id 
_struct_conf.end_auth_comp_id 
_struct_conf.end_auth_asym_id 
_struct_conf.end_auth_seq_id 
_struct_conf.pdbx_PDB_helix_class 
_struct_conf.details 
_struct_conf.pdbx_PDB_helix_length 
HELX_P HELX_P1 AA1 LYS A 18  ? VAL A 28  ? LYS A 17  VAL A 27  1 ? 11 
HELX_P HELX_P2 AA2 THR A 36  ? ARG A 52  ? THR A 35  ARG A 51  1 ? 17 
HELX_P HELX_P3 AA3 ASP A 67  ? GLY A 74  ? ASP A 66  GLY A 73  1 ? 8  
HELX_P HELX_P4 AA4 GLU A 82  ? ARG A 92  ? GLU A 81  ARG A 91  1 ? 11 
HELX_P HELX_P5 AA5 THR B 19  ? GLN B 31  ? THR B 19  GLN B 31  1 ? 13 
HELX_P HELX_P6 AA6 CYS B 44  ? PHE B 55  ? CYS B 44  PHE B 55  1 ? 12 
HELX_P HELX_P7 AA7 ASP B 57  ? LEU B 64  ? ASP B 57  LEU B 64  1 ? 8  
HELX_P HELX_P8 AA8 ASP B 78  ? ASN B 89  ? ASP B 78  ASN B 89  1 ? 12 
HELX_P HELX_P9 AA9 ASP B 116 ? LEU B 124 ? ASP B 116 LEU B 124 1 ? 9  
# 
_struct_conf_type.id          HELX_P 
_struct_conf_type.criteria    ? 
_struct_conf_type.reference   ? 
# 
_struct_conn.id                            disulf1 
_struct_conn.conn_type_id                  disulf 
_struct_conn.pdbx_leaving_atom_flag        ? 
_struct_conn.pdbx_PDB_id                   ? 
_struct_conn.ptnr1_label_asym_id           B 
_struct_conn.ptnr1_label_comp_id           CYS 
_struct_conn.ptnr1_label_seq_id            44 
_struct_conn.ptnr1_label_atom_id           SG 
_struct_conn.pdbx_ptnr1_label_alt_id       ? 
_struct_conn.pdbx_ptnr1_PDB_ins_code       ? 
_struct_conn.pdbx_ptnr1_standard_comp_id   ? 
_struct_conn.ptnr1_symmetry                1_555 
_struct_conn.ptnr2_label_asym_id           B 
_struct_conn.ptnr2_label_comp_id           CYS 
_struct_conn.ptnr2_label_seq_id            47 
_struct_conn.ptnr2_label_atom_id           SG 
_struct_conn.pdbx_ptnr2_label_alt_id       ? 
_struct_conn.pdbx_ptnr2_PDB_ins_code       ? 
_struct_conn.ptnr1_auth_asym_id            B 
_struct_conn.ptnr1_auth_comp_id            CYS 
_struct_conn.ptnr1_auth_seq_id             44 
_struct_conn.ptnr2_auth_asym_id            B 
_struct_conn.ptnr2_auth_comp_id            CYS 
_struct_conn.ptnr2_auth_seq_id             47 
_struct_conn.ptnr2_symmetry                1_555 
_struct_conn.pdbx_ptnr3_label_atom_id      ? 
_struct_conn.pdbx_ptnr3_label_seq_id       ? 
_struct_conn.pdbx_ptnr3_label_comp_id      ? 
_struct_conn.pdbx_ptnr3_label_asym_id      ? 
_struct_conn.pdbx_ptnr3_label_alt_id       ? 
_struct_conn.pdbx_ptnr3_PDB_ins_code       ? 
_struct_conn.details                       ? 
_struct_conn.pdbx_dist_value               2.086 
_struct_conn.pdbx_value_order              ? 
_struct_conn.pdbx_role                     ? 
# 
_struct_conn_type.id          disulf 
_struct_conn_type.criteria    ? 
_struct_conn_type.reference   ? 
# 
_pdbx_modification_feature.ordinal                            1 
_pdbx_modification_feature.label_comp_id                      CYS 
_pdbx_modification_feature.label_asym_id                      B 
_pdbx_modification_feature.label_seq_id                       44 
_pdbx_modification_feature.label_alt_id                       ? 
_pdbx_modification_feature.modified_residue_label_comp_id     CYS 
_pdbx_modification_feature.modified_residue_label_asym_id     B 
_pdbx_modification_feature.modified_residue_label_seq_id      47 
_pdbx_modification_feature.modified_residue_label_alt_id      ? 
_pdbx_modification_feature.auth_comp_id                       CYS 
_pdbx_modification_feature.auth_asym_id                       B 
_pdbx_modification_feature.auth_seq_id                        44 
_pdbx_modification_feature.PDB_ins_code                       ? 
_pdbx_modification_feature.symmetry                           1_555 
_pdbx_modification_feature.modified_residue_auth_comp_id      CYS 
_pdbx_modification_feature.modified_residue_auth_asym_id      B 
_pdbx_modification_feature.modified_residue_auth_seq_id       47 
_pdbx_modification_feature.modified_residue_PDB_ins_code      ? 
_pdbx_modification_feature.modified_residue_symmetry          1_555 
_pdbx_modification_feature.comp_id_linking_atom               SG 
_pdbx_modification_feature.modified_residue_id_linking_atom   SG 
_pdbx_modification_feature.modified_residue_id                . 
_pdbx_modification_feature.ref_pcm_id                         . 
_pdbx_modification_feature.ref_comp_id                        . 
_pdbx_modification_feature.type                               None 
_pdbx_modification_feature.category                           'Disulfide bridge' 
# 
_struct_mon_prot_cis.pdbx_id                1 
_struct_mon_prot_cis.label_comp_id          LEU 
_struct_mon_prot_cis.label_seq_id           93 
_struct_mon_prot_cis.label_asym_id          B 
_struct_mon_prot_cis.label_alt_id           . 
_struct_mon_prot_cis.pdbx_PDB_ins_code      ? 
_struct_mon_prot_cis.auth_comp_id           LEU 
_struct_mon_prot_cis.auth_seq_id            93 
_struct_mon_prot_cis.auth_asym_id           B 
_struct_mon_prot_cis.pdbx_label_comp_id_2   PRO 
_struct_mon_prot_cis.pdbx_label_seq_id_2    94 
_struct_mon_prot_cis.pdbx_label_asym_id_2   B 
_struct_mon_prot_cis.pdbx_PDB_ins_code_2    ? 
_struct_mon_prot_cis.pdbx_auth_comp_id_2    PRO 
_struct_mon_prot_cis.pdbx_auth_seq_id_2     94 
_struct_mon_prot_cis.pdbx_auth_asym_id_2    B 
_struct_mon_prot_cis.pdbx_PDB_model_num     1 
_struct_mon_prot_cis.pdbx_omega_angle       -7.57 
# 
loop_
_struct_sheet.id 
_struct_sheet.type 
_struct_sheet.number_strands 
_struct_sheet.details 
AA1 ? 2 ? 
AA2 ? 4 ? 
# 
loop_
_struct_sheet_order.sheet_id 
_struct_sheet_order.range_id_1 
_struct_sheet_order.range_id_2 
_struct_sheet_order.offset 
_struct_sheet_order.sense 
AA1 1 2 ? anti-parallel 
AA2 1 2 ? parallel      
AA2 2 3 ? parallel      
AA2 3 4 ? anti-parallel 
# 
loop_
_struct_sheet_range.sheet_id 
_struct_sheet_range.id 
_struct_sheet_range.beg_label_comp_id 
_struct_sheet_range.beg_label_asym_id 
_struct_sheet_range.beg_label_seq_id 
_struct_sheet_range.pdbx_beg_PDB_ins_code 
_struct_sheet_range.end_label_comp_id 
_struct_sheet_range.end_label_asym_id 
_struct_sheet_range.end_label_seq_id 
_struct_sheet_range.pdbx_end_PDB_ins_code 
_struct_sheet_range.beg_auth_comp_id 
_struct_sheet_range.beg_auth_asym_id 
_struct_sheet_range.beg_auth_seq_id 
_struct_sheet_range.end_auth_comp_id 
_struct_sheet_range.end_auth_asym_id 
_struct_sheet_range.end_auth_seq_id 
AA1 1 ILE A 61 ? TYR A 63 ? ILE A 60 TYR A 62 
AA1 2 SER A 77 ? SER A 79 ? SER A 76 SER A 78 
AA2 1 THR B 15 ? ILE B 17 ? THR B 15 ILE B 17 
AA2 2 VAL B 68 ? ASN B 73 ? VAL B 68 ASN B 73 
AA2 3 VAL B 35 ? TYR B 40 ? VAL B 35 TYR B 40 
AA2 4 ILE B 96 ? PHE B 99 ? ILE B 96 PHE B 99 
# 
loop_
_pdbx_struct_sheet_hbond.sheet_id 
_pdbx_struct_sheet_hbond.range_id_1 
_pdbx_struct_sheet_hbond.range_id_2 
_pdbx_struct_sheet_hbond.range_1_label_atom_id 
_pdbx_struct_sheet_hbond.range_1_label_comp_id 
_pdbx_struct_sheet_hbond.range_1_label_asym_id 
_pdbx_struct_sheet_hbond.range_1_label_seq_id 
_pdbx_struct_sheet_hbond.range_1_PDB_ins_code 
_pdbx_struct_sheet_hbond.range_1_auth_atom_id 
_pdbx_struct_sheet_hbond.range_1_auth_comp_id 
_pdbx_struct_sheet_hbond.range_1_auth_asym_id 
_pdbx_struct_sheet_hbond.range_1_auth_seq_id 
_pdbx_struct_sheet_hbond.range_2_label_atom_id 
_pdbx_struct_sheet_hbond.range_2_label_comp_id 
_pdbx_struct_sheet_hbond.range_2_label_asym_id 
_pdbx_struct_sheet_hbond.range_2_label_seq_id 
_pdbx_struct_sheet_hbond.range_2_PDB_ins_code 
_pdbx_struct_sheet_hbond.range_2_auth_atom_id 
_pdbx_struct_sheet_hbond.range_2_auth_comp_id 
_pdbx_struct_sheet_hbond.range_2_auth_asym_id 
_pdbx_struct_sheet_hbond.range_2_auth_seq_id 
AA1 1 2 N VAL A 62 ? N VAL A 61 O PHE A 78 ? O PHE A 77 
AA2 1 2 N THR B 15 ? N THR B 15 O LEU B 69 ? O LEU B 69 
AA2 2 3 O LEU B 70 ? O LEU B 70 N MET B 36 ? N MET B 36 
AA2 3 4 N LEU B 37 ? N LEU B 37 O LEU B 97 ? O LEU B 97 
# 
_pdbx_entry_details.entry_id                   7AYE 
_pdbx_entry_details.compound_details           ? 
_pdbx_entry_details.source_details             ? 
_pdbx_entry_details.nonpolymer_details         ? 
_pdbx_entry_details.sequence_details           ? 
_pdbx_entry_details.has_ligand_of_interest     ? 
_pdbx_entry_details.has_protein_modification   Y 
# 
loop_
_pdbx_validate_torsion.id 
_pdbx_validate_torsion.PDB_model_num 
_pdbx_validate_torsion.auth_comp_id 
_pdbx_validate_torsion.auth_asym_id 
_pdbx_validate_torsion.auth_seq_id 
_pdbx_validate_torsion.PDB_ins_code 
_pdbx_validate_torsion.label_alt_id 
_pdbx_validate_torsion.phi 
_pdbx_validate_torsion.psi 
1 1 SER A 64 ? ? -36.41 130.11 
2 1 ARG A 91 ? ? -60.61 5.45   
3 1 GLN B 31 ? ? 13.36  115.92 
4 1 ASN B 77 ? ? 26.60  52.96  
# 
loop_
_pdbx_unobs_or_zero_occ_residues.id 
_pdbx_unobs_or_zero_occ_residues.PDB_model_num 
_pdbx_unobs_or_zero_occ_residues.polymer_flag 
_pdbx_unobs_or_zero_occ_residues.occupancy_flag 
_pdbx_unobs_or_zero_occ_residues.auth_asym_id 
_pdbx_unobs_or_zero_occ_residues.auth_comp_id 
_pdbx_unobs_or_zero_occ_residues.auth_seq_id 
_pdbx_unobs_or_zero_occ_residues.PDB_ins_code 
_pdbx_unobs_or_zero_occ_residues.label_asym_id 
_pdbx_unobs_or_zero_occ_residues.label_comp_id 
_pdbx_unobs_or_zero_occ_residues.label_seq_id 
1  1 Y 1 A MET 0   ? A MET 1   
2  1 Y 1 A GLU 1   ? A GLU 2   
3  1 Y 1 A PHE 2   ? A PHE 3   
4  1 Y 1 A SER 3   ? A SER 4   
5  1 Y 1 A GLN 4   ? A GLN 5   
6  1 Y 1 A ILE 5   ? A ILE 6   
7  1 Y 1 A PRO 6   ? A PRO 7   
8  1 Y 1 A ALA 7   ? A ALA 8   
9  1 Y 1 A SER 8   ? A SER 9   
10 1 Y 1 A GLU 9   ? A GLU 10  
11 1 Y 1 A GLN 10  ? A GLN 11  
12 1 Y 1 A ASN 97  ? A ASN 98  
13 1 Y 1 A GLN 98  ? A GLN 99  
14 1 Y 1 A GLN 99  ? A GLN 100 
15 1 Y 1 A GLU 100 ? A GLU 101 
16 1 Y 1 A SER 101 ? A SER 102 
17 1 Y 1 A SER 102 ? A SER 103 
18 1 Y 1 A ASP 103 ? A ASP 104 
19 1 Y 1 A SER 104 ? A SER 105 
20 1 Y 1 A GLY 105 ? A GLY 106 
21 1 Y 1 A THR 106 ? A THR 107 
22 1 Y 1 A SER 107 ? A SER 108 
23 1 Y 1 A VAL 108 ? A VAL 109 
24 1 Y 1 A SER 109 ? A SER 110 
25 1 Y 1 A GLU 110 ? A GLU 111 
26 1 Y 1 A ASN 111 ? A ASN 112 
27 1 Y 1 A LEU 112 ? A LEU 113 
28 1 Y 1 A GLU 113 ? A GLU 114 
29 1 Y 1 B MET 1   ? B MET 1   
30 1 Y 1 B ALA 2   ? B ALA 2   
31 1 Y 1 B THR 3   ? B THR 3   
32 1 Y 1 B HIS 4   ? B HIS 4   
33 1 Y 1 B THR 5   ? B THR 5   
34 1 Y 1 B ALA 6   ? B ALA 6   
35 1 Y 1 B GLN 7   ? B GLN 7   
36 1 Y 1 B THR 8   ? B THR 8   
37 1 Y 1 B GLN 9   ? B GLN 9   
38 1 Y 1 B PRO 129 ? B PRO 129 
39 1 Y 1 B LEU 130 ? B LEU 130 
40 1 Y 1 B GLU 131 ? B GLU 131 
41 1 Y 1 B HIS 132 ? B HIS 132 
42 1 Y 1 B HIS 133 ? B HIS 133 
43 1 Y 1 B HIS 134 ? B HIS 134 
44 1 Y 1 B HIS 135 ? B HIS 135 
45 1 Y 1 B HIS 136 ? B HIS 136 
46 1 Y 1 B HIS 137 ? B HIS 137 
# 
loop_
_chem_comp_atom.comp_id 
_chem_comp_atom.atom_id 
_chem_comp_atom.type_symbol 
_chem_comp_atom.pdbx_aromatic_flag 
_chem_comp_atom.pdbx_stereo_config 
_chem_comp_atom.pdbx_ordinal 
ALA N    N N N 1   
ALA CA   C N S 2   
ALA C    C N N 3   
ALA O    O N N 4   
ALA CB   C N N 5   
ALA OXT  O N N 6   
ALA H    H N N 7   
ALA H2   H N N 8   
ALA HA   H N N 9   
ALA HB1  H N N 10  
ALA HB2  H N N 11  
ALA HB3  H N N 12  
ALA HXT  H N N 13  
ARG N    N N N 14  
ARG CA   C N S 15  
ARG C    C N N 16  
ARG O    O N N 17  
ARG CB   C N N 18  
ARG CG   C N N 19  
ARG CD   C N N 20  
ARG NE   N N N 21  
ARG CZ   C N N 22  
ARG NH1  N N N 23  
ARG NH2  N N N 24  
ARG OXT  O N N 25  
ARG H    H N N 26  
ARG H2   H N N 27  
ARG HA   H N N 28  
ARG HB2  H N N 29  
ARG HB3  H N N 30  
ARG HG2  H N N 31  
ARG HG3  H N N 32  
ARG HD2  H N N 33  
ARG HD3  H N N 34  
ARG HE   H N N 35  
ARG HH11 H N N 36  
ARG HH12 H N N 37  
ARG HH21 H N N 38  
ARG HH22 H N N 39  
ARG HXT  H N N 40  
ASN N    N N N 41  
ASN CA   C N S 42  
ASN C    C N N 43  
ASN O    O N N 44  
ASN CB   C N N 45  
ASN CG   C N N 46  
ASN OD1  O N N 47  
ASN ND2  N N N 48  
ASN OXT  O N N 49  
ASN H    H N N 50  
ASN H2   H N N 51  
ASN HA   H N N 52  
ASN HB2  H N N 53  
ASN HB3  H N N 54  
ASN HD21 H N N 55  
ASN HD22 H N N 56  
ASN HXT  H N N 57  
ASP N    N N N 58  
ASP CA   C N S 59  
ASP C    C N N 60  
ASP O    O N N 61  
ASP CB   C N N 62  
ASP CG   C N N 63  
ASP OD1  O N N 64  
ASP OD2  O N N 65  
ASP OXT  O N N 66  
ASP H    H N N 67  
ASP H2   H N N 68  
ASP HA   H N N 69  
ASP HB2  H N N 70  
ASP HB3  H N N 71  
ASP HD2  H N N 72  
ASP HXT  H N N 73  
CYS N    N N N 74  
CYS CA   C N R 75  
CYS C    C N N 76  
CYS O    O N N 77  
CYS CB   C N N 78  
CYS SG   S N N 79  
CYS OXT  O N N 80  
CYS H    H N N 81  
CYS H2   H N N 82  
CYS HA   H N N 83  
CYS HB2  H N N 84  
CYS HB3  H N N 85  
CYS HG   H N N 86  
CYS HXT  H N N 87  
GLN N    N N N 88  
GLN CA   C N S 89  
GLN C    C N N 90  
GLN O    O N N 91  
GLN CB   C N N 92  
GLN CG   C N N 93  
GLN CD   C N N 94  
GLN OE1  O N N 95  
GLN NE2  N N N 96  
GLN OXT  O N N 97  
GLN H    H N N 98  
GLN H2   H N N 99  
GLN HA   H N N 100 
GLN HB2  H N N 101 
GLN HB3  H N N 102 
GLN HG2  H N N 103 
GLN HG3  H N N 104 
GLN HE21 H N N 105 
GLN HE22 H N N 106 
GLN HXT  H N N 107 
GLU N    N N N 108 
GLU CA   C N S 109 
GLU C    C N N 110 
GLU O    O N N 111 
GLU CB   C N N 112 
GLU CG   C N N 113 
GLU CD   C N N 114 
GLU OE1  O N N 115 
GLU OE2  O N N 116 
GLU OXT  O N N 117 
GLU H    H N N 118 
GLU H2   H N N 119 
GLU HA   H N N 120 
GLU HB2  H N N 121 
GLU HB3  H N N 122 
GLU HG2  H N N 123 
GLU HG3  H N N 124 
GLU HE2  H N N 125 
GLU HXT  H N N 126 
GLY N    N N N 127 
GLY CA   C N N 128 
GLY C    C N N 129 
GLY O    O N N 130 
GLY OXT  O N N 131 
GLY H    H N N 132 
GLY H2   H N N 133 
GLY HA2  H N N 134 
GLY HA3  H N N 135 
GLY HXT  H N N 136 
HIS N    N N N 137 
HIS CA   C N S 138 
HIS C    C N N 139 
HIS O    O N N 140 
HIS CB   C N N 141 
HIS CG   C Y N 142 
HIS ND1  N Y N 143 
HIS CD2  C Y N 144 
HIS CE1  C Y N 145 
HIS NE2  N Y N 146 
HIS OXT  O N N 147 
HIS H    H N N 148 
HIS H2   H N N 149 
HIS HA   H N N 150 
HIS HB2  H N N 151 
HIS HB3  H N N 152 
HIS HD1  H N N 153 
HIS HD2  H N N 154 
HIS HE1  H N N 155 
HIS HE2  H N N 156 
HIS HXT  H N N 157 
ILE N    N N N 158 
ILE CA   C N S 159 
ILE C    C N N 160 
ILE O    O N N 161 
ILE CB   C N S 162 
ILE CG1  C N N 163 
ILE CG2  C N N 164 
ILE CD1  C N N 165 
ILE OXT  O N N 166 
ILE H    H N N 167 
ILE H2   H N N 168 
ILE HA   H N N 169 
ILE HB   H N N 170 
ILE HG12 H N N 171 
ILE HG13 H N N 172 
ILE HG21 H N N 173 
ILE HG22 H N N 174 
ILE HG23 H N N 175 
ILE HD11 H N N 176 
ILE HD12 H N N 177 
ILE HD13 H N N 178 
ILE HXT  H N N 179 
LEU N    N N N 180 
LEU CA   C N S 181 
LEU C    C N N 182 
LEU O    O N N 183 
LEU CB   C N N 184 
LEU CG   C N N 185 
LEU CD1  C N N 186 
LEU CD2  C N N 187 
LEU OXT  O N N 188 
LEU H    H N N 189 
LEU H2   H N N 190 
LEU HA   H N N 191 
LEU HB2  H N N 192 
LEU HB3  H N N 193 
LEU HG   H N N 194 
LEU HD11 H N N 195 
LEU HD12 H N N 196 
LEU HD13 H N N 197 
LEU HD21 H N N 198 
LEU HD22 H N N 199 
LEU HD23 H N N 200 
LEU HXT  H N N 201 
LYS N    N N N 202 
LYS CA   C N S 203 
LYS C    C N N 204 
LYS O    O N N 205 
LYS CB   C N N 206 
LYS CG   C N N 207 
LYS CD   C N N 208 
LYS CE   C N N 209 
LYS NZ   N N N 210 
LYS OXT  O N N 211 
LYS H    H N N 212 
LYS H2   H N N 213 
LYS HA   H N N 214 
LYS HB2  H N N 215 
LYS HB3  H N N 216 
LYS HG2  H N N 217 
LYS HG3  H N N 218 
LYS HD2  H N N 219 
LYS HD3  H N N 220 
LYS HE2  H N N 221 
LYS HE3  H N N 222 
LYS HZ1  H N N 223 
LYS HZ2  H N N 224 
LYS HZ3  H N N 225 
LYS HXT  H N N 226 
MET N    N N N 227 
MET CA   C N S 228 
MET C    C N N 229 
MET O    O N N 230 
MET CB   C N N 231 
MET CG   C N N 232 
MET SD   S N N 233 
MET CE   C N N 234 
MET OXT  O N N 235 
MET H    H N N 236 
MET H2   H N N 237 
MET HA   H N N 238 
MET HB2  H N N 239 
MET HB3  H N N 240 
MET HG2  H N N 241 
MET HG3  H N N 242 
MET HE1  H N N 243 
MET HE2  H N N 244 
MET HE3  H N N 245 
MET HXT  H N N 246 
PHE N    N N N 247 
PHE CA   C N S 248 
PHE C    C N N 249 
PHE O    O N N 250 
PHE CB   C N N 251 
PHE CG   C Y N 252 
PHE CD1  C Y N 253 
PHE CD2  C Y N 254 
PHE CE1  C Y N 255 
PHE CE2  C Y N 256 
PHE CZ   C Y N 257 
PHE OXT  O N N 258 
PHE H    H N N 259 
PHE H2   H N N 260 
PHE HA   H N N 261 
PHE HB2  H N N 262 
PHE HB3  H N N 263 
PHE HD1  H N N 264 
PHE HD2  H N N 265 
PHE HE1  H N N 266 
PHE HE2  H N N 267 
PHE HZ   H N N 268 
PHE HXT  H N N 269 
PRO N    N N N 270 
PRO CA   C N S 271 
PRO C    C N N 272 
PRO O    O N N 273 
PRO CB   C N N 274 
PRO CG   C N N 275 
PRO CD   C N N 276 
PRO OXT  O N N 277 
PRO H    H N N 278 
PRO HA   H N N 279 
PRO HB2  H N N 280 
PRO HB3  H N N 281 
PRO HG2  H N N 282 
PRO HG3  H N N 283 
PRO HD2  H N N 284 
PRO HD3  H N N 285 
PRO HXT  H N N 286 
SER N    N N N 287 
SER CA   C N S 288 
SER C    C N N 289 
SER O    O N N 290 
SER CB   C N N 291 
SER OG   O N N 292 
SER OXT  O N N 293 
SER H    H N N 294 
SER H2   H N N 295 
SER HA   H N N 296 
SER HB2  H N N 297 
SER HB3  H N N 298 
SER HG   H N N 299 
SER HXT  H N N 300 
THR N    N N N 301 
THR CA   C N S 302 
THR C    C N N 303 
THR O    O N N 304 
THR CB   C N R 305 
THR OG1  O N N 306 
THR CG2  C N N 307 
THR OXT  O N N 308 
THR H    H N N 309 
THR H2   H N N 310 
THR HA   H N N 311 
THR HB   H N N 312 
THR HG1  H N N 313 
THR HG21 H N N 314 
THR HG22 H N N 315 
THR HG23 H N N 316 
THR HXT  H N N 317 
TRP N    N N N 318 
TRP CA   C N S 319 
TRP C    C N N 320 
TRP O    O N N 321 
TRP CB   C N N 322 
TRP CG   C Y N 323 
TRP CD1  C Y N 324 
TRP CD2  C Y N 325 
TRP NE1  N Y N 326 
TRP CE2  C Y N 327 
TRP CE3  C Y N 328 
TRP CZ2  C Y N 329 
TRP CZ3  C Y N 330 
TRP CH2  C Y N 331 
TRP OXT  O N N 332 
TRP H    H N N 333 
TRP H2   H N N 334 
TRP HA   H N N 335 
TRP HB2  H N N 336 
TRP HB3  H N N 337 
TRP HD1  H N N 338 
TRP HE1  H N N 339 
TRP HE3  H N N 340 
TRP HZ2  H N N 341 
TRP HZ3  H N N 342 
TRP HH2  H N N 343 
TRP HXT  H N N 344 
TYR N    N N N 345 
TYR CA   C N S 346 
TYR C    C N N 347 
TYR O    O N N 348 
TYR CB   C N N 349 
TYR CG   C Y N 350 
TYR CD1  C Y N 351 
TYR CD2  C Y N 352 
TYR CE1  C Y N 353 
TYR CE2  C Y N 354 
TYR CZ   C Y N 355 
TYR OH   O N N 356 
TYR OXT  O N N 357 
TYR H    H N N 358 
TYR H2   H N N 359 
TYR HA   H N N 360 
TYR HB2  H N N 361 
TYR HB3  H N N 362 
TYR HD1  H N N 363 
TYR HD2  H N N 364 
TYR HE1  H N N 365 
TYR HE2  H N N 366 
TYR HH   H N N 367 
TYR HXT  H N N 368 
VAL N    N N N 369 
VAL CA   C N S 370 
VAL C    C N N 371 
VAL O    O N N 372 
VAL CB   C N N 373 
VAL CG1  C N N 374 
VAL CG2  C N N 375 
VAL OXT  O N N 376 
VAL H    H N N 377 
VAL H2   H N N 378 
VAL HA   H N N 379 
VAL HB   H N N 380 
VAL HG11 H N N 381 
VAL HG12 H N N 382 
VAL HG13 H N N 383 
VAL HG21 H N N 384 
VAL HG22 H N N 385 
VAL HG23 H N N 386 
VAL HXT  H N N 387 
# 
loop_
_chem_comp_bond.comp_id 
_chem_comp_bond.atom_id_1 
_chem_comp_bond.atom_id_2 
_chem_comp_bond.value_order 
_chem_comp_bond.pdbx_aromatic_flag 
_chem_comp_bond.pdbx_stereo_config 
_chem_comp_bond.pdbx_ordinal 
ALA N   CA   sing N N 1   
ALA N   H    sing N N 2   
ALA N   H2   sing N N 3   
ALA CA  C    sing N N 4   
ALA CA  CB   sing N N 5   
ALA CA  HA   sing N N 6   
ALA C   O    doub N N 7   
ALA C   OXT  sing N N 8   
ALA CB  HB1  sing N N 9   
ALA CB  HB2  sing N N 10  
ALA CB  HB3  sing N N 11  
ALA OXT HXT  sing N N 12  
ARG N   CA   sing N N 13  
ARG N   H    sing N N 14  
ARG N   H2   sing N N 15  
ARG CA  C    sing N N 16  
ARG CA  CB   sing N N 17  
ARG CA  HA   sing N N 18  
ARG C   O    doub N N 19  
ARG C   OXT  sing N N 20  
ARG CB  CG   sing N N 21  
ARG CB  HB2  sing N N 22  
ARG CB  HB3  sing N N 23  
ARG CG  CD   sing N N 24  
ARG CG  HG2  sing N N 25  
ARG CG  HG3  sing N N 26  
ARG CD  NE   sing N N 27  
ARG CD  HD2  sing N N 28  
ARG CD  HD3  sing N N 29  
ARG NE  CZ   sing N N 30  
ARG NE  HE   sing N N 31  
ARG CZ  NH1  sing N N 32  
ARG CZ  NH2  doub N N 33  
ARG NH1 HH11 sing N N 34  
ARG NH1 HH12 sing N N 35  
ARG NH2 HH21 sing N N 36  
ARG NH2 HH22 sing N N 37  
ARG OXT HXT  sing N N 38  
ASN N   CA   sing N N 39  
ASN N   H    sing N N 40  
ASN N   H2   sing N N 41  
ASN CA  C    sing N N 42  
ASN CA  CB   sing N N 43  
ASN CA  HA   sing N N 44  
ASN C   O    doub N N 45  
ASN C   OXT  sing N N 46  
ASN CB  CG   sing N N 47  
ASN CB  HB2  sing N N 48  
ASN CB  HB3  sing N N 49  
ASN CG  OD1  doub N N 50  
ASN CG  ND2  sing N N 51  
ASN ND2 HD21 sing N N 52  
ASN ND2 HD22 sing N N 53  
ASN OXT HXT  sing N N 54  
ASP N   CA   sing N N 55  
ASP N   H    sing N N 56  
ASP N   H2   sing N N 57  
ASP CA  C    sing N N 58  
ASP CA  CB   sing N N 59  
ASP CA  HA   sing N N 60  
ASP C   O    doub N N 61  
ASP C   OXT  sing N N 62  
ASP CB  CG   sing N N 63  
ASP CB  HB2  sing N N 64  
ASP CB  HB3  sing N N 65  
ASP CG  OD1  doub N N 66  
ASP CG  OD2  sing N N 67  
ASP OD2 HD2  sing N N 68  
ASP OXT HXT  sing N N 69  
CYS N   CA   sing N N 70  
CYS N   H    sing N N 71  
CYS N   H2   sing N N 72  
CYS CA  C    sing N N 73  
CYS CA  CB   sing N N 74  
CYS CA  HA   sing N N 75  
CYS C   O    doub N N 76  
CYS C   OXT  sing N N 77  
CYS CB  SG   sing N N 78  
CYS CB  HB2  sing N N 79  
CYS CB  HB3  sing N N 80  
CYS SG  HG   sing N N 81  
CYS OXT HXT  sing N N 82  
GLN N   CA   sing N N 83  
GLN N   H    sing N N 84  
GLN N   H2   sing N N 85  
GLN CA  C    sing N N 86  
GLN CA  CB   sing N N 87  
GLN CA  HA   sing N N 88  
GLN C   O    doub N N 89  
GLN C   OXT  sing N N 90  
GLN CB  CG   sing N N 91  
GLN CB  HB2  sing N N 92  
GLN CB  HB3  sing N N 93  
GLN CG  CD   sing N N 94  
GLN CG  HG2  sing N N 95  
GLN CG  HG3  sing N N 96  
GLN CD  OE1  doub N N 97  
GLN CD  NE2  sing N N 98  
GLN NE2 HE21 sing N N 99  
GLN NE2 HE22 sing N N 100 
GLN OXT HXT  sing N N 101 
GLU N   CA   sing N N 102 
GLU N   H    sing N N 103 
GLU N   H2   sing N N 104 
GLU CA  C    sing N N 105 
GLU CA  CB   sing N N 106 
GLU CA  HA   sing N N 107 
GLU C   O    doub N N 108 
GLU C   OXT  sing N N 109 
GLU CB  CG   sing N N 110 
GLU CB  HB2  sing N N 111 
GLU CB  HB3  sing N N 112 
GLU CG  CD   sing N N 113 
GLU CG  HG2  sing N N 114 
GLU CG  HG3  sing N N 115 
GLU CD  OE1  doub N N 116 
GLU CD  OE2  sing N N 117 
GLU OE2 HE2  sing N N 118 
GLU OXT HXT  sing N N 119 
GLY N   CA   sing N N 120 
GLY N   H    sing N N 121 
GLY N   H2   sing N N 122 
GLY CA  C    sing N N 123 
GLY CA  HA2  sing N N 124 
GLY CA  HA3  sing N N 125 
GLY C   O    doub N N 126 
GLY C   OXT  sing N N 127 
GLY OXT HXT  sing N N 128 
HIS N   CA   sing N N 129 
HIS N   H    sing N N 130 
HIS N   H2   sing N N 131 
HIS CA  C    sing N N 132 
HIS CA  CB   sing N N 133 
HIS CA  HA   sing N N 134 
HIS C   O    doub N N 135 
HIS C   OXT  sing N N 136 
HIS CB  CG   sing N N 137 
HIS CB  HB2  sing N N 138 
HIS CB  HB3  sing N N 139 
HIS CG  ND1  sing Y N 140 
HIS CG  CD2  doub Y N 141 
HIS ND1 CE1  doub Y N 142 
HIS ND1 HD1  sing N N 143 
HIS CD2 NE2  sing Y N 144 
HIS CD2 HD2  sing N N 145 
HIS CE1 NE2  sing Y N 146 
HIS CE1 HE1  sing N N 147 
HIS NE2 HE2  sing N N 148 
HIS OXT HXT  sing N N 149 
ILE N   CA   sing N N 150 
ILE N   H    sing N N 151 
ILE N   H2   sing N N 152 
ILE CA  C    sing N N 153 
ILE CA  CB   sing N N 154 
ILE CA  HA   sing N N 155 
ILE C   O    doub N N 156 
ILE C   OXT  sing N N 157 
ILE CB  CG1  sing N N 158 
ILE CB  CG2  sing N N 159 
ILE CB  HB   sing N N 160 
ILE CG1 CD1  sing N N 161 
ILE CG1 HG12 sing N N 162 
ILE CG1 HG13 sing N N 163 
ILE CG2 HG21 sing N N 164 
ILE CG2 HG22 sing N N 165 
ILE CG2 HG23 sing N N 166 
ILE CD1 HD11 sing N N 167 
ILE CD1 HD12 sing N N 168 
ILE CD1 HD13 sing N N 169 
ILE OXT HXT  sing N N 170 
LEU N   CA   sing N N 171 
LEU N   H    sing N N 172 
LEU N   H2   sing N N 173 
LEU CA  C    sing N N 174 
LEU CA  CB   sing N N 175 
LEU CA  HA   sing N N 176 
LEU C   O    doub N N 177 
LEU C   OXT  sing N N 178 
LEU CB  CG   sing N N 179 
LEU CB  HB2  sing N N 180 
LEU CB  HB3  sing N N 181 
LEU CG  CD1  sing N N 182 
LEU CG  CD2  sing N N 183 
LEU CG  HG   sing N N 184 
LEU CD1 HD11 sing N N 185 
LEU CD1 HD12 sing N N 186 
LEU CD1 HD13 sing N N 187 
LEU CD2 HD21 sing N N 188 
LEU CD2 HD22 sing N N 189 
LEU CD2 HD23 sing N N 190 
LEU OXT HXT  sing N N 191 
LYS N   CA   sing N N 192 
LYS N   H    sing N N 193 
LYS N   H2   sing N N 194 
LYS CA  C    sing N N 195 
LYS CA  CB   sing N N 196 
LYS CA  HA   sing N N 197 
LYS C   O    doub N N 198 
LYS C   OXT  sing N N 199 
LYS CB  CG   sing N N 200 
LYS CB  HB2  sing N N 201 
LYS CB  HB3  sing N N 202 
LYS CG  CD   sing N N 203 
LYS CG  HG2  sing N N 204 
LYS CG  HG3  sing N N 205 
LYS CD  CE   sing N N 206 
LYS CD  HD2  sing N N 207 
LYS CD  HD3  sing N N 208 
LYS CE  NZ   sing N N 209 
LYS CE  HE2  sing N N 210 
LYS CE  HE3  sing N N 211 
LYS NZ  HZ1  sing N N 212 
LYS NZ  HZ2  sing N N 213 
LYS NZ  HZ3  sing N N 214 
LYS OXT HXT  sing N N 215 
MET N   CA   sing N N 216 
MET N   H    sing N N 217 
MET N   H2   sing N N 218 
MET CA  C    sing N N 219 
MET CA  CB   sing N N 220 
MET CA  HA   sing N N 221 
MET C   O    doub N N 222 
MET C   OXT  sing N N 223 
MET CB  CG   sing N N 224 
MET CB  HB2  sing N N 225 
MET CB  HB3  sing N N 226 
MET CG  SD   sing N N 227 
MET CG  HG2  sing N N 228 
MET CG  HG3  sing N N 229 
MET SD  CE   sing N N 230 
MET CE  HE1  sing N N 231 
MET CE  HE2  sing N N 232 
MET CE  HE3  sing N N 233 
MET OXT HXT  sing N N 234 
PHE N   CA   sing N N 235 
PHE N   H    sing N N 236 
PHE N   H2   sing N N 237 
PHE CA  C    sing N N 238 
PHE CA  CB   sing N N 239 
PHE CA  HA   sing N N 240 
PHE C   O    doub N N 241 
PHE C   OXT  sing N N 242 
PHE CB  CG   sing N N 243 
PHE CB  HB2  sing N N 244 
PHE CB  HB3  sing N N 245 
PHE CG  CD1  doub Y N 246 
PHE CG  CD2  sing Y N 247 
PHE CD1 CE1  sing Y N 248 
PHE CD1 HD1  sing N N 249 
PHE CD2 CE2  doub Y N 250 
PHE CD2 HD2  sing N N 251 
PHE CE1 CZ   doub Y N 252 
PHE CE1 HE1  sing N N 253 
PHE CE2 CZ   sing Y N 254 
PHE CE2 HE2  sing N N 255 
PHE CZ  HZ   sing N N 256 
PHE OXT HXT  sing N N 257 
PRO N   CA   sing N N 258 
PRO N   CD   sing N N 259 
PRO N   H    sing N N 260 
PRO CA  C    sing N N 261 
PRO CA  CB   sing N N 262 
PRO CA  HA   sing N N 263 
PRO C   O    doub N N 264 
PRO C   OXT  sing N N 265 
PRO CB  CG   sing N N 266 
PRO CB  HB2  sing N N 267 
PRO CB  HB3  sing N N 268 
PRO CG  CD   sing N N 269 
PRO CG  HG2  sing N N 270 
PRO CG  HG3  sing N N 271 
PRO CD  HD2  sing N N 272 
PRO CD  HD3  sing N N 273 
PRO OXT HXT  sing N N 274 
SER N   CA   sing N N 275 
SER N   H    sing N N 276 
SER N   H2   sing N N 277 
SER CA  C    sing N N 278 
SER CA  CB   sing N N 279 
SER CA  HA   sing N N 280 
SER C   O    doub N N 281 
SER C   OXT  sing N N 282 
SER CB  OG   sing N N 283 
SER CB  HB2  sing N N 284 
SER CB  HB3  sing N N 285 
SER OG  HG   sing N N 286 
SER OXT HXT  sing N N 287 
THR N   CA   sing N N 288 
THR N   H    sing N N 289 
THR N   H2   sing N N 290 
THR CA  C    sing N N 291 
THR CA  CB   sing N N 292 
THR CA  HA   sing N N 293 
THR C   O    doub N N 294 
THR C   OXT  sing N N 295 
THR CB  OG1  sing N N 296 
THR CB  CG2  sing N N 297 
THR CB  HB   sing N N 298 
THR OG1 HG1  sing N N 299 
THR CG2 HG21 sing N N 300 
THR CG2 HG22 sing N N 301 
THR CG2 HG23 sing N N 302 
THR OXT HXT  sing N N 303 
TRP N   CA   sing N N 304 
TRP N   H    sing N N 305 
TRP N   H2   sing N N 306 
TRP CA  C    sing N N 307 
TRP CA  CB   sing N N 308 
TRP CA  HA   sing N N 309 
TRP C   O    doub N N 310 
TRP C   OXT  sing N N 311 
TRP CB  CG   sing N N 312 
TRP CB  HB2  sing N N 313 
TRP CB  HB3  sing N N 314 
TRP CG  CD1  doub Y N 315 
TRP CG  CD2  sing Y N 316 
TRP CD1 NE1  sing Y N 317 
TRP CD1 HD1  sing N N 318 
TRP CD2 CE2  doub Y N 319 
TRP CD2 CE3  sing Y N 320 
TRP NE1 CE2  sing Y N 321 
TRP NE1 HE1  sing N N 322 
TRP CE2 CZ2  sing Y N 323 
TRP CE3 CZ3  doub Y N 324 
TRP CE3 HE3  sing N N 325 
TRP CZ2 CH2  doub Y N 326 
TRP CZ2 HZ2  sing N N 327 
TRP CZ3 CH2  sing Y N 328 
TRP CZ3 HZ3  sing N N 329 
TRP CH2 HH2  sing N N 330 
TRP OXT HXT  sing N N 331 
TYR N   CA   sing N N 332 
TYR N   H    sing N N 333 
TYR N   H2   sing N N 334 
TYR CA  C    sing N N 335 
TYR CA  CB   sing N N 336 
TYR CA  HA   sing N N 337 
TYR C   O    doub N N 338 
TYR C   OXT  sing N N 339 
TYR CB  CG   sing N N 340 
TYR CB  HB2  sing N N 341 
TYR CB  HB3  sing N N 342 
TYR CG  CD1  doub Y N 343 
TYR CG  CD2  sing Y N 344 
TYR CD1 CE1  sing Y N 345 
TYR CD1 HD1  sing N N 346 
TYR CD2 CE2  doub Y N 347 
TYR CD2 HD2  sing N N 348 
TYR CE1 CZ   doub Y N 349 
TYR CE1 HE1  sing N N 350 
TYR CE2 CZ   sing Y N 351 
TYR CE2 HE2  sing N N 352 
TYR CZ  OH   sing N N 353 
TYR OH  HH   sing N N 354 
TYR OXT HXT  sing N N 355 
VAL N   CA   sing N N 356 
VAL N   H    sing N N 357 
VAL N   H2   sing N N 358 
VAL CA  C    sing N N 359 
VAL CA  CB   sing N N 360 
VAL CA  HA   sing N N 361 
VAL C   O    doub N N 362 
VAL C   OXT  sing N N 363 
VAL CB  CG1  sing N N 364 
VAL CB  CG2  sing N N 365 
VAL CB  HB   sing N N 366 
VAL CG1 HG11 sing N N 367 
VAL CG1 HG12 sing N N 368 
VAL CG1 HG13 sing N N 369 
VAL CG2 HG21 sing N N 370 
VAL CG2 HG22 sing N N 371 
VAL CG2 HG23 sing N N 372 
VAL OXT HXT  sing N N 373 
# 
_pdbx_audit_support.funding_organization   'European Commission' 
_pdbx_audit_support.country                'European Union' 
_pdbx_audit_support.grant_number           716058 
_pdbx_audit_support.ordinal                1 
# 
_pdbx_initial_refinement_model.id               1 
_pdbx_initial_refinement_model.entity_id_list   ? 
_pdbx_initial_refinement_model.type             'experimental model' 
_pdbx_initial_refinement_model.source_name      PDB 
_pdbx_initial_refinement_model.accession_code   5AFG 
_pdbx_initial_refinement_model.details          ? 
# 
_atom_sites.entry_id                    7AYE 
_atom_sites.Cartn_transf_matrix[1][1]   ? 
_atom_sites.Cartn_transf_matrix[1][2]   ? 
_atom_sites.Cartn_transf_matrix[1][3]   ? 
_atom_sites.Cartn_transf_matrix[2][1]   ? 
_atom_sites.Cartn_transf_matrix[2][2]   ? 
_atom_sites.Cartn_transf_matrix[2][3]   ? 
_atom_sites.Cartn_transf_matrix[3][1]   ? 
_atom_sites.Cartn_transf_matrix[3][2]   ? 
_atom_sites.Cartn_transf_matrix[3][3]   ? 
_atom_sites.Cartn_transf_vector[1]      ? 
_atom_sites.Cartn_transf_vector[2]      ? 
_atom_sites.Cartn_transf_vector[3]      ? 
_atom_sites.fract_transf_matrix[1][1]   -0.00969967 
_atom_sites.fract_transf_matrix[1][2]   0.00834581 
_atom_sites.fract_transf_matrix[1][3]   -0.00476398 
_atom_sites.fract_transf_matrix[2][1]   -0.00955580 
_atom_sites.fract_transf_matrix[2][2]   -0.00909309 
_atom_sites.fract_transf_matrix[2][3]   0.00352623 
_atom_sites.fract_transf_matrix[3][1]   -0.00080756 
_atom_sites.fract_transf_matrix[3][2]   0.00463526 
_atom_sites.fract_transf_matrix[3][3]   0.00976454 
_atom_sites.fract_transf_vector[1]      -0.361886 
_atom_sites.fract_transf_vector[2]      -0.136253 
_atom_sites.fract_transf_vector[3]      -0.106946 
_atom_sites.solution_primary            ? 
_atom_sites.solution_secondary          ? 
_atom_sites.solution_hydrogens          ? 
_atom_sites.special_details             ? 
# 
loop_
_atom_type.symbol 
C 
N 
O 
S 
# 
loop_
_atom_site.group_PDB 
_atom_site.id 
_atom_site.type_symbol 
_atom_site.label_atom_id 
_atom_site.label_alt_id 
_atom_site.label_comp_id 
_atom_site.label_asym_id 
_atom_site.label_entity_id 
_atom_site.label_seq_id 
_atom_site.pdbx_PDB_ins_code 
_atom_site.Cartn_x 
_atom_site.Cartn_y 
_atom_site.Cartn_z 
_atom_site.occupancy 
_atom_site.B_iso_or_equiv 
_atom_site.pdbx_formal_charge 
_atom_site.auth_seq_id 
_atom_site.auth_comp_id 
_atom_site.auth_asym_id 
_atom_site.auth_atom_id 
_atom_site.pdbx_PDB_model_num 
ATOM 1    N N   . GLU A 1 12  ? -6.667  -13.783 1.186   1.00 92.63  ? 11  GLU A N   1 
ATOM 2    C CA  . GLU A 1 12  ? -8.028  -14.108 0.737   1.00 102.60 ? 11  GLU A CA  1 
ATOM 3    C C   . GLU A 1 12  ? -8.423  -15.516 1.223   1.00 119.74 ? 11  GLU A C   1 
ATOM 4    O O   . GLU A 1 12  ? -9.442  -15.621 1.942   1.00 114.41 ? 11  GLU A O   1 
ATOM 5    C CB  . GLU A 1 12  ? -8.085  -13.987 -0.786  1.00 108.05 ? 11  GLU A CB  1 
ATOM 6    C CG  . GLU A 1 12  ? -9.220  -13.110 -1.285  1.00 117.50 ? 11  GLU A CG  1 
ATOM 7    C CD  . GLU A 1 12  ? -9.044  -12.667 -2.727  1.00 117.79 ? 11  GLU A CD  1 
ATOM 8    O OE1 . GLU A 1 12  ? -8.958  -13.555 -3.619  1.00 106.33 ? 11  GLU A OE1 1 
ATOM 9    O OE2 . GLU A 1 12  ? -8.956  -11.437 -2.949  1.00 98.74  ? 11  GLU A OE2 1 
ATOM 10   N N   . THR A 1 13  ? -7.650  -16.549 0.846   1.00 123.20 ? 12  THR A N   1 
ATOM 11   C CA  . THR A 1 13  ? -7.925  -18.004 1.056   1.00 119.63 ? 12  THR A CA  1 
ATOM 12   C C   . THR A 1 13  ? -6.959  -18.605 2.090   1.00 118.94 ? 12  THR A C   1 
ATOM 13   O O   . THR A 1 13  ? -5.791  -18.186 2.106   1.00 132.60 ? 12  THR A O   1 
ATOM 14   C CB  . THR A 1 13  ? -7.735  -18.779 -0.253  1.00 138.75 ? 12  THR A CB  1 
ATOM 15   O OG1 . THR A 1 13  ? -6.421  -18.416 -0.697  1.00 120.91 ? 12  THR A OG1 1 
ATOM 16   C CG2 . THR A 1 13  ? -8.813  -18.498 -1.285  1.00 129.41 ? 12  THR A CG2 1 
ATOM 17   N N   . LEU A 1 14  ? -7.396  -19.619 2.846   1.00 105.89 ? 13  LEU A N   1 
ATOM 18   C CA  . LEU A 1 14  ? -6.755  -20.068 4.123   1.00 104.82 ? 13  LEU A CA  1 
ATOM 19   C C   . LEU A 1 14  ? -5.519  -20.931 3.861   1.00 87.47  ? 13  LEU A C   1 
ATOM 20   O O   . LEU A 1 14  ? -5.614  -21.768 2.964   1.00 93.37  ? 13  LEU A O   1 
ATOM 21   C CB  . LEU A 1 14  ? -7.774  -20.869 4.942   1.00 120.07 ? 13  LEU A CB  1 
ATOM 22   C CG  . LEU A 1 14  ? -8.618  -20.057 5.922   1.00 111.60 ? 13  LEU A CG  1 
ATOM 23   C CD1 . LEU A 1 14  ? -9.913  -20.786 6.264   1.00 108.07 ? 13  LEU A CD1 1 
ATOM 24   C CD2 . LEU A 1 14  ? -7.810  -19.746 7.173   1.00 108.97 ? 13  LEU A CD2 1 
ATOM 25   N N   . VAL A 1 15  ? -4.471  -20.800 4.693   1.00 86.93  ? 14  VAL A N   1 
ATOM 26   C CA  . VAL A 1 15  ? -3.096  -21.359 4.461   1.00 88.58  ? 14  VAL A CA  1 
ATOM 27   C C   . VAL A 1 15  ? -2.332  -21.542 5.785   1.00 77.58  ? 14  VAL A C   1 
ATOM 28   O O   . VAL A 1 15  ? -2.526  -20.733 6.706   1.00 76.37  ? 14  VAL A O   1 
ATOM 29   C CB  . VAL A 1 15  ? -2.273  -20.449 3.525   1.00 108.98 ? 14  VAL A CB  1 
ATOM 30   C CG1 . VAL A 1 15  ? -2.643  -20.622 2.063   1.00 123.82 ? 14  VAL A CG1 1 
ATOM 31   C CG2 . VAL A 1 15  ? -2.380  -18.983 3.912   1.00 122.21 ? 14  VAL A CG2 1 
ATOM 32   N N   . ARG A 1 16  ? -1.432  -22.526 5.834   1.00 75.85  ? 15  ARG A N   1 
ATOM 33   C CA  . ARG A 1 16  ? -0.617  -22.894 7.023   1.00 92.01  ? 15  ARG A CA  1 
ATOM 34   C C   . ARG A 1 16  ? 0.860   -22.687 6.723   1.00 89.05  ? 15  ARG A C   1 
ATOM 35   O O   . ARG A 1 16  ? 1.487   -23.484 6.030   1.00 96.76  ? 15  ARG A O   1 
ATOM 36   C CB  . ARG A 1 16  ? -0.827  -24.353 7.432   1.00 108.69 ? 15  ARG A CB  1 
ATOM 37   C CG  . ARG A 1 16  ? 0.137   -24.855 8.505   1.00 125.38 ? 15  ARG A CG  1 
ATOM 38   C CD  . ARG A 1 16  ? -0.539  -25.529 9.697   1.00 151.16 ? 15  ARG A CD  1 
ATOM 39   N NE  . ARG A 1 16  ? -1.975  -25.769 9.509   1.00 166.54 ? 15  ARG A NE  1 
ATOM 40   C CZ  . ARG A 1 16  ? -2.892  -25.889 10.477  1.00 166.66 ? 15  ARG A CZ  1 
ATOM 41   N NH1 . ARG A 1 16  ? -4.158  -26.090 10.148  1.00 150.32 ? 15  ARG A NH1 1 
ATOM 42   N NH2 . ARG A 1 16  ? -2.565  -25.804 11.757  1.00 174.21 ? 15  ARG A NH2 1 
ATOM 43   N N   . PRO A 1 17  ? 1.443   -21.599 7.252   1.00 85.71  ? 16  PRO A N   1 
ATOM 44   C CA  . PRO A 1 17  ? 2.877   -21.327 7.138   1.00 91.43  ? 16  PRO A CA  1 
ATOM 45   C C   . PRO A 1 17  ? 3.801   -22.402 7.692   1.00 78.45  ? 16  PRO A C   1 
ATOM 46   O O   . PRO A 1 17  ? 3.479   -22.971 8.688   1.00 85.91  ? 16  PRO A O   1 
ATOM 47   C CB  . PRO A 1 17  ? 3.071   -20.096 8.023   1.00 100.74 ? 16  PRO A CB  1 
ATOM 48   C CG  . PRO A 1 17  ? 1.738   -19.390 7.904   1.00 96.70  ? 16  PRO A CG  1 
ATOM 49   C CD  . PRO A 1 17  ? 0.723   -20.514 7.925   1.00 91.15  ? 16  PRO A CD  1 
ATOM 50   N N   . LYS A 1 18  ? 4.907   -22.635 7.001   1.00 83.79  ? 17  LYS A N   1 
ATOM 51   C CA  . LYS A 1 18  ? 5.881   -23.685 7.371   1.00 92.05  ? 17  LYS A CA  1 
ATOM 52   C C   . LYS A 1 18  ? 6.547   -23.195 8.642   1.00 90.90  ? 17  LYS A C   1 
ATOM 53   O O   . LYS A 1 18  ? 6.376   -22.037 9.005   1.00 86.02  ? 17  LYS A O   1 
ATOM 54   C CB  . LYS A 1 18  ? 6.869   -23.940 6.231   1.00 96.70  ? 17  LYS A CB  1 
ATOM 55   C CG  . LYS A 1 18  ? 6.314   -24.750 5.068   1.00 88.37  ? 17  LYS A CG  1 
ATOM 56   C CD  . LYS A 1 18  ? 7.405   -25.423 4.289   1.00 95.35  ? 17  LYS A CD  1 
ATOM 57   C CE  . LYS A 1 18  ? 7.158   -25.426 2.799   1.00 107.07 ? 17  LYS A CE  1 
ATOM 58   N NZ  . LYS A 1 18  ? 8.416   -25.714 2.074   1.00 110.84 ? 17  LYS A NZ  1 
ATOM 59   N N   . PRO A 1 19  ? 7.272   -24.071 9.359   1.00 93.20  ? 18  PRO A N   1 
ATOM 60   C CA  . PRO A 1 19  ? 7.976   -23.678 10.582  1.00 105.25 ? 18  PRO A CA  1 
ATOM 61   C C   . PRO A 1 19  ? 8.648   -22.289 10.577  1.00 94.80  ? 18  PRO A C   1 
ATOM 62   O O   . PRO A 1 19  ? 8.536   -21.569 11.543  1.00 90.22  ? 18  PRO A O   1 
ATOM 63   C CB  . PRO A 1 19  ? 9.028   -24.799 10.696  1.00 106.58 ? 18  PRO A CB  1 
ATOM 64   C CG  . PRO A 1 19  ? 8.314   -26.022 10.161  1.00 108.39 ? 18  PRO A CG  1 
ATOM 65   C CD  . PRO A 1 19  ? 7.416   -25.500 9.055   1.00 96.54  ? 18  PRO A CD  1 
ATOM 66   N N   . LEU A 1 20  ? 9.344   -21.940 9.499   1.00 99.15  ? 19  LEU A N   1 
ATOM 67   C CA  . LEU A 1 20  ? 10.233  -20.751 9.467   1.00 99.32  ? 19  LEU A CA  1 
ATOM 68   C C   . LEU A 1 20  ? 9.368   -19.493 9.322   1.00 91.11  ? 19  LEU A C   1 
ATOM 69   O O   . LEU A 1 20  ? 9.415   -18.626 10.205  1.00 87.18  ? 19  LEU A O   1 
ATOM 70   C CB  . LEU A 1 20  ? 11.224  -20.923 8.310   1.00 109.64 ? 19  LEU A CB  1 
ATOM 71   C CG  . LEU A 1 20  ? 12.674  -20.498 8.565   1.00 114.28 ? 19  LEU A CG  1 
ATOM 72   C CD1 . LEU A 1 20  ? 13.017  -19.220 7.811   1.00 105.36 ? 19  LEU A CD1 1 
ATOM 73   C CD2 . LEU A 1 20  ? 12.995  -20.361 10.054  1.00 116.78 ? 19  LEU A CD2 1 
ATOM 74   N N   . LEU A 1 21  ? 8.541   -19.444 8.282   1.00 85.07  ? 20  LEU A N   1 
ATOM 75   C CA  . LEU A 1 21  ? 7.562   -18.353 8.057   1.00 81.09  ? 20  LEU A CA  1 
ATOM 76   C C   . LEU A 1 21  ? 6.629   -18.170 9.264   1.00 91.96  ? 20  LEU A C   1 
ATOM 77   O O   . LEU A 1 21  ? 6.100   -17.053 9.431   1.00 104.11 ? 20  LEU A O   1 
ATOM 78   C CB  . LEU A 1 21  ? 6.728   -18.632 6.806   1.00 72.91  ? 20  LEU A CB  1 
ATOM 79   C CG  . LEU A 1 21  ? 5.790   -17.476 6.468   1.00 76.80  ? 20  LEU A CG  1 
ATOM 80   C CD1 . LEU A 1 21  ? 6.598   -16.232 6.123   1.00 88.02  ? 20  LEU A CD1 1 
ATOM 81   C CD2 . LEU A 1 21  ? 4.818   -17.805 5.352   1.00 73.28  ? 20  LEU A CD2 1 
ATOM 82   N N   . LEU A 1 22  ? 6.376   -19.216 10.049  1.00 98.65  ? 21  LEU A N   1 
ATOM 83   C CA  . LEU A 1 22  ? 5.565   -19.094 11.286  1.00 98.76  ? 21  LEU A CA  1 
ATOM 84   C C   . LEU A 1 22  ? 6.412   -18.400 12.356  1.00 95.46  ? 21  LEU A C   1 
ATOM 85   O O   . LEU A 1 22  ? 5.847   -17.560 13.082  1.00 104.71 ? 21  LEU A O   1 
ATOM 86   C CB  . LEU A 1 22  ? 5.107   -20.483 11.746  1.00 110.58 ? 21  LEU A CB  1 
ATOM 87   C CG  . LEU A 1 22  ? 4.007   -20.506 12.807  1.00 113.04 ? 21  LEU A CG  1 
ATOM 88   C CD1 . LEU A 1 22  ? 2.672   -20.054 12.227  1.00 111.97 ? 21  LEU A CD1 1 
ATOM 89   C CD2 . LEU A 1 22  ? 3.883   -21.894 13.422  1.00 118.71 ? 21  LEU A CD2 1 
ATOM 90   N N   . LYS A 1 23  ? 7.709   -18.727 12.438  1.00 83.94  ? 22  LYS A N   1 
ATOM 91   C CA  . LYS A 1 23  ? 8.589   -18.290 13.558  1.00 93.50  ? 22  LYS A CA  1 
ATOM 92   C C   . LYS A 1 23  ? 8.757   -16.774 13.465  1.00 95.36  ? 22  LYS A C   1 
ATOM 93   O O   . LYS A 1 23  ? 8.632   -16.085 14.503  1.00 98.19  ? 22  LYS A O   1 
ATOM 94   C CB  . LYS A 1 23  ? 9.934   -19.021 13.541  1.00 96.53  ? 22  LYS A CB  1 
ATOM 95   C CG  . LYS A 1 23  ? 10.690  -18.997 14.867  1.00 106.53 ? 22  LYS A CG  1 
ATOM 96   C CD  . LYS A 1 23  ? 11.058  -20.384 15.408  1.00 120.52 ? 22  LYS A CD  1 
ATOM 97   C CE  . LYS A 1 23  ? 11.323  -20.400 16.905  1.00 124.94 ? 22  LYS A CE  1 
ATOM 98   N NZ  . LYS A 1 23  ? 10.122  -20.771 17.694  1.00 114.09 ? 22  LYS A NZ  1 
ATOM 99   N N   . LEU A 1 24  ? 8.986   -16.301 12.243  1.00 96.63  ? 23  LEU A N   1 
ATOM 100  C CA  . LEU A 1 24  ? 8.960   -14.875 11.836  1.00 92.65  ? 23  LEU A CA  1 
ATOM 101  C C   . LEU A 1 24  ? 7.598   -14.239 12.174  1.00 90.21  ? 23  LEU A C   1 
ATOM 102  O O   . LEU A 1 24  ? 7.567   -13.247 12.942  1.00 80.42  ? 23  LEU A O   1 
ATOM 103  C CB  . LEU A 1 24  ? 9.247   -14.860 10.337  1.00 93.37  ? 23  LEU A CB  1 
ATOM 104  C CG  . LEU A 1 24  ? 9.315   -13.485 9.698   1.00 115.89 ? 23  LEU A CG  1 
ATOM 105  C CD1 . LEU A 1 24  ? 10.263  -13.518 8.511   1.00 133.64 ? 23  LEU A CD1 1 
ATOM 106  C CD2 . LEU A 1 24  ? 7.935   -12.993 9.280   1.00 105.98 ? 23  LEU A CD2 1 
ATOM 107  N N   . LEU A 1 25  ? 6.507   -14.796 11.640  1.00 86.10  ? 24  LEU A N   1 
ATOM 108  C CA  . LEU A 1 25  ? 5.113   -14.300 11.834  1.00 81.42  ? 24  LEU A CA  1 
ATOM 109  C C   . LEU A 1 25  ? 4.741   -14.162 13.312  1.00 86.03  ? 24  LEU A C   1 
ATOM 110  O O   . LEU A 1 25  ? 3.990   -13.224 13.637  1.00 93.04  ? 24  LEU A O   1 
ATOM 111  C CB  . LEU A 1 25  ? 4.139   -15.253 11.150  1.00 77.71  ? 24  LEU A CB  1 
ATOM 112  C CG  . LEU A 1 25  ? 3.480   -14.699 9.894   1.00 88.67  ? 24  LEU A CG  1 
ATOM 113  C CD1 . LEU A 1 25  ? 4.421   -13.804 9.116   1.00 97.15  ? 24  LEU A CD1 1 
ATOM 114  C CD2 . LEU A 1 25  ? 2.985   -15.824 9.010   1.00 95.67  ? 24  LEU A CD2 1 
ATOM 115  N N   . LYS A 1 26  ? 5.179   -15.077 14.175  1.00 84.69  ? 25  LYS A N   1 
ATOM 116  C CA  . LYS A 1 26  ? 4.804   -14.992 15.605  1.00 94.93  ? 25  LYS A CA  1 
ATOM 117  C C   . LYS A 1 26  ? 5.556   -13.797 16.191  1.00 90.03  ? 25  LYS A C   1 
ATOM 118  O O   . LYS A 1 26  ? 5.043   -13.194 17.156  1.00 90.04  ? 25  LYS A O   1 
ATOM 119  C CB  . LYS A 1 26  ? 4.988   -16.338 16.319  1.00 114.99 ? 25  LYS A CB  1 
ATOM 120  C CG  . LYS A 1 26  ? 3.716   -17.193 16.371  1.00 135.02 ? 25  LYS A CG  1 
ATOM 121  C CD  . LYS A 1 26  ? 3.866   -18.571 17.014  1.00 148.78 ? 25  LYS A CD  1 
ATOM 122  C CE  . LYS A 1 26  ? 3.975   -18.534 18.528  1.00 150.41 ? 25  LYS A CE  1 
ATOM 123  N NZ  . LYS A 1 26  ? 4.640   -19.745 19.070  1.00 150.67 ? 25  LYS A NZ  1 
ATOM 124  N N   . SER A 1 27  ? 6.662   -13.401 15.552  1.00 92.70  ? 26  SER A N   1 
ATOM 125  C CA  . SER A 1 27  ? 7.579   -12.341 16.048  1.00 83.76  ? 26  SER A CA  1 
ATOM 126  C C   . SER A 1 27  ? 6.967   -10.955 15.860  1.00 67.96  ? 26  SER A C   1 
ATOM 127  O O   . SER A 1 27  ? 7.404   -10.099 16.569  1.00 71.31  ? 26  SER A O   1 
ATOM 128  C CB  . SER A 1 27  ? 8.958   -12.412 15.427  1.00 84.17  ? 26  SER A CB  1 
ATOM 129  O OG  . SER A 1 27  ? 9.212   -11.276 14.618  1.00 90.17  ? 26  SER A OG  1 
ATOM 130  N N   . VAL A 1 28  ? 5.999   -10.751 14.966  1.00 66.68  ? 27  VAL A N   1 
ATOM 131  C CA  . VAL A 1 28  ? 5.294   -9.442  14.812  1.00 71.93  ? 27  VAL A CA  1 
ATOM 132  C C   . VAL A 1 28  ? 3.824   -9.545  15.275  1.00 75.74  ? 27  VAL A C   1 
ATOM 133  O O   . VAL A 1 28  ? 2.936   -8.745  14.811  1.00 69.21  ? 27  VAL A O   1 
ATOM 134  C CB  . VAL A 1 28  ? 5.452   -8.916  13.379  1.00 73.22  ? 27  VAL A CB  1 
ATOM 135  C CG1 . VAL A 1 28  ? 6.868   -8.428  13.184  1.00 78.10  ? 27  VAL A CG1 1 
ATOM 136  C CG2 . VAL A 1 28  ? 5.072   -9.943  12.328  1.00 78.75  ? 27  VAL A CG2 1 
ATOM 137  N N   . GLY A 1 29  ? 3.574   -10.455 16.212  1.00 71.32  ? 28  GLY A N   1 
ATOM 138  C CA  . GLY A 1 29  ? 2.296   -10.507 16.934  1.00 89.47  ? 28  GLY A CA  1 
ATOM 139  C C   . GLY A 1 29  ? 1.196   -11.157 16.121  1.00 96.69  ? 28  GLY A C   1 
ATOM 140  O O   . GLY A 1 29  ? 0.090   -10.579 16.034  1.00 97.33  ? 28  GLY A O   1 
ATOM 141  N N   . ALA A 1 30  ? 1.471   -12.323 15.549  1.00 95.02  ? 29  ALA A N   1 
ATOM 142  C CA  . ALA A 1 30  ? 0.414   -13.251 15.101  1.00 104.79 ? 29  ALA A CA  1 
ATOM 143  C C   . ALA A 1 30  ? 0.480   -14.455 16.036  1.00 102.83 ? 29  ALA A C   1 
ATOM 144  O O   . ALA A 1 30  ? 1.598   -14.927 16.285  1.00 113.63 ? 29  ALA A O   1 
ATOM 145  C CB  . ALA A 1 30  ? 0.612   -13.612 13.654  1.00 104.60 ? 29  ALA A CB  1 
ATOM 146  N N   . GLN A 1 31  ? -0.644  -14.879 16.606  1.00 99.86  ? 30  GLN A N   1 
ATOM 147  C CA  . GLN A 1 31  ? -0.635  -16.011 17.577  1.00 111.96 ? 30  GLN A CA  1 
ATOM 148  C C   . GLN A 1 31  ? -1.227  -17.268 16.924  1.00 108.35 ? 30  GLN A C   1 
ATOM 149  O O   . GLN A 1 31  ? -1.004  -18.360 17.491  1.00 107.31 ? 30  GLN A O   1 
ATOM 150  C CB  . GLN A 1 31  ? -1.368  -15.640 18.872  1.00 120.83 ? 30  GLN A CB  1 
ATOM 151  C CG  . GLN A 1 31  ? -0.538  -14.813 19.853  1.00 113.18 ? 30  GLN A CG  1 
ATOM 152  C CD  . GLN A 1 31  ? -1.054  -13.403 20.016  1.00 120.75 ? 30  GLN A CD  1 
ATOM 153  O OE1 . GLN A 1 31  ? -2.169  -13.176 20.485  1.00 119.28 ? 30  GLN A OE1 1 
ATOM 154  N NE2 . GLN A 1 31  ? -0.233  -12.433 19.642  1.00 131.85 ? 30  GLN A NE2 1 
ATOM 155  N N   . LYS A 1 32  ? -1.901  -17.117 15.768  1.00 102.04 ? 31  LYS A N   1 
ATOM 156  C CA  . LYS A 1 32  ? -2.597  -18.200 15.014  1.00 90.49  ? 31  LYS A CA  1 
ATOM 157  C C   . LYS A 1 32  ? -1.612  -19.279 14.524  1.00 92.37  ? 31  LYS A C   1 
ATOM 158  O O   . LYS A 1 32  ? -0.380  -19.097 14.654  1.00 84.11  ? 31  LYS A O   1 
ATOM 159  C CB  . LYS A 1 32  ? -3.315  -17.641 13.781  1.00 78.21  ? 31  LYS A CB  1 
ATOM 160  C CG  . LYS A 1 32  ? -4.327  -16.545 14.053  1.00 80.05  ? 31  LYS A CG  1 
ATOM 161  C CD  . LYS A 1 32  ? -5.539  -16.573 13.132  1.00 83.89  ? 31  LYS A CD  1 
ATOM 162  C CE  . LYS A 1 32  ? -5.609  -15.415 12.158  1.00 87.20  ? 31  LYS A CE  1 
ATOM 163  N NZ  . LYS A 1 32  ? -6.465  -15.745 10.996  1.00 98.01  ? 31  LYS A NZ  1 
ATOM 164  N N   . ASP A 1 33  ? -2.148  -20.368 13.959  1.00 99.39  ? 32  ASP A N   1 
ATOM 165  C CA  . ASP A 1 33  ? -1.366  -21.365 13.178  1.00 97.25  ? 32  ASP A CA  1 
ATOM 166  C C   . ASP A 1 33  ? -1.845  -21.422 11.722  1.00 90.55  ? 32  ASP A C   1 
ATOM 167  O O   . ASP A 1 33  ? -1.141  -22.081 10.909  1.00 75.58  ? 32  ASP A O   1 
ATOM 168  C CB  . ASP A 1 33  ? -1.421  -22.732 13.849  1.00 103.55 ? 32  ASP A CB  1 
ATOM 169  C CG  . ASP A 1 33  ? -0.767  -22.702 15.212  1.00 113.84 ? 32  ASP A CG  1 
ATOM 170  O OD1 . ASP A 1 33  ? 0.222   -21.948 15.364  1.00 121.17 ? 32  ASP A OD1 1 
ATOM 171  O OD2 . ASP A 1 33  ? -1.268  -23.402 16.109  1.00 122.38 ? 32  ASP A OD2 1 
ATOM 172  N N   . THR A 1 34  ? -2.935  -20.706 11.403  1.00 82.17  ? 33  THR A N   1 
ATOM 173  C CA  . THR A 1 34  ? -3.669  -20.757 10.108  1.00 89.53  ? 33  THR A CA  1 
ATOM 174  C C   . THR A 1 34  ? -4.155  -19.346 9.744   1.00 85.76  ? 33  THR A C   1 
ATOM 175  O O   . THR A 1 34  ? -4.901  -18.753 10.545  1.00 82.35  ? 33  THR A O   1 
ATOM 176  C CB  . THR A 1 34  ? -4.822  -21.777 10.173  1.00 96.31  ? 33  THR A CB  1 
ATOM 177  O OG1 . THR A 1 34  ? -5.935  -21.222 9.465   1.00 83.36  ? 33  THR A OG1 1 
ATOM 178  C CG2 . THR A 1 34  ? -5.246  -22.140 11.586  1.00 101.11 ? 33  THR A CG2 1 
ATOM 179  N N   . TYR A 1 35  ? -3.762  -18.825 8.578   1.00 87.93  ? 34  TYR A N   1 
ATOM 180  C CA  . TYR A 1 35  ? -3.989  -17.405 8.197   1.00 85.54  ? 34  TYR A CA  1 
ATOM 181  C C   . TYR A 1 35  ? -4.689  -17.312 6.837   1.00 78.38  ? 34  TYR A C   1 
ATOM 182  O O   . TYR A 1 35  ? -4.647  -18.257 6.034   1.00 78.39  ? 34  TYR A O   1 
ATOM 183  C CB  . TYR A 1 35  ? -2.653  -16.648 8.205   1.00 86.32  ? 34  TYR A CB  1 
ATOM 184  C CG  . TYR A 1 35  ? -1.829  -16.812 9.462   1.00 85.30  ? 34  TYR A CG  1 
ATOM 185  C CD1 . TYR A 1 35  ? -0.978  -17.892 9.603   1.00 88.20  ? 34  TYR A CD1 1 
ATOM 186  C CD2 . TYR A 1 35  ? -1.892  -15.911 10.519  1.00 82.16  ? 34  TYR A CD2 1 
ATOM 187  C CE1 . TYR A 1 35  ? -0.204  -18.076 10.742  1.00 90.24  ? 34  TYR A CE1 1 
ATOM 188  C CE2 . TYR A 1 35  ? -1.129  -16.086 11.671  1.00 87.39  ? 34  TYR A CE2 1 
ATOM 189  C CZ  . TYR A 1 35  ? -0.278  -17.177 11.788  1.00 91.46  ? 34  TYR A CZ  1 
ATOM 190  O OH  . TYR A 1 35  ? 0.494   -17.419 12.896  1.00 91.47  ? 34  TYR A OH  1 
ATOM 191  N N   . THR A 1 36  ? -5.314  -16.169 6.569   1.00 77.54  ? 35  THR A N   1 
ATOM 192  C CA  . THR A 1 36  ? -5.671  -15.740 5.192   1.00 87.58  ? 35  THR A CA  1 
ATOM 193  C C   . THR A 1 36  ? -4.385  -15.250 4.513   1.00 87.07  ? 35  THR A C   1 
ATOM 194  O O   . THR A 1 36  ? -3.372  -15.117 5.206   1.00 82.18  ? 35  THR A O   1 
ATOM 195  C CB  . THR A 1 36  ? -6.808  -14.710 5.216   1.00 90.75  ? 35  THR A CB  1 
ATOM 196  O OG1 . THR A 1 36  ? -6.368  -13.453 5.735   1.00 92.02  ? 35  THR A OG1 1 
ATOM 197  C CG2 . THR A 1 36  ? -7.972  -15.194 6.049   1.00 94.00  ? 35  THR A CG2 1 
ATOM 198  N N   . MET A 1 37  ? -4.400  -15.016 3.203   1.00 90.52  ? 36  MET A N   1 
ATOM 199  C CA  . MET A 1 37  ? -3.193  -14.576 2.450   1.00 97.09  ? 36  MET A CA  1 
ATOM 200  C C   . MET A 1 37  ? -2.847  -13.147 2.877   1.00 88.90  ? 36  MET A C   1 
ATOM 201  O O   . MET A 1 37  ? -1.662  -12.908 3.249   1.00 80.46  ? 36  MET A O   1 
ATOM 202  C CB  . MET A 1 37  ? -3.419  -14.623 0.932   1.00 99.69  ? 36  MET A CB  1 
ATOM 203  C CG  . MET A 1 37  ? -2.143  -14.523 0.114   1.00 99.51  ? 36  MET A CG  1 
ATOM 204  S SD  . MET A 1 37  ? -0.973  -15.854 0.470   1.00 117.67 ? 36  MET A SD  1 
ATOM 205  C CE  . MET A 1 37  ? 0.558   -15.087 -0.070  1.00 106.15 ? 36  MET A CE  1 
ATOM 206  N N   . LYS A 1 38  ? -3.866  -12.276 2.854   1.00 85.24  ? 37  LYS A N   1 
ATOM 207  C CA  . LYS A 1 38  ? -3.765  -10.807 3.048   1.00 81.42  ? 37  LYS A CA  1 
ATOM 208  C C   . LYS A 1 38  ? -3.092  -10.561 4.402   1.00 75.14  ? 37  LYS A C   1 
ATOM 209  O O   . LYS A 1 38  ? -2.150  -9.725  4.442   1.00 81.45  ? 37  LYS A O   1 
ATOM 210  C CB  . LYS A 1 38  ? -5.140  -10.143 2.876   1.00 82.60  ? 37  LYS A CB  1 
ATOM 211  C CG  . LYS A 1 38  ? -6.051  -10.143 4.092   1.00 82.89  ? 37  LYS A CG  1 
ATOM 212  C CD  . LYS A 1 38  ? -6.764  -8.831  4.306   1.00 91.75  ? 37  LYS A CD  1 
ATOM 213  C CE  . LYS A 1 38  ? -7.470  -8.814  5.647   1.00 110.81 ? 37  LYS A CE  1 
ATOM 214  N NZ  . LYS A 1 38  ? -7.785  -7.441  6.108   1.00 115.61 ? 37  LYS A NZ  1 
ATOM 215  N N   . GLU A 1 39  ? -3.520  -11.303 5.430   1.00 65.78  ? 38  GLU A N   1 
ATOM 216  C CA  . GLU A 1 39  ? -2.838  -11.417 6.751   1.00 75.68  ? 38  GLU A CA  1 
ATOM 217  C C   . GLU A 1 39  ? -1.335  -11.684 6.560   1.00 69.76  ? 38  GLU A C   1 
ATOM 218  O O   . GLU A 1 39  ? -0.540  -10.851 6.990   1.00 84.60  ? 38  GLU A O   1 
ATOM 219  C CB  . GLU A 1 39  ? -3.422  -12.552 7.603   1.00 84.10  ? 38  GLU A CB  1 
ATOM 220  C CG  . GLU A 1 39  ? -4.900  -12.402 7.945   1.00 86.78  ? 38  GLU A CG  1 
ATOM 221  C CD  . GLU A 1 39  ? -5.362  -13.362 9.033   1.00 94.31  ? 38  GLU A CD  1 
ATOM 222  O OE1 . GLU A 1 39  ? -4.994  -14.570 8.967   1.00 85.67  ? 38  GLU A OE1 1 
ATOM 223  O OE2 . GLU A 1 39  ? -6.064  -12.894 9.969   1.00 95.19  ? 38  GLU A OE2 1 
ATOM 224  N N   . VAL A 1 40  ? -0.948  -12.811 5.963   1.00 68.27  ? 39  VAL A N   1 
ATOM 225  C CA  . VAL A 1 40  ? 0.485   -13.223 5.847   1.00 75.67  ? 39  VAL A CA  1 
ATOM 226  C C   . VAL A 1 40  ? 1.253   -12.046 5.247   1.00 82.70  ? 39  VAL A C   1 
ATOM 227  O O   . VAL A 1 40  ? 2.330   -11.671 5.793   1.00 86.14  ? 39  VAL A O   1 
ATOM 228  C CB  . VAL A 1 40  ? 0.691   -14.491 4.991   1.00 73.36  ? 39  VAL A CB  1 
ATOM 229  C CG1 . VAL A 1 40  ? 2.171   -14.863 4.838   1.00 62.66  ? 39  VAL A CG1 1 
ATOM 230  C CG2 . VAL A 1 40  ? -0.093  -15.669 5.541   1.00 76.36  ? 39  VAL A CG2 1 
ATOM 231  N N   . LEU A 1 41  ? 0.719   -11.493 4.160   1.00 67.99  ? 40  LEU A N   1 
ATOM 232  C CA  . LEU A 1 41  ? 1.335   -10.330 3.486   1.00 67.58  ? 40  LEU A CA  1 
ATOM 233  C C   . LEU A 1 41  ? 1.487   -9.181  4.490   1.00 61.65  ? 40  LEU A C   1 
ATOM 234  O O   . LEU A 1 41  ? 2.613   -8.643  4.606   1.00 69.37  ? 40  LEU A O   1 
ATOM 235  C CB  . LEU A 1 41  ? 0.478   -9.973  2.277   1.00 70.60  ? 40  LEU A CB  1 
ATOM 236  C CG  . LEU A 1 41  ? 0.588   -10.973 1.123   1.00 72.82  ? 40  LEU A CG  1 
ATOM 237  C CD1 . LEU A 1 41  ? -0.535  -10.781 0.119   1.00 82.31  ? 40  LEU A CD1 1 
ATOM 238  C CD2 . LEU A 1 41  ? 1.930   -10.847 0.422   1.00 72.93  ? 40  LEU A CD2 1 
ATOM 239  N N   . PHE A 1 42  ? 0.443   -8.896  5.264   1.00 56.21  ? 41  PHE A N   1 
ATOM 240  C CA  . PHE A 1 42  ? 0.436   -7.820  6.290   1.00 56.25  ? 41  PHE A CA  1 
ATOM 241  C C   . PHE A 1 42  ? 1.533   -8.029  7.345   1.00 56.30  ? 41  PHE A C   1 
ATOM 242  O O   . PHE A 1 42  ? 2.388   -7.125  7.574   1.00 62.63  ? 41  PHE A O   1 
ATOM 243  C CB  . PHE A 1 42  ? -0.935  -7.703  6.956   1.00 54.53  ? 41  PHE A CB  1 
ATOM 244  C CG  . PHE A 1 42  ? -0.949  -6.737  8.107   1.00 56.90  ? 41  PHE A CG  1 
ATOM 245  C CD1 . PHE A 1 42  ? -0.513  -7.131  9.367   1.00 61.84  ? 41  PHE A CD1 1 
ATOM 246  C CD2 . PHE A 1 42  ? -1.359  -5.428  7.915   1.00 59.67  ? 41  PHE A CD2 1 
ATOM 247  C CE1 . PHE A 1 42  ? -0.508  -6.241  10.428  1.00 63.93  ? 41  PHE A CE1 1 
ATOM 248  C CE2 . PHE A 1 42  ? -1.342  -4.535  8.973   1.00 65.51  ? 41  PHE A CE2 1 
ATOM 249  C CZ  . PHE A 1 42  ? -0.914  -4.945  10.224  1.00 67.47  ? 41  PHE A CZ  1 
ATOM 250  N N   . TYR A 1 43  ? 1.509   -9.163  8.029   1.00 58.49  ? 42  TYR A N   1 
ATOM 251  C CA  . TYR A 1 43  ? 2.500   -9.438  9.094   1.00 66.93  ? 42  TYR A CA  1 
ATOM 252  C C   . TYR A 1 43  ? 3.903   -9.477  8.488   1.00 66.97  ? 42  TYR A C   1 
ATOM 253  O O   . TYR A 1 43  ? 4.863   -9.359  9.249   1.00 68.97  ? 42  TYR A O   1 
ATOM 254  C CB  . TYR A 1 43  ? 2.171   -10.729 9.830   1.00 68.89  ? 42  TYR A CB  1 
ATOM 255  C CG  . TYR A 1 43  ? 0.926   -10.618 10.665  1.00 83.99  ? 42  TYR A CG  1 
ATOM 256  C CD1 . TYR A 1 43  ? 0.875   -9.781  11.765  1.00 88.42  ? 42  TYR A CD1 1 
ATOM 257  C CD2 . TYR A 1 43  ? -0.202  -11.365 10.360  1.00 92.48  ? 42  TYR A CD2 1 
ATOM 258  C CE1 . TYR A 1 43  ? -0.272  -9.695  12.539  1.00 101.37 ? 42  TYR A CE1 1 
ATOM 259  C CE2 . TYR A 1 43  ? -1.352  -11.292 11.124  1.00 87.59  ? 42  TYR A CE2 1 
ATOM 260  C CZ  . TYR A 1 43  ? -1.389  -10.450 12.215  1.00 95.51  ? 42  TYR A CZ  1 
ATOM 261  O OH  . TYR A 1 43  ? -2.537  -10.364 12.945  1.00 101.36 ? 42  TYR A OH  1 
ATOM 262  N N   . LEU A 1 44  ? 4.019   -9.676  7.173   1.00 70.41  ? 43  LEU A N   1 
ATOM 263  C CA  . LEU A 1 44  ? 5.339   -9.792  6.508   1.00 74.52  ? 43  LEU A CA  1 
ATOM 264  C C   . LEU A 1 44  ? 5.890   -8.372  6.352   1.00 82.25  ? 43  LEU A C   1 
ATOM 265  O O   . LEU A 1 44  ? 7.028   -8.121  6.895   1.00 66.73  ? 43  LEU A O   1 
ATOM 266  C CB  . LEU A 1 44  ? 5.174   -10.528 5.173   1.00 80.26  ? 43  LEU A CB  1 
ATOM 267  C CG  . LEU A 1 44  ? 6.372   -11.359 4.708   1.00 76.87  ? 43  LEU A CG  1 
ATOM 268  C CD1 . LEU A 1 44  ? 6.782   -12.367 5.758   1.00 85.52  ? 43  LEU A CD1 1 
ATOM 269  C CD2 . LEU A 1 44  ? 6.054   -12.085 3.415   1.00 74.14  ? 43  LEU A CD2 1 
ATOM 270  N N   . GLY A 1 45  ? 5.088   -7.491  5.712   1.00 72.78  ? 44  GLY A N   1 
ATOM 271  C CA  . GLY A 1 45  ? 5.319   -6.034  5.644   1.00 70.10  ? 44  GLY A CA  1 
ATOM 272  C C   . GLY A 1 45  ? 5.823   -5.494  6.983   1.00 75.27  ? 44  GLY A C   1 
ATOM 273  O O   . GLY A 1 45  ? 6.827   -4.682  7.014   1.00 71.17  ? 44  GLY A O   1 
ATOM 274  N N   . GLN A 1 46  ? 5.179   -5.939  8.063   1.00 63.29  ? 45  GLN A N   1 
ATOM 275  C CA  . GLN A 1 46  ? 5.441   -5.449  9.433   1.00 70.48  ? 45  GLN A CA  1 
ATOM 276  C C   . GLN A 1 46  ? 6.858   -5.848  9.831   1.00 71.06  ? 45  GLN A C   1 
ATOM 277  O O   . GLN A 1 46  ? 7.569   -4.991  10.407  1.00 80.73  ? 45  GLN A O   1 
ATOM 278  C CB  . GLN A 1 46  ? 4.399   -6.015  10.400  1.00 83.90  ? 45  GLN A CB  1 
ATOM 279  C CG  . GLN A 1 46  ? 2.988   -5.502  10.135  1.00 88.18  ? 45  GLN A CG  1 
ATOM 280  C CD  . GLN A 1 46  ? 2.705   -4.268  10.950  1.00 86.29  ? 45  GLN A CD  1 
ATOM 281  O OE1 . GLN A 1 46  ? 2.773   -4.305  12.177  1.00 95.06  ? 45  GLN A OE1 1 
ATOM 282  N NE2 . GLN A 1 46  ? 2.409   -3.170  10.269  1.00 83.63  ? 45  GLN A NE2 1 
ATOM 283  N N   . TYR A 1 47  ? 7.257   -7.093  9.538   1.00 67.27  ? 46  TYR A N   1 
ATOM 284  C CA  . TYR A 1 47  ? 8.583   -7.646  9.928   1.00 66.88  ? 46  TYR A CA  1 
ATOM 285  C C   . TYR A 1 47  ? 9.689   -6.784  9.318   1.00 68.29  ? 46  TYR A C   1 
ATOM 286  O O   . TYR A 1 47  ? 10.674  -6.488  9.970   1.00 73.12  ? 46  TYR A O   1 
ATOM 287  C CB  . TYR A 1 47  ? 8.720   -9.091  9.463   1.00 74.29  ? 46  TYR A CB  1 
ATOM 288  C CG  . TYR A 1 47  ? 10.035  -9.750  9.796   1.00 75.76  ? 46  TYR A CG  1 
ATOM 289  C CD1 . TYR A 1 47  ? 10.229  -10.421 10.988  1.00 79.02  ? 46  TYR A CD1 1 
ATOM 290  C CD2 . TYR A 1 47  ? 11.066  -9.759  8.885   1.00 79.61  ? 46  TYR A CD2 1 
ATOM 291  C CE1 . TYR A 1 47  ? 11.423  -11.057 11.278  1.00 83.87  ? 46  TYR A CE1 1 
ATOM 292  C CE2 . TYR A 1 47  ? 12.270  -10.383 9.158   1.00 93.27  ? 46  TYR A CE2 1 
ATOM 293  C CZ  . TYR A 1 47  ? 12.456  -11.033 10.361  1.00 92.52  ? 46  TYR A CZ  1 
ATOM 294  O OH  . TYR A 1 47  ? 13.658  -11.639 10.615  1.00 98.41  ? 46  TYR A OH  1 
ATOM 295  N N   . ILE A 1 48  ? 9.493   -6.389  8.069   1.00 68.40  ? 47  ILE A N   1 
ATOM 296  C CA  . ILE A 1 48  ? 10.438  -5.548  7.292   1.00 63.57  ? 47  ILE A CA  1 
ATOM 297  C C   . ILE A 1 48  ? 10.440  -4.157  7.922   1.00 66.73  ? 47  ILE A C   1 
ATOM 298  O O   . ILE A 1 48  ? 11.521  -3.660  8.201   1.00 83.23  ? 47  ILE A O   1 
ATOM 299  C CB  . ILE A 1 48  ? 10.046  -5.577  5.796   1.00 63.48  ? 47  ILE A CB  1 
ATOM 300  C CG1 . ILE A 1 48  ? 9.981   -7.026  5.288   1.00 57.87  ? 47  ILE A CG1 1 
ATOM 301  C CG2 . ILE A 1 48  ? 10.985  -4.714  4.951   1.00 58.37  ? 47  ILE A CG2 1 
ATOM 302  C CD1 . ILE A 1 48  ? 9.184   -7.260  4.017   1.00 56.80  ? 47  ILE A CD1 1 
ATOM 303  N N   . MET A 1 49  ? 9.278   -3.554  8.158   1.00 69.19  ? 48  MET A N   1 
ATOM 304  C CA  . MET A 1 49  ? 9.227   -2.242  8.856   1.00 73.60  ? 48  MET A CA  1 
ATOM 305  C C   . MET A 1 49  ? 9.938   -2.347  10.200  1.00 67.33  ? 48  MET A C   1 
ATOM 306  O O   . MET A 1 49  ? 10.773  -1.482  10.487  1.00 67.86  ? 48  MET A O   1 
ATOM 307  C CB  . MET A 1 49  ? 7.797   -1.760  9.090   1.00 77.57  ? 48  MET A CB  1 
ATOM 308  C CG  . MET A 1 49  ? 7.302   -0.924  7.934   1.00 88.48  ? 48  MET A CG  1 
ATOM 309  S SD  . MET A 1 49  ? 5.573   -0.482  8.087   1.00 100.56 ? 48  MET A SD  1 
ATOM 310  C CE  . MET A 1 49  ? 4.790   -1.613  6.931   1.00 84.51  ? 48  MET A CE  1 
ATOM 311  N N   . THR A 1 50  ? 9.617   -3.375  10.972  1.00 64.81  ? 49  THR A N   1 
ATOM 312  C CA  . THR A 1 50  ? 10.130  -3.590  12.350  1.00 75.68  ? 49  THR A CA  1 
ATOM 313  C C   . THR A 1 50  ? 11.665  -3.638  12.329  1.00 74.09  ? 49  THR A C   1 
ATOM 314  O O   . THR A 1 50  ? 12.272  -2.796  12.970  1.00 90.02  ? 49  THR A O   1 
ATOM 315  C CB  . THR A 1 50  ? 9.519   -4.871  12.935  1.00 77.31  ? 49  THR A CB  1 
ATOM 316  O OG1 . THR A 1 50  ? 8.105   -4.683  12.943  1.00 76.79  ? 49  THR A OG1 1 
ATOM 317  C CG2 . THR A 1 50  ? 10.014  -5.222  14.319  1.00 68.81  ? 49  THR A CG2 1 
ATOM 318  N N   . LYS A 1 51  ? 12.253  -4.580  11.597  1.00 66.09  ? 50  LYS A N   1 
ATOM 319  C CA  . LYS A 1 51  ? 13.719  -4.768  11.442  1.00 74.41  ? 50  LYS A CA  1 
ATOM 320  C C   . LYS A 1 51  ? 14.323  -3.702  10.496  1.00 83.59  ? 50  LYS A C   1 
ATOM 321  O O   . LYS A 1 51  ? 15.565  -3.680  10.337  1.00 85.12  ? 50  LYS A O   1 
ATOM 322  C CB  . LYS A 1 51  ? 13.987  -6.174  10.890  1.00 86.41  ? 50  LYS A CB  1 
ATOM 323  C CG  . LYS A 1 51  ? 13.375  -7.353  11.651  1.00 90.78  ? 50  LYS A CG  1 
ATOM 324  C CD  . LYS A 1 51  ? 14.038  -7.641  12.990  1.00 98.90  ? 50  LYS A CD  1 
ATOM 325  C CE  . LYS A 1 51  ? 15.489  -8.075  12.901  1.00 97.34  ? 50  LYS A CE  1 
ATOM 326  N NZ  . LYS A 1 51  ? 15.618  -9.500  12.520  1.00 104.77 ? 50  LYS A NZ  1 
ATOM 327  N N   . ARG A 1 52  ? 13.501  -2.883  9.831   1.00 83.41  ? 51  ARG A N   1 
ATOM 328  C CA  . ARG A 1 52  ? 13.956  -1.749  8.976   1.00 77.63  ? 51  ARG A CA  1 
ATOM 329  C C   . ARG A 1 52  ? 14.822  -2.258  7.809   1.00 75.49  ? 51  ARG A C   1 
ATOM 330  O O   . ARG A 1 52  ? 15.756  -1.550  7.397   1.00 80.16  ? 51  ARG A O   1 
ATOM 331  C CB  . ARG A 1 52  ? 14.700  -0.748  9.862   1.00 77.82  ? 51  ARG A CB  1 
ATOM 332  C CG  . ARG A 1 52  ? 13.777  0.099   10.722  1.00 79.07  ? 51  ARG A CG  1 
ATOM 333  C CD  . ARG A 1 52  ? 13.047  1.115   9.870   1.00 78.81  ? 51  ARG A CD  1 
ATOM 334  N NE  . ARG A 1 52  ? 13.972  2.122   9.368   1.00 78.73  ? 51  ARG A NE  1 
ATOM 335  C CZ  . ARG A 1 52  ? 14.453  3.128   10.090  1.00 81.15  ? 51  ARG A CZ  1 
ATOM 336  N NH1 . ARG A 1 52  ? 14.095  3.272   11.355  1.00 88.44  ? 51  ARG A NH1 1 
ATOM 337  N NH2 . ARG A 1 52  ? 15.281  4.000   9.547   1.00 86.08  ? 51  ARG A NH2 1 
ATOM 338  N N   . LEU A 1 53  ? 14.470  -3.408  7.238   1.00 68.96  ? 52  LEU A N   1 
ATOM 339  C CA  . LEU A 1 53  ? 15.249  -4.117  6.189   1.00 66.94  ? 52  LEU A CA  1 
ATOM 340  C C   . LEU A 1 53  ? 15.264  -3.359  4.865   1.00 66.70  ? 52  LEU A C   1 
ATOM 341  O O   . LEU A 1 53  ? 16.019  -3.796  3.989   1.00 76.84  ? 52  LEU A O   1 
ATOM 342  C CB  . LEU A 1 53  ? 14.618  -5.484  5.930   1.00 69.88  ? 52  LEU A CB  1 
ATOM 343  C CG  . LEU A 1 53  ? 14.623  -6.462  7.096   1.00 74.05  ? 52  LEU A CG  1 
ATOM 344  C CD1 . LEU A 1 53  ? 14.147  -7.819  6.611   1.00 74.20  ? 52  LEU A CD1 1 
ATOM 345  C CD2 . LEU A 1 53  ? 16.004  -6.560  7.733   1.00 71.28  ? 52  LEU A CD2 1 
ATOM 346  N N   . TYR A 1 54  ? 14.425  -2.334  4.698   1.00 68.25  ? 53  TYR A N   1 
ATOM 347  C CA  . TYR A 1 54  ? 14.361  -1.482  3.479   1.00 64.43  ? 53  TYR A CA  1 
ATOM 348  C C   . TYR A 1 54  ? 15.409  -0.356  3.578   1.00 64.86  ? 53  TYR A C   1 
ATOM 349  O O   . TYR A 1 54  ? 15.561  0.237   4.694   1.00 62.28  ? 53  TYR A O   1 
ATOM 350  C CB  . TYR A 1 54  ? 12.937  -0.945  3.270   1.00 69.66  ? 53  TYR A CB  1 
ATOM 351  C CG  . TYR A 1 54  ? 12.412  0.009   4.319   1.00 79.68  ? 53  TYR A CG  1 
ATOM 352  C CD1 . TYR A 1 54  ? 11.845  -0.451  5.501   1.00 80.12  ? 53  TYR A CD1 1 
ATOM 353  C CD2 . TYR A 1 54  ? 12.477  1.383   4.126   1.00 83.75  ? 53  TYR A CD2 1 
ATOM 354  C CE1 . TYR A 1 54  ? 11.365  0.428   6.460   1.00 91.70  ? 53  TYR A CE1 1 
ATOM 355  C CE2 . TYR A 1 54  ? 11.995  2.274   5.074   1.00 89.04  ? 53  TYR A CE2 1 
ATOM 356  C CZ  . TYR A 1 54  ? 11.430  1.800   6.246   1.00 93.04  ? 53  TYR A CZ  1 
ATOM 357  O OH  . TYR A 1 54  ? 10.961  2.691   7.179   1.00 85.90  ? 53  TYR A OH  1 
ATOM 358  N N   . ASP A 1 55  ? 16.109  -0.101  2.455   1.00 62.67  ? 54  ASP A N   1 
ATOM 359  C CA  . ASP A 1 55  ? 16.906  1.126   2.130   1.00 77.27  ? 54  ASP A CA  1 
ATOM 360  C C   . ASP A 1 55  ? 16.084  2.427   2.292   1.00 77.72  ? 54  ASP A C   1 
ATOM 361  O O   . ASP A 1 55  ? 15.011  2.558   1.640   1.00 71.81  ? 54  ASP A O   1 
ATOM 362  C CB  . ASP A 1 55  ? 17.481  1.079   0.703   1.00 76.82  ? 54  ASP A CB  1 
ATOM 363  C CG  . ASP A 1 55  ? 18.577  2.115   0.503   1.00 85.57  ? 54  ASP A CG  1 
ATOM 364  O OD1 . ASP A 1 55  ? 19.752  1.760   0.682   1.00 98.09  ? 54  ASP A OD1 1 
ATOM 365  O OD2 . ASP A 1 55  ? 18.246  3.285   0.253   1.00 87.89  ? 54  ASP A OD2 1 
ATOM 366  N N   . GLU A 1 56  ? 16.598  3.390   3.079   1.00 70.51  ? 55  GLU A N   1 
ATOM 367  C CA  . GLU A 1 56  ? 15.906  4.674   3.389   1.00 76.38  ? 55  GLU A CA  1 
ATOM 368  C C   . GLU A 1 56  ? 15.799  5.537   2.124   1.00 83.93  ? 55  GLU A C   1 
ATOM 369  O O   . GLU A 1 56  ? 14.814  6.323   2.031   1.00 87.13  ? 55  GLU A O   1 
ATOM 370  C CB  . GLU A 1 56  ? 16.621  5.447   4.495   1.00 68.84  ? 55  GLU A CB  1 
ATOM 371  C CG  . GLU A 1 56  ? 16.234  5.013   5.886   1.00 80.23  ? 55  GLU A CG  1 
ATOM 372  C CD  . GLU A 1 56  ? 14.864  5.520   6.294   1.00 98.32  ? 55  GLU A CD  1 
ATOM 373  O OE1 . GLU A 1 56  ? 13.969  4.669   6.478   1.00 116.63 ? 55  GLU A OE1 1 
ATOM 374  O OE2 . GLU A 1 56  ? 14.688  6.762   6.419   1.00 89.94  ? 55  GLU A OE2 1 
ATOM 375  N N   . LYS A 1 57  ? 16.766  5.421   1.205   1.00 83.95  ? 56  LYS A N   1 
ATOM 376  C CA  . LYS A 1 57  ? 16.807  6.251   -0.027  1.00 98.20  ? 56  LYS A CA  1 
ATOM 377  C C   . LYS A 1 57  ? 15.747  5.675   -0.961  1.00 89.78  ? 56  LYS A C   1 
ATOM 378  O O   . LYS A 1 57  ? 14.729  6.366   -1.161  1.00 88.20  ? 56  LYS A O   1 
ATOM 379  C CB  . LYS A 1 57  ? 18.198  6.301   -0.677  1.00 121.83 ? 56  LYS A CB  1 
ATOM 380  C CG  . LYS A 1 57  ? 19.372  6.647   0.241   1.00 133.52 ? 56  LYS A CG  1 
ATOM 381  C CD  . LYS A 1 57  ? 19.647  8.141   0.405   1.00 132.94 ? 56  LYS A CD  1 
ATOM 382  C CE  . LYS A 1 57  ? 20.212  8.507   1.764   1.00 132.82 ? 56  LYS A CE  1 
ATOM 383  N NZ  . LYS A 1 57  ? 19.156  8.513   2.809   1.00 132.62 ? 56  LYS A NZ  1 
ATOM 384  N N   . GLN A 1 58  ? 15.961  4.434   -1.429  1.00 97.21  ? 57  GLN A N   1 
ATOM 385  C CA  . GLN A 1 58  ? 15.024  3.654   -2.294  1.00 103.84 ? 57  GLN A CA  1 
ATOM 386  C C   . GLN A 1 58  ? 14.262  2.617   -1.454  1.00 83.29  ? 57  GLN A C   1 
ATOM 387  O O   . GLN A 1 58  ? 14.744  1.489   -1.296  1.00 73.02  ? 57  GLN A O   1 
ATOM 388  C CB  . GLN A 1 58  ? 15.751  3.000   -3.473  1.00 111.49 ? 57  GLN A CB  1 
ATOM 389  C CG  . GLN A 1 58  ? 15.597  3.780   -4.775  1.00 122.88 ? 57  GLN A CG  1 
ATOM 390  C CD  . GLN A 1 58  ? 16.834  4.585   -5.070  1.00 132.03 ? 57  GLN A CD  1 
ATOM 391  O OE1 . GLN A 1 58  ? 17.840  4.039   -5.513  1.00 143.22 ? 57  GLN A OE1 1 
ATOM 392  N NE2 . GLN A 1 58  ? 16.772  5.884   -4.807  1.00 142.72 ? 57  GLN A NE2 1 
ATOM 393  N N   . GLN A 1 59  ? 13.076  2.992   -0.983  1.00 67.43  ? 58  GLN A N   1 
ATOM 394  C CA  . GLN A 1 59  ? 12.365  2.269   0.088   1.00 69.13  ? 58  GLN A CA  1 
ATOM 395  C C   . GLN A 1 59  ? 11.756  0.973   -0.467  1.00 65.49  ? 58  GLN A C   1 
ATOM 396  O O   . GLN A 1 59  ? 11.369  0.105   0.345   1.00 61.00  ? 58  GLN A O   1 
ATOM 397  C CB  . GLN A 1 59  ? 11.331  3.202   0.716   1.00 67.44  ? 58  GLN A CB  1 
ATOM 398  C CG  . GLN A 1 59  ? 11.944  4.419   1.382   1.00 64.58  ? 58  GLN A CG  1 
ATOM 399  C CD  . GLN A 1 59  ? 11.313  4.708   2.722   1.00 66.55  ? 58  GLN A CD  1 
ATOM 400  O OE1 . GLN A 1 59  ? 10.155  4.397   2.951   1.00 70.42  ? 58  GLN A OE1 1 
ATOM 401  N NE2 . GLN A 1 59  ? 12.072  5.294   3.637   1.00 73.98  ? 58  GLN A NE2 1 
ATOM 402  N N   . HIS A 1 60  ? 11.675  0.837   -1.784  1.00 59.66  ? 59  HIS A N   1 
ATOM 403  C CA  . HIS A 1 60  ? 11.115  -0.364  -2.444  1.00 65.61  ? 59  HIS A CA  1 
ATOM 404  C C   . HIS A 1 60  ? 12.167  -1.468  -2.481  1.00 65.30  ? 59  HIS A C   1 
ATOM 405  O O   . HIS A 1 60  ? 11.852  -2.542  -3.018  1.00 74.76  ? 59  HIS A O   1 
ATOM 406  C CB  . HIS A 1 60  ? 10.588  -0.031  -3.845  1.00 76.80  ? 59  HIS A CB  1 
ATOM 407  C CG  . HIS A 1 60  ? 11.607  0.569   -4.759  1.00 91.59  ? 59  HIS A CG  1 
ATOM 408  N ND1 . HIS A 1 60  ? 12.459  -0.210  -5.532  1.00 84.24  ? 59  HIS A ND1 1 
ATOM 409  C CD2 . HIS A 1 60  ? 11.891  1.867   -5.034  1.00 86.71  ? 59  HIS A CD2 1 
ATOM 410  C CE1 . HIS A 1 60  ? 13.229  0.584   -6.236  1.00 91.96  ? 59  HIS A CE1 1 
ATOM 411  N NE2 . HIS A 1 60  ? 12.902  1.867   -5.941  1.00 94.56  ? 59  HIS A NE2 1 
ATOM 412  N N   . ILE A 1 61  ? 13.365  -1.222  -1.947  1.00 76.48  ? 60  ILE A N   1 
ATOM 413  C CA  . ILE A 1 61  ? 14.501  -2.204  -1.965  1.00 85.64  ? 60  ILE A CA  1 
ATOM 414  C C   . ILE A 1 61  ? 14.696  -2.812  -0.572  1.00 70.95  ? 60  ILE A C   1 
ATOM 415  O O   . ILE A 1 61  ? 14.733  -2.051  0.398   1.00 78.42  ? 60  ILE A O   1 
ATOM 416  C CB  . ILE A 1 61  ? 15.783  -1.543  -2.508  1.00 84.50  ? 60  ILE A CB  1 
ATOM 417  C CG1 . ILE A 1 61  ? 15.637  -1.288  -4.009  1.00 86.90  ? 60  ILE A CG1 1 
ATOM 418  C CG2 . ILE A 1 61  ? 17.028  -2.358  -2.176  1.00 75.15  ? 60  ILE A CG2 1 
ATOM 419  C CD1 . ILE A 1 61  ? 16.910  -0.810  -4.660  1.00 102.79 ? 60  ILE A CD1 1 
ATOM 420  N N   . VAL A 1 62  ? 14.852  -4.132  -0.491  1.00 64.89  ? 61  VAL A N   1 
ATOM 421  C CA  . VAL A 1 62  ? 14.826  -4.890  0.796   1.00 75.09  ? 61  VAL A CA  1 
ATOM 422  C C   . VAL A 1 62  ? 16.061  -5.800  0.889   1.00 73.46  ? 61  VAL A C   1 
ATOM 423  O O   . VAL A 1 62  ? 16.222  -6.653  -0.006  1.00 85.41  ? 61  VAL A O   1 
ATOM 424  C CB  . VAL A 1 62  ? 13.510  -5.688  0.917   1.00 77.65  ? 61  VAL A CB  1 
ATOM 425  C CG1 . VAL A 1 62  ? 13.484  -6.516  2.188   1.00 78.30  ? 61  VAL A CG1 1 
ATOM 426  C CG2 . VAL A 1 62  ? 12.265  -4.799  0.830   1.00 67.40  ? 61  VAL A CG2 1 
ATOM 427  N N   . TYR A 1 63  ? 16.871  -5.640  1.944   1.00 71.23  ? 62  TYR A N   1 
ATOM 428  C CA  . TYR A 1 63  ? 18.120  -6.404  2.213   1.00 73.05  ? 62  TYR A CA  1 
ATOM 429  C C   . TYR A 1 63  ? 17.866  -7.525  3.232   1.00 75.04  ? 62  TYR A C   1 
ATOM 430  O O   . TYR A 1 63  ? 17.654  -7.227  4.426   1.00 79.06  ? 62  TYR A O   1 
ATOM 431  C CB  . TYR A 1 63  ? 19.198  -5.425  2.680   1.00 73.61  ? 62  TYR A CB  1 
ATOM 432  C CG  . TYR A 1 63  ? 19.545  -4.379  1.652   1.00 81.43  ? 62  TYR A CG  1 
ATOM 433  C CD1 . TYR A 1 63  ? 19.953  -4.745  0.380   1.00 81.34  ? 62  TYR A CD1 1 
ATOM 434  C CD2 . TYR A 1 63  ? 19.458  -3.027  1.939   1.00 88.98  ? 62  TYR A CD2 1 
ATOM 435  C CE1 . TYR A 1 63  ? 20.250  -3.800  -0.584  1.00 81.79  ? 62  TYR A CE1 1 
ATOM 436  C CE2 . TYR A 1 63  ? 19.753  -2.066  0.986   1.00 90.67  ? 62  TYR A CE2 1 
ATOM 437  C CZ  . TYR A 1 63  ? 20.155  -2.456  -0.279  1.00 89.93  ? 62  TYR A CZ  1 
ATOM 438  O OH  . TYR A 1 63  ? 20.449  -1.527  -1.230  1.00 97.66  ? 62  TYR A OH  1 
ATOM 439  N N   . CYS A 1 64  ? 17.863  -8.785  2.790   1.00 80.69  ? 63  CYS A N   1 
ATOM 440  C CA  . CYS A 1 64  ? 17.547  -9.970  3.650   1.00 89.12  ? 63  CYS A CA  1 
ATOM 441  C C   . CYS A 1 64  ? 18.778  -10.864 3.848   1.00 88.63  ? 63  CYS A C   1 
ATOM 442  O O   . CYS A 1 64  ? 18.830  -11.573 4.864   1.00 84.13  ? 63  CYS A O   1 
ATOM 443  C CB  . CYS A 1 64  ? 16.397  -10.806 3.098   1.00 76.83  ? 63  CYS A CB  1 
ATOM 444  S SG  . CYS A 1 64  ? 16.177  -10.659 1.312   1.00 77.03  ? 63  CYS A SG  1 
ATOM 445  N N   . SER A 1 65  ? 19.721  -10.845 2.909   1.00 84.48  ? 64  SER A N   1 
ATOM 446  C CA  . SER A 1 65  ? 21.086  -11.364 3.128   1.00 78.28  ? 64  SER A CA  1 
ATOM 447  C C   . SER A 1 65  ? 21.435  -11.013 4.570   1.00 83.35  ? 64  SER A C   1 
ATOM 448  O O   . SER A 1 65  ? 21.167  -9.861  4.955   1.00 95.69  ? 64  SER A O   1 
ATOM 449  C CB  . SER A 1 65  ? 22.016  -10.748 2.138   1.00 75.08  ? 64  SER A CB  1 
ATOM 450  O OG  . SER A 1 65  ? 23.333  -10.720 2.640   1.00 77.56  ? 64  SER A OG  1 
ATOM 451  N N   . ASN A 1 66  ? 21.914  -11.964 5.364   1.00 81.68  ? 65  ASN A N   1 
ATOM 452  C CA  . ASN A 1 66  ? 22.176  -11.740 6.819   1.00 89.53  ? 65  ASN A CA  1 
ATOM 453  C C   . ASN A 1 66  ? 20.892  -11.644 7.645   1.00 82.96  ? 65  ASN A C   1 
ATOM 454  O O   . ASN A 1 66  ? 20.972  -11.040 8.703   1.00 83.28  ? 65  ASN A O   1 
ATOM 455  C CB  . ASN A 1 66  ? 22.910  -10.433 7.134   1.00 79.60  ? 65  ASN A CB  1 
ATOM 456  C CG  . ASN A 1 66  ? 24.374  -10.482 6.777   1.00 110.57 ? 65  ASN A CG  1 
ATOM 457  O OD1 . ASN A 1 66  ? 24.997  -11.547 6.782   1.00 109.64 ? 65  ASN A OD1 1 
ATOM 458  N ND2 . ASN A 1 66  ? 24.931  -9.325  6.467   1.00 131.25 ? 65  ASN A ND2 1 
ATOM 459  N N   . ASP A 1 67  ? 19.760  -12.195 7.198   1.00 81.00  ? 66  ASP A N   1 
ATOM 460  C CA  . ASP A 1 67  ? 18.500  -12.214 7.990   1.00 78.25  ? 66  ASP A CA  1 
ATOM 461  C C   . ASP A 1 67  ? 17.630  -13.396 7.559   1.00 76.21  ? 66  ASP A C   1 
ATOM 462  O O   . ASP A 1 67  ? 17.643  -13.772 6.379   1.00 80.13  ? 66  ASP A O   1 
ATOM 463  C CB  . ASP A 1 67  ? 17.728  -10.892 7.886   1.00 82.09  ? 66  ASP A CB  1 
ATOM 464  C CG  . ASP A 1 67  ? 16.303  -10.950 8.443   1.00 85.60  ? 66  ASP A CG  1 
ATOM 465  O OD1 . ASP A 1 67  ? 15.432  -11.567 7.776   1.00 83.55  ? 66  ASP A OD1 1 
ATOM 466  O OD2 . ASP A 1 67  ? 16.064  -10.380 9.544   1.00 72.41  ? 66  ASP A OD2 1 
ATOM 467  N N   . LEU A 1 68  ? 16.866  -13.933 8.502   1.00 75.19  ? 67  LEU A N   1 
ATOM 468  C CA  . LEU A 1 68  ? 16.004  -15.123 8.312   1.00 77.82  ? 67  LEU A CA  1 
ATOM 469  C C   . LEU A 1 68  ? 15.244  -15.043 6.987   1.00 76.99  ? 67  LEU A C   1 
ATOM 470  O O   . LEU A 1 68  ? 15.041  -16.086 6.369   1.00 82.24  ? 67  LEU A O   1 
ATOM 471  C CB  . LEU A 1 68  ? 15.019  -15.165 9.474   1.00 93.97  ? 67  LEU A CB  1 
ATOM 472  C CG  . LEU A 1 68  ? 14.540  -16.562 9.832   1.00 114.95 ? 67  LEU A CG  1 
ATOM 473  C CD1 . LEU A 1 68  ? 15.508  -17.216 10.817  1.00 125.22 ? 67  LEU A CD1 1 
ATOM 474  C CD2 . LEU A 1 68  ? 13.118  -16.508 10.381  1.00 121.22 ? 67  LEU A CD2 1 
ATOM 475  N N   . LEU A 1 69  ? 14.801  -13.847 6.598   1.00 80.97  ? 68  LEU A N   1 
ATOM 476  C CA  . LEU A 1 69  ? 13.978  -13.593 5.385   1.00 73.22  ? 68  LEU A CA  1 
ATOM 477  C C   . LEU A 1 69  ? 14.770  -13.959 4.127   1.00 78.63  ? 68  LEU A C   1 
ATOM 478  O O   . LEU A 1 69  ? 14.146  -14.367 3.127   1.00 82.52  ? 68  LEU A O   1 
ATOM 479  C CB  . LEU A 1 69  ? 13.587  -12.110 5.368   1.00 69.26  ? 68  LEU A CB  1 
ATOM 480  C CG  . LEU A 1 69  ? 12.645  -11.671 4.244   1.00 64.59  ? 68  LEU A CG  1 
ATOM 481  C CD1 . LEU A 1 69  ? 11.373  -12.522 4.210   1.00 68.68  ? 68  LEU A CD1 1 
ATOM 482  C CD2 . LEU A 1 69  ? 12.281  -10.203 4.387   1.00 58.71  ? 68  LEU A CD2 1 
ATOM 483  N N   . GLY A 1 70  ? 16.086  -13.757 4.154   1.00 78.95  ? 69  GLY A N   1 
ATOM 484  C CA  . GLY A 1 70  ? 16.972  -14.145 3.046   1.00 82.65  ? 69  GLY A CA  1 
ATOM 485  C C   . GLY A 1 70  ? 16.907  -15.642 2.828   1.00 79.03  ? 69  GLY A C   1 
ATOM 486  O O   . GLY A 1 70  ? 16.620  -16.041 1.677   1.00 78.68  ? 69  GLY A O   1 
ATOM 487  N N   . ASP A 1 71  ? 17.129  -16.416 3.905   1.00 79.13  ? 70  ASP A N   1 
ATOM 488  C CA  . ASP A 1 71  ? 17.141  -17.910 3.942   1.00 83.58  ? 70  ASP A CA  1 
ATOM 489  C C   . ASP A 1 71  ? 15.786  -18.430 3.457   1.00 78.25  ? 70  ASP A C   1 
ATOM 490  O O   . ASP A 1 71  ? 15.769  -19.388 2.662   1.00 92.61  ? 70  ASP A O   1 
ATOM 491  C CB  . ASP A 1 71  ? 17.426  -18.471 5.342   1.00 88.01  ? 70  ASP A CB  1 
ATOM 492  C CG  . ASP A 1 71  ? 18.698  -17.985 6.048   1.00 101.82 ? 70  ASP A CG  1 
ATOM 493  O OD1 . ASP A 1 71  ? 19.253  -16.928 5.635   1.00 109.32 ? 70  ASP A OD1 1 
ATOM 494  O OD2 . ASP A 1 71  ? 19.115  -18.650 7.044   1.00 90.07  ? 70  ASP A OD2 1 
ATOM 495  N N   . LEU A 1 72  ? 14.718  -17.752 3.871   1.00 81.08  ? 71  LEU A N   1 
ATOM 496  C CA  . LEU A 1 72  ? 13.284  -18.098 3.659   1.00 89.22  ? 71  LEU A CA  1 
ATOM 497  C C   . LEU A 1 72  ? 12.819  -17.807 2.231   1.00 74.59  ? 71  LEU A C   1 
ATOM 498  O O   . LEU A 1 72  ? 11.910  -18.486 1.794   1.00 74.83  ? 71  LEU A O   1 
ATOM 499  C CB  . LEU A 1 72  ? 12.460  -17.262 4.644   1.00 105.21 ? 71  LEU A CB  1 
ATOM 500  C CG  . LEU A 1 72  ? 10.962  -17.554 4.696   1.00 112.24 ? 71  LEU A CG  1 
ATOM 501  C CD1 . LEU A 1 72  ? 10.701  -19.012 5.033   1.00 111.84 ? 71  LEU A CD1 1 
ATOM 502  C CD2 . LEU A 1 72  ? 10.282  -16.641 5.707   1.00 117.79 ? 71  LEU A CD2 1 
ATOM 503  N N   . PHE A 1 73  ? 13.329  -16.744 1.612   1.00 80.27  ? 72  PHE A N   1 
ATOM 504  C CA  . PHE A 1 73  ? 13.082  -16.333 0.202   1.00 79.96  ? 72  PHE A CA  1 
ATOM 505  C C   . PHE A 1 73  ? 14.226  -16.820 -0.697  1.00 81.63  ? 72  PHE A C   1 
ATOM 506  O O   . PHE A 1 73  ? 14.023  -16.885 -1.914  1.00 80.97  ? 72  PHE A O   1 
ATOM 507  C CB  . PHE A 1 73  ? 12.973  -14.811 0.119   1.00 81.67  ? 72  PHE A CB  1 
ATOM 508  C CG  . PHE A 1 73  ? 11.639  -14.242 0.534   1.00 92.00  ? 72  PHE A CG  1 
ATOM 509  C CD1 . PHE A 1 73  ? 10.758  -14.960 1.333   1.00 96.75  ? 72  PHE A CD1 1 
ATOM 510  C CD2 . PHE A 1 73  ? 11.269  -12.963 0.141   1.00 85.85  ? 72  PHE A CD2 1 
ATOM 511  C CE1 . PHE A 1 73  ? 9.530   -14.423 1.692   1.00 88.79  ? 72  PHE A CE1 1 
ATOM 512  C CE2 . PHE A 1 73  ? 10.046  -12.428 0.508   1.00 77.22  ? 72  PHE A CE2 1 
ATOM 513  C CZ  . PHE A 1 73  ? 9.172   -13.165 1.269   1.00 78.96  ? 72  PHE A CZ  1 
ATOM 514  N N   . GLY A 1 74  ? 15.392  -17.125 -0.107  1.00 79.97  ? 73  GLY A N   1 
ATOM 515  C CA  . GLY A 1 74  ? 16.579  -17.659 -0.800  1.00 79.27  ? 73  GLY A CA  1 
ATOM 516  C C   . GLY A 1 74  ? 17.113  -16.685 -1.828  1.00 77.83  ? 73  GLY A C   1 
ATOM 517  O O   . GLY A 1 74  ? 17.426  -17.123 -2.940  1.00 85.06  ? 73  GLY A O   1 
ATOM 518  N N   . VAL A 1 75  ? 17.188  -15.402 -1.478  1.00 77.88  ? 74  VAL A N   1 
ATOM 519  C CA  . VAL A 1 75  ? 17.811  -14.333 -2.315  1.00 76.53  ? 74  VAL A CA  1 
ATOM 520  C C   . VAL A 1 75  ? 18.503  -13.335 -1.385  1.00 76.52  ? 74  VAL A C   1 
ATOM 521  O O   . VAL A 1 75  ? 18.167  -13.191 -0.217  1.00 73.46  ? 74  VAL A O   1 
ATOM 522  C CB  . VAL A 1 75  ? 16.788  -13.632 -3.229  1.00 80.58  ? 74  VAL A CB  1 
ATOM 523  C CG1 . VAL A 1 75  ? 16.222  -14.570 -4.283  1.00 82.50  ? 74  VAL A CG1 1 
ATOM 524  C CG2 . VAL A 1 75  ? 15.677  -12.967 -2.434  1.00 83.90  ? 74  VAL A CG2 1 
ATOM 525  N N   . PRO A 1 76  ? 19.521  -12.609 -1.869  1.00 79.03  ? 75  PRO A N   1 
ATOM 526  C CA  . PRO A 1 76  ? 20.257  -11.689 -1.007  1.00 76.66  ? 75  PRO A CA  1 
ATOM 527  C C   . PRO A 1 76  ? 19.470  -10.384 -0.809  1.00 72.07  ? 75  PRO A C   1 
ATOM 528  O O   . PRO A 1 76  ? 19.744  -9.639  0.114   1.00 75.61  ? 75  PRO A O   1 
ATOM 529  C CB  . PRO A 1 76  ? 21.518  -11.468 -1.850  1.00 79.36  ? 75  PRO A CB  1 
ATOM 530  C CG  . PRO A 1 76  ? 20.982  -11.463 -3.271  1.00 72.84  ? 75  PRO A CG  1 
ATOM 531  C CD  . PRO A 1 76  ? 19.978  -12.591 -3.271  1.00 74.26  ? 75  PRO A CD  1 
ATOM 532  N N   . SER A 1 77  ? 18.534  -10.119 -1.714  1.00 66.96  ? 76  SER A N   1 
ATOM 533  C CA  . SER A 1 77  ? 17.755  -8.865  -1.772  1.00 70.22  ? 76  SER A CA  1 
ATOM 534  C C   . SER A 1 77  ? 16.627  -9.051  -2.780  1.00 70.89  ? 76  SER A C   1 
ATOM 535  O O   . SER A 1 77  ? 16.662  -10.083 -3.510  1.00 67.74  ? 76  SER A O   1 
ATOM 536  C CB  . SER A 1 77  ? 18.617  -7.708  -2.163  1.00 70.58  ? 76  SER A CB  1 
ATOM 537  O OG  . SER A 1 77  ? 18.839  -7.731  -3.559  1.00 72.68  ? 76  SER A OG  1 
ATOM 538  N N   . PHE A 1 78  ? 15.696  -8.090  -2.823  1.00 63.01  ? 77  PHE A N   1 
ATOM 539  C CA  . PHE A 1 78  ? 14.608  -8.029  -3.835  1.00 69.37  ? 77  PHE A CA  1 
ATOM 540  C C   . PHE A 1 78  ? 13.966  -6.634  -3.816  1.00 72.54  ? 77  PHE A C   1 
ATOM 541  O O   . PHE A 1 78  ? 14.237  -5.871  -2.836  1.00 60.96  ? 77  PHE A O   1 
ATOM 542  C CB  . PHE A 1 78  ? 13.589  -9.148  -3.589  1.00 67.99  ? 77  PHE A CB  1 
ATOM 543  C CG  . PHE A 1 78  ? 12.801  -9.019  -2.312  1.00 76.22  ? 77  PHE A CG  1 
ATOM 544  C CD1 . PHE A 1 78  ? 11.556  -8.395  -2.303  1.00 94.36  ? 77  PHE A CD1 1 
ATOM 545  C CD2 . PHE A 1 78  ? 13.305  -9.497  -1.113  1.00 68.01  ? 77  PHE A CD2 1 
ATOM 546  C CE1 . PHE A 1 78  ? 10.824  -8.279  -1.127  1.00 86.04  ? 77  PHE A CE1 1 
ATOM 547  C CE2 . PHE A 1 78  ? 12.569  -9.388  0.056   1.00 66.14  ? 77  PHE A CE2 1 
ATOM 548  C CZ  . PHE A 1 78  ? 11.329  -8.795  0.046   1.00 74.90  ? 77  PHE A CZ  1 
ATOM 549  N N   . SER A 1 79  ? 13.170  -6.322  -4.858  1.00 72.66  ? 78  SER A N   1 
ATOM 550  C CA  . SER A 1 79  ? 12.345  -5.086  -4.998  1.00 72.00  ? 78  SER A CA  1 
ATOM 551  C C   . SER A 1 79  ? 10.883  -5.434  -4.757  1.00 69.39  ? 78  SER A C   1 
ATOM 552  O O   . SER A 1 79  ? 10.390  -6.330  -5.453  1.00 75.36  ? 78  SER A O   1 
ATOM 553  C CB  . SER A 1 79  ? 12.475  -4.446  -6.363  1.00 72.98  ? 78  SER A CB  1 
ATOM 554  O OG  . SER A 1 79  ? 11.600  -3.328  -6.498  1.00 69.64  ? 78  SER A OG  1 
ATOM 555  N N   . VAL A 1 80  ? 10.207  -4.696  -3.880  1.00 60.81  ? 79  VAL A N   1 
ATOM 556  C CA  . VAL A 1 80  ? 8.754   -4.894  -3.631  1.00 62.89  ? 79  VAL A CA  1 
ATOM 557  C C   . VAL A 1 80  ? 8.023   -4.679  -4.960  1.00 65.48  ? 79  VAL A C   1 
ATOM 558  O O   . VAL A 1 80  ? 6.865   -5.106  -5.072  1.00 76.52  ? 79  VAL A O   1 
ATOM 559  C CB  . VAL A 1 80  ? 8.198   -3.964  -2.534  1.00 58.13  ? 79  VAL A CB  1 
ATOM 560  C CG1 . VAL A 1 80  ? 6.805   -4.390  -2.127  1.00 57.30  ? 79  VAL A CG1 1 
ATOM 561  C CG2 . VAL A 1 80  ? 9.092   -3.879  -1.309  1.00 60.12  ? 79  VAL A CG2 1 
ATOM 562  N N   . LYS A 1 81  ? 8.667   -4.039  -5.937  1.00 66.07  ? 80  LYS A N   1 
ATOM 563  C CA  . LYS A 1 81  ? 8.010   -3.745  -7.234  1.00 76.39  ? 80  LYS A CA  1 
ATOM 564  C C   . LYS A 1 81  ? 7.686   -5.051  -7.967  1.00 71.84  ? 80  LYS A C   1 
ATOM 565  O O   . LYS A 1 81  ? 6.745   -5.027  -8.746  1.00 70.33  ? 80  LYS A O   1 
ATOM 566  C CB  . LYS A 1 81  ? 8.849   -2.810  -8.111  1.00 85.10  ? 80  LYS A CB  1 
ATOM 567  C CG  . LYS A 1 81  ? 8.898   -1.359  -7.642  1.00 92.49  ? 80  LYS A CG  1 
ATOM 568  C CD  . LYS A 1 81  ? 8.990   -0.331  -8.774  1.00 101.09 ? 80  LYS A CD  1 
ATOM 569  C CE  . LYS A 1 81  ? 10.019  0.760   -8.529  1.00 106.56 ? 80  LYS A CE  1 
ATOM 570  N NZ  . LYS A 1 81  ? 9.482   2.113   -8.815  1.00 106.24 ? 80  LYS A NZ  1 
ATOM 571  N N   . GLU A 1 82  ? 8.428   -6.133  -7.718  1.00 76.60  ? 81  GLU A N   1 
ATOM 572  C CA  . GLU A 1 82  ? 8.274   -7.438  -8.418  1.00 82.86  ? 81  GLU A CA  1 
ATOM 573  C C   . GLU A 1 82  ? 7.258   -8.311  -7.682  1.00 70.64  ? 81  GLU A C   1 
ATOM 574  O O   . GLU A 1 82  ? 7.668   -9.285  -7.009  1.00 64.12  ? 81  GLU A O   1 
ATOM 575  C CB  . GLU A 1 82  ? 9.604   -8.181  -8.514  1.00 99.93  ? 81  GLU A CB  1 
ATOM 576  C CG  . GLU A 1 82  ? 10.710  -7.405  -9.197  1.00 108.03 ? 81  GLU A CG  1 
ATOM 577  C CD  . GLU A 1 82  ? 12.051  -8.089  -9.009  1.00 114.01 ? 81  GLU A CD  1 
ATOM 578  O OE1 . GLU A 1 82  ? 12.556  -8.108  -7.857  1.00 111.15 ? 81  GLU A OE1 1 
ATOM 579  O OE2 . GLU A 1 82  ? 12.558  -8.646  -9.995  1.00 110.91 ? 81  GLU A OE2 1 
ATOM 580  N N   . HIS A 1 83  ? 5.981   -7.983  -7.846  1.00 63.12  ? 82  HIS A N   1 
ATOM 581  C CA  . HIS A 1 83  ? 4.842   -8.613  -7.138  1.00 72.16  ? 82  HIS A CA  1 
ATOM 582  C C   . HIS A 1 83  ? 4.911   -10.135 -7.240  1.00 78.00  ? 82  HIS A C   1 
ATOM 583  O O   . HIS A 1 83  ? 5.049   -10.798 -6.199  1.00 80.11  ? 82  HIS A O   1 
ATOM 584  C CB  . HIS A 1 83  ? 3.533   -8.034  -7.666  1.00 75.96  ? 82  HIS A CB  1 
ATOM 585  C CG  . HIS A 1 83  ? 3.351   -6.622  -7.237  1.00 81.91  ? 82  HIS A CG  1 
ATOM 586  N ND1 . HIS A 1 83  ? 2.280   -5.857  -7.647  1.00 84.95  ? 82  HIS A ND1 1 
ATOM 587  C CD2 . HIS A 1 83  ? 4.121   -5.836  -6.452  1.00 80.18  ? 82  HIS A CD2 1 
ATOM 588  C CE1 . HIS A 1 83  ? 2.381   -4.661  -7.106  1.00 95.55  ? 82  HIS A CE1 1 
ATOM 589  N NE2 . HIS A 1 83  ? 3.515   -4.621  -6.373  1.00 88.70  ? 82  HIS A NE2 1 
ATOM 590  N N   . ARG A 1 84  ? 4.862   -10.669 -8.451  1.00 91.93  ? 83  ARG A N   1 
ATOM 591  C CA  . ARG A 1 84  ? 4.700   -12.125 -8.650  1.00 97.74  ? 83  ARG A CA  1 
ATOM 592  C C   . ARG A 1 84  ? 5.827   -12.851 -7.911  1.00 88.46  ? 83  ARG A C   1 
ATOM 593  O O   . ARG A 1 84  ? 5.517   -13.742 -7.115  1.00 92.59  ? 83  ARG A O   1 
ATOM 594  C CB  . ARG A 1 84  ? 4.666   -12.469 -10.137 1.00 117.90 ? 83  ARG A CB  1 
ATOM 595  C CG  . ARG A 1 84  ? 3.770   -13.659 -10.439 1.00 138.33 ? 83  ARG A CG  1 
ATOM 596  C CD  . ARG A 1 84  ? 2.298   -13.292 -10.450 1.00 150.61 ? 83  ARG A CD  1 
ATOM 597  N NE  . ARG A 1 84  ? 1.649   -13.770 -11.664 1.00 157.14 ? 83  ARG A NE  1 
ATOM 598  C CZ  . ARG A 1 84  ? 0.351   -13.684 -11.912 1.00 150.23 ? 83  ARG A CZ  1 
ATOM 599  N NH1 . ARG A 1 84  ? -0.460  -13.131 -11.022 1.00 150.78 ? 83  ARG A NH1 1 
ATOM 600  N NH2 . ARG A 1 84  ? -0.129  -14.156 -13.050 1.00 138.22 ? 83  ARG A NH2 1 
ATOM 601  N N   . LYS A 1 85  ? 7.081   -12.466 -8.134  1.00 79.46  ? 84  LYS A N   1 
ATOM 602  C CA  . LYS A 1 85  ? 8.245   -13.160 -7.521  1.00 84.47  ? 84  LYS A CA  1 
ATOM 603  C C   . LYS A 1 85  ? 8.016   -13.321 -6.011  1.00 81.01  ? 84  LYS A C   1 
ATOM 604  O O   . LYS A 1 85  ? 8.252   -14.403 -5.468  1.00 79.46  ? 84  LYS A O   1 
ATOM 605  C CB  . LYS A 1 85  ? 9.544   -12.388 -7.776  1.00 94.92  ? 84  LYS A CB  1 
ATOM 606  C CG  . LYS A 1 85  ? 10.829  -13.115 -7.374  1.00 102.05 ? 84  LYS A CG  1 
ATOM 607  C CD  . LYS A 1 85  ? 12.107  -12.337 -7.677  1.00 109.93 ? 84  LYS A CD  1 
ATOM 608  C CE  . LYS A 1 85  ? 13.207  -13.188 -8.285  1.00 122.28 ? 84  LYS A CE  1 
ATOM 609  N NZ  . LYS A 1 85  ? 13.657  -12.642 -9.590  1.00 130.96 ? 84  LYS A NZ  1 
ATOM 610  N N   . ILE A 1 86  ? 7.596   -12.262 -5.337  1.00 73.93  ? 85  ILE A N   1 
ATOM 611  C CA  . ILE A 1 86  ? 7.465   -12.298 -3.863  1.00 70.86  ? 85  ILE A CA  1 
ATOM 612  C C   . ILE A 1 86  ? 6.330   -13.260 -3.558  1.00 67.62  ? 85  ILE A C   1 
ATOM 613  O O   . ILE A 1 86  ? 6.475   -14.051 -2.646  1.00 75.26  ? 85  ILE A O   1 
ATOM 614  C CB  . ILE A 1 86  ? 7.221   -10.887 -3.310  1.00 81.20  ? 85  ILE A CB  1 
ATOM 615  C CG1 . ILE A 1 86  ? 8.376   -9.948  -3.671  1.00 81.95  ? 85  ILE A CG1 1 
ATOM 616  C CG2 . ILE A 1 86  ? 6.957   -10.921 -1.810  1.00 78.57  ? 85  ILE A CG2 1 
ATOM 617  C CD1 . ILE A 1 86  ? 7.926   -8.558  -4.055  1.00 88.93  ? 85  ILE A CD1 1 
ATOM 618  N N   . TYR A 1 87  ? 5.231   -13.170 -4.301  1.00 76.69  ? 86  TYR A N   1 
ATOM 619  C CA  . TYR A 1 87  ? 4.033   -14.020 -4.094  1.00 74.73  ? 86  TYR A CA  1 
ATOM 620  C C   . TYR A 1 87  ? 4.481   -15.478 -4.138  1.00 82.14  ? 86  TYR A C   1 
ATOM 621  O O   . TYR A 1 87  ? 4.108   -16.206 -3.209  1.00 92.73  ? 86  TYR A O   1 
ATOM 622  C CB  . TYR A 1 87  ? 2.948   -13.716 -5.124  1.00 87.90  ? 86  TYR A CB  1 
ATOM 623  C CG  . TYR A 1 87  ? 1.971   -12.657 -4.691  1.00 90.95  ? 86  TYR A CG  1 
ATOM 624  C CD1 . TYR A 1 87  ? 0.866   -12.985 -3.930  1.00 93.10  ? 86  TYR A CD1 1 
ATOM 625  C CD2 . TYR A 1 87  ? 2.145   -11.326 -5.041  1.00 103.40 ? 86  TYR A CD2 1 
ATOM 626  C CE1 . TYR A 1 87  ? -0.042  -12.021 -3.522  1.00 102.25 ? 86  TYR A CE1 1 
ATOM 627  C CE2 . TYR A 1 87  ? 1.244   -10.348 -4.645  1.00 100.44 ? 86  TYR A CE2 1 
ATOM 628  C CZ  . TYR A 1 87  ? 0.145   -10.698 -3.880  1.00 101.11 ? 86  TYR A CZ  1 
ATOM 629  O OH  . TYR A 1 87  ? -0.756  -9.759  -3.477  1.00 102.05 ? 86  TYR A OH  1 
ATOM 630  N N   . THR A 1 88  ? 5.309   -15.863 -5.123  1.00 78.57  ? 87  THR A N   1 
ATOM 631  C CA  . THR A 1 88  ? 5.796   -17.263 -5.267  1.00 77.91  ? 87  THR A CA  1 
ATOM 632  C C   . THR A 1 88  ? 6.705   -17.615 -4.082  1.00 81.11  ? 87  THR A C   1 
ATOM 633  O O   . THR A 1 88  ? 6.498   -18.698 -3.513  1.00 92.28  ? 87  THR A O   1 
ATOM 634  C CB  . THR A 1 88  ? 6.421   -17.529 -6.635  1.00 76.67  ? 87  THR A CB  1 
ATOM 635  O OG1 . THR A 1 88  ? 7.595   -16.746 -6.814  1.00 98.19  ? 87  THR A OG1 1 
ATOM 636  C CG2 . THR A 1 88  ? 5.471   -17.203 -7.759  1.00 86.41  ? 87  THR A CG2 1 
ATOM 637  N N   . MET A 1 89  ? 7.601   -16.712 -3.671  1.00 82.17  ? 88  MET A N   1 
ATOM 638  C CA  . MET A 1 89  ? 8.555   -16.923 -2.541  1.00 85.33  ? 88  MET A CA  1 
ATOM 639  C C   . MET A 1 89  ? 7.790   -17.192 -1.248  1.00 85.84  ? 88  MET A C   1 
ATOM 640  O O   . MET A 1 89  ? 8.306   -17.912 -0.376  1.00 95.46  ? 88  MET A O   1 
ATOM 641  C CB  . MET A 1 89  ? 9.449   -15.701 -2.325  1.00 87.38  ? 88  MET A CB  1 
ATOM 642  C CG  . MET A 1 89  ? 10.410  -15.494 -3.470  1.00 92.35  ? 88  MET A CG  1 
ATOM 643  S SD  . MET A 1 89  ? 11.718  -14.325 -3.078  1.00 99.81  ? 88  MET A SD  1 
ATOM 644  C CE  . MET A 1 89  ? 11.081  -12.839 -3.850  1.00 99.49  ? 88  MET A CE  1 
ATOM 645  N N   . ILE A 1 90  ? 6.614   -16.596 -1.131  1.00 97.98  ? 89  ILE A N   1 
ATOM 646  C CA  . ILE A 1 90  ? 5.731   -16.758 0.051   1.00 106.96 ? 89  ILE A CA  1 
ATOM 647  C C   . ILE A 1 90  ? 5.134   -18.157 -0.057  1.00 107.11 ? 89  ILE A C   1 
ATOM 648  O O   . ILE A 1 90  ? 5.450   -18.989 0.831   1.00 97.41  ? 89  ILE A O   1 
ATOM 649  C CB  . ILE A 1 90  ? 4.675   -15.633 0.084   1.00 105.68 ? 89  ILE A CB  1 
ATOM 650  C CG1 . ILE A 1 90  ? 5.343   -14.278 0.312   1.00 101.30 ? 89  ILE A CG1 1 
ATOM 651  C CG2 . ILE A 1 90  ? 3.589   -15.901 1.113   1.00 104.25 ? 89  ILE A CG2 1 
ATOM 652  C CD1 . ILE A 1 90  ? 4.519   -13.127 -0.170  1.00 105.91 ? 89  ILE A CD1 1 
ATOM 653  N N   . TYR A 1 91  ? 4.375   -18.386 -1.142  1.00 101.25 ? 90  TYR A N   1 
ATOM 654  C CA  . TYR A 1 91  ? 3.574   -19.608 -1.418  1.00 88.55  ? 90  TYR A CA  1 
ATOM 655  C C   . TYR A 1 91  ? 4.487   -20.834 -1.226  1.00 98.37  ? 90  TYR A C   1 
ATOM 656  O O   . TYR A 1 91  ? 4.021   -21.846 -0.662  1.00 112.30 ? 90  TYR A O   1 
ATOM 657  C CB  . TYR A 1 91  ? 2.970   -19.535 -2.823  1.00 79.87  ? 90  TYR A CB  1 
ATOM 658  C CG  . TYR A 1 91  ? 1.782   -18.627 -3.068  1.00 91.35  ? 90  TYR A CG  1 
ATOM 659  C CD1 . TYR A 1 91  ? 0.593   -18.735 -2.357  1.00 95.32  ? 90  TYR A CD1 1 
ATOM 660  C CD2 . TYR A 1 91  ? 1.788   -17.741 -4.137  1.00 108.87 ? 90  TYR A CD2 1 
ATOM 661  C CE1 . TYR A 1 91  ? -0.522  -17.961 -2.663  1.00 101.40 ? 90  TYR A CE1 1 
ATOM 662  C CE2 . TYR A 1 91  ? 0.689   -16.953 -4.453  1.00 121.39 ? 90  TYR A CE2 1 
ATOM 663  C CZ  . TYR A 1 91  ? -0.477  -17.055 -3.714  1.00 119.96 ? 90  TYR A CZ  1 
ATOM 664  O OH  . TYR A 1 91  ? -1.536  -16.249 -4.048  1.00 116.08 ? 90  TYR A OH  1 
ATOM 665  N N   . ARG A 1 92  ? 5.765   -20.718 -1.629  1.00 92.80  ? 91  ARG A N   1 
ATOM 666  C CA  . ARG A 1 92  ? 6.859   -21.702 -1.386  1.00 89.99  ? 91  ARG A CA  1 
ATOM 667  C C   . ARG A 1 92  ? 7.105   -21.907 0.118   1.00 90.07  ? 91  ARG A C   1 
ATOM 668  O O   . ARG A 1 92  ? 8.082   -22.577 0.448   1.00 89.29  ? 91  ARG A O   1 
ATOM 669  C CB  . ARG A 1 92  ? 8.174   -21.247 -2.046  1.00 114.35 ? 91  ARG A CB  1 
ATOM 670  C CG  . ARG A 1 92  ? 8.452   -21.841 -3.428  1.00 135.87 ? 91  ARG A CG  1 
ATOM 671  C CD  . ARG A 1 92  ? 9.681   -21.311 -4.180  1.00 137.90 ? 91  ARG A CD  1 
ATOM 672  N NE  . ARG A 1 92  ? 10.959  -21.527 -3.488  1.00 147.42 ? 91  ARG A NE  1 
ATOM 673  C CZ  . ARG A 1 92  ? 11.732  -20.580 -2.927  1.00 140.05 ? 91  ARG A CZ  1 
ATOM 674  N NH1 . ARG A 1 92  ? 12.857  -20.926 -2.322  1.00 134.08 ? 91  ARG A NH1 1 
ATOM 675  N NH2 . ARG A 1 92  ? 11.399  -19.299 -2.963  1.00 123.60 ? 91  ARG A NH2 1 
ATOM 676  N N   . ASN A 1 93  ? 6.304   -21.323 1.017   1.00 104.21 ? 92  ASN A N   1 
ATOM 677  C CA  . ASN A 1 93  ? 6.437   -21.526 2.490   1.00 98.48  ? 92  ASN A CA  1 
ATOM 678  C C   . ASN A 1 93  ? 5.071   -21.777 3.134   1.00 96.35  ? 92  ASN A C   1 
ATOM 679  O O   . ASN A 1 93  ? 5.009   -21.811 4.370   1.00 96.04  ? 92  ASN A O   1 
ATOM 680  C CB  . ASN A 1 93  ? 7.135   -20.353 3.168   1.00 91.84  ? 92  ASN A CB  1 
ATOM 681  C CG  . ASN A 1 93  ? 8.560   -20.213 2.693   1.00 99.86  ? 92  ASN A CG  1 
ATOM 682  O OD1 . ASN A 1 93  ? 9.456   -20.814 3.273   1.00 97.28  ? 92  ASN A OD1 1 
ATOM 683  N ND2 . ASN A 1 93  ? 8.763   -19.442 1.635   1.00 99.90  ? 92  ASN A ND2 1 
ATOM 684  N N   . LEU A 1 94  ? 4.031   -22.009 2.337   1.00 93.45  ? 93  LEU A N   1 
ATOM 685  C CA  . LEU A 1 94  ? 2.680   -22.336 2.852   1.00 106.00 ? 93  LEU A CA  1 
ATOM 686  C C   . LEU A 1 94  ? 2.312   -23.784 2.520   1.00 109.38 ? 93  LEU A C   1 
ATOM 687  O O   . LEU A 1 94  ? 3.174   -24.540 2.031   1.00 120.11 ? 93  LEU A O   1 
ATOM 688  C CB  . LEU A 1 94  ? 1.666   -21.383 2.217   1.00 108.30 ? 93  LEU A CB  1 
ATOM 689  C CG  . LEU A 1 94  ? 2.002   -19.902 2.327   1.00 104.93 ? 93  LEU A CG  1 
ATOM 690  C CD1 . LEU A 1 94  ? 1.004   -19.076 1.540   1.00 115.27 ? 93  LEU A CD1 1 
ATOM 691  C CD2 . LEU A 1 94  ? 2.029   -19.462 3.774   1.00 99.31  ? 93  LEU A CD2 1 
ATOM 692  N N   . VAL A 1 95  ? 1.062   -24.122 2.838   1.00 100.00 ? 94  VAL A N   1 
ATOM 693  C CA  . VAL A 1 95  ? 0.251   -25.243 2.288   1.00 97.27  ? 94  VAL A CA  1 
ATOM 694  C C   . VAL A 1 95  ? -1.208  -24.803 2.461   1.00 95.23  ? 94  VAL A C   1 
ATOM 695  O O   . VAL A 1 95  ? -1.389  -23.727 3.034   1.00 99.45  ? 94  VAL A O   1 
ATOM 696  C CB  . VAL A 1 95  ? 0.579   -26.543 3.038   1.00 94.49  ? 94  VAL A CB  1 
ATOM 697  C CG1 . VAL A 1 95  ? 0.227   -26.419 4.521   1.00 92.34  ? 94  VAL A CG1 1 
ATOM 698  C CG2 . VAL A 1 95  ? -0.071  -27.764 2.385   1.00 91.37  ? 94  VAL A CG2 1 
ATOM 699  N N   . VAL A 1 96  ? -2.214  -25.571 2.031   1.00 97.85  ? 95  VAL A N   1 
ATOM 700  C CA  . VAL A 1 96  ? -3.640  -25.128 2.151   1.00 108.22 ? 95  VAL A CA  1 
ATOM 701  C C   . VAL A 1 96  ? -4.489  -26.133 2.958   1.00 113.88 ? 95  VAL A C   1 
ATOM 702  O O   . VAL A 1 96  ? -4.165  -27.332 2.953   1.00 119.87 ? 95  VAL A O   1 
ATOM 703  C CB  . VAL A 1 96  ? -4.207  -24.841 0.747   1.00 96.38  ? 95  VAL A CB  1 
ATOM 704  C CG1 . VAL A 1 96  ? -5.647  -24.337 0.786   1.00 100.65 ? 95  VAL A CG1 1 
ATOM 705  C CG2 . VAL A 1 96  ? -3.310  -23.862 -0.004  1.00 88.91  ? 95  VAL A CG2 1 
ATOM 706  N N   . VAL A 1 97  ? -5.540  -25.632 3.629   1.00 112.61 ? 96  VAL A N   1 
ATOM 707  C CA  . VAL A 1 97  ? -6.620  -26.431 4.300   1.00 135.21 ? 96  VAL A CA  1 
ATOM 708  C C   . VAL A 1 97  ? -7.290  -27.342 3.251   1.00 142.99 ? 96  VAL A C   1 
ATOM 709  O O   . VAL A 1 97  ? -8.251  -28.103 3.481   1.00 117.09 ? 96  VAL A O   1 
ATOM 710  C CB  . VAL A 1 97  ? -7.663  -25.543 5.027   1.00 134.78 ? 96  VAL A CB  1 
ATOM 711  C CG1 . VAL A 1 97  ? -7.141  -24.138 5.296   1.00 111.91 ? 96  VAL A CG1 1 
ATOM 712  C CG2 . VAL A 1 97  ? -9.024  -25.472 4.326   1.00 128.09 ? 96  VAL A CG2 1 
ATOM 713  N N   . THR B 2 10  ? -20.511 6.636   6.605   1.00 146.85 ? 10  THR B N   1 
ATOM 714  C CA  . THR B 2 10  ? -20.539 8.124   6.427   1.00 143.19 ? 10  THR B CA  1 
ATOM 715  C C   . THR B 2 10  ? -19.270 8.575   5.676   1.00 143.95 ? 10  THR B C   1 
ATOM 716  O O   . THR B 2 10  ? -19.366 9.444   4.786   1.00 135.85 ? 10  THR B O   1 
ATOM 717  C CB  . THR B 2 10  ? -20.764 8.797   7.793   1.00 131.79 ? 10  THR B CB  1 
ATOM 718  O OG1 . THR B 2 10  ? -21.633 9.918   7.618   1.00 121.85 ? 10  THR B OG1 1 
ATOM 719  C CG2 . THR B 2 10  ? -19.488 9.224   8.486   1.00 131.50 ? 10  THR B CG2 1 
ATOM 720  N N   . HIS B 2 11  ? -18.126 7.976   6.014   1.00 147.50 ? 11  HIS B N   1 
ATOM 721  C CA  . HIS B 2 11  ? -16.786 8.230   5.421   1.00 139.82 ? 11  HIS B CA  1 
ATOM 722  C C   . HIS B 2 11  ? -16.332 6.955   4.696   1.00 143.51 ? 11  HIS B C   1 
ATOM 723  O O   . HIS B 2 11  ? -16.717 5.856   5.151   1.00 155.49 ? 11  HIS B O   1 
ATOM 724  C CB  . HIS B 2 11  ? -15.802 8.675   6.520   1.00 139.01 ? 11  HIS B CB  1 
ATOM 725  C CG  . HIS B 2 11  ? -15.580 7.669   7.611   1.00 154.21 ? 11  HIS B CG  1 
ATOM 726  N ND1 . HIS B 2 11  ? -16.618 6.970   8.223   1.00 161.86 ? 11  HIS B ND1 1 
ATOM 727  C CD2 . HIS B 2 11  ? -14.447 7.254   8.225   1.00 153.79 ? 11  HIS B CD2 1 
ATOM 728  C CE1 . HIS B 2 11  ? -16.129 6.160   9.142   1.00 146.03 ? 11  HIS B CE1 1 
ATOM 729  N NE2 . HIS B 2 11  ? -14.799 6.317   9.166   1.00 151.08 ? 11  HIS B NE2 1 
ATOM 730  N N   . LEU B 2 12  ? -15.572 7.092   3.603   1.00 137.42 ? 12  LEU B N   1 
ATOM 731  C CA  . LEU B 2 12  ? -14.912 5.960   2.886   1.00 117.02 ? 12  LEU B CA  1 
ATOM 732  C C   . LEU B 2 12  ? -13.853 5.317   3.792   1.00 120.02 ? 12  LEU B C   1 
ATOM 733  O O   . LEU B 2 12  ? -13.370 5.992   4.719   1.00 123.22 ? 12  LEU B O   1 
ATOM 734  C CB  . LEU B 2 12  ? -14.252 6.468   1.602   1.00 110.26 ? 12  LEU B CB  1 
ATOM 735  C CG  . LEU B 2 12  ? -15.026 6.245   0.306   1.00 125.68 ? 12  LEU B CG  1 
ATOM 736  C CD1 . LEU B 2 12  ? -14.164 6.615   -0.892  1.00 112.18 ? 12  LEU B CD1 1 
ATOM 737  C CD2 . LEU B 2 12  ? -15.512 4.804   0.178   1.00 140.73 ? 12  LEU B CD2 1 
ATOM 738  N N   . ASN B 2 13  ? -13.499 4.056   3.531   1.00 113.33 ? 13  ASN B N   1 
ATOM 739  C CA  . ASN B 2 13  ? -12.546 3.294   4.376   1.00 108.00 ? 13  ASN B CA  1 
ATOM 740  C C   . ASN B 2 13  ? -11.229 3.241   3.606   1.00 106.97 ? 13  ASN B C   1 
ATOM 741  O O   . ASN B 2 13  ? -11.214 2.612   2.527   1.00 112.61 ? 13  ASN B O   1 
ATOM 742  C CB  . ASN B 2 13  ? -13.132 1.946   4.812   1.00 114.71 ? 13  ASN B CB  1 
ATOM 743  C CG  . ASN B 2 13  ? -14.349 2.109   5.709   1.00 119.64 ? 13  ASN B CG  1 
ATOM 744  O OD1 . ASN B 2 13  ? -14.302 2.795   6.731   1.00 105.53 ? 13  ASN B OD1 1 
ATOM 745  N ND2 . ASN B 2 13  ? -15.463 1.506   5.329   1.00 115.43 ? 13  ASN B ND2 1 
ATOM 746  N N   . PHE B 2 14  ? -10.227 3.974   4.120   1.00 101.34 ? 14  PHE B N   1 
ATOM 747  C CA  . PHE B 2 14  ? -8.846  4.160   3.594   1.00 85.65  ? 14  PHE B CA  1 
ATOM 748  C C   . PHE B 2 14  ? -7.853  3.575   4.584   1.00 77.40  ? 14  PHE B C   1 
ATOM 749  O O   . PHE B 2 14  ? -7.971  3.919   5.748   1.00 72.26  ? 14  PHE B O   1 
ATOM 750  C CB  . PHE B 2 14  ? -8.414  5.627   3.558   1.00 84.08  ? 14  PHE B CB  1 
ATOM 751  C CG  . PHE B 2 14  ? -8.925  6.454   2.408   1.00 81.73  ? 14  PHE B CG  1 
ATOM 752  C CD1 . PHE B 2 14  ? -8.231  6.510   1.215   1.00 86.88  ? 14  PHE B CD1 1 
ATOM 753  C CD2 . PHE B 2 14  ? -10.044 7.247   2.552   1.00 73.58  ? 14  PHE B CD2 1 
ATOM 754  C CE1 . PHE B 2 14  ? -8.681  7.288   0.161   1.00 86.73  ? 14  PHE B CE1 1 
ATOM 755  C CE2 . PHE B 2 14  ? -10.491 8.027   1.500   1.00 76.98  ? 14  PHE B CE2 1 
ATOM 756  C CZ  . PHE B 2 14  ? -9.818  8.043   0.307   1.00 80.37  ? 14  PHE B CZ  1 
ATOM 757  N N   . THR B 2 15  ? -6.875  2.794   4.141   1.00 80.29  ? 15  THR B N   1 
ATOM 758  C CA  . THR B 2 15  ? -5.834  2.281   5.060   1.00 78.43  ? 15  THR B CA  1 
ATOM 759  C C   . THR B 2 15  ? -4.693  3.297   5.015   1.00 75.93  ? 15  THR B C   1 
ATOM 760  O O   . THR B 2 15  ? -4.359  3.764   3.914   1.00 71.48  ? 15  THR B O   1 
ATOM 761  C CB  . THR B 2 15  ? -5.458  0.834   4.734   1.00 82.97  ? 15  THR B CB  1 
ATOM 762  O OG1 . THR B 2 15  ? -4.100  0.871   4.290   1.00 79.75  ? 15  THR B OG1 1 
ATOM 763  C CG2 . THR B 2 15  ? -6.399  0.188   3.734   1.00 76.61  ? 15  THR B CG2 1 
ATOM 764  N N   . GLN B 2 16  ? -4.181  3.673   6.183   1.00 77.69  ? 16  GLN B N   1 
ATOM 765  C CA  . GLN B 2 16  ? -3.199  4.769   6.343   1.00 74.25  ? 16  GLN B CA  1 
ATOM 766  C C   . GLN B 2 16  ? -1.826  4.213   6.012   1.00 69.91  ? 16  GLN B C   1 
ATOM 767  O O   . GLN B 2 16  ? -1.600  3.051   6.293   1.00 73.78  ? 16  GLN B O   1 
ATOM 768  C CB  . GLN B 2 16  ? -3.180  5.325   7.774   1.00 89.96  ? 16  GLN B CB  1 
ATOM 769  C CG  . GLN B 2 16  ? -4.513  5.895   8.264   1.00 94.01  ? 16  GLN B CG  1 
ATOM 770  C CD  . GLN B 2 16  ? -5.085  6.964   7.361   1.00 96.63  ? 16  GLN B CD  1 
ATOM 771  O OE1 . GLN B 2 16  ? -4.372  7.817   6.833   1.00 115.14 ? 16  GLN B OE1 1 
ATOM 772  N NE2 . GLN B 2 16  ? -6.390  6.927   7.166   1.00 86.53  ? 16  GLN B NE2 1 
ATOM 773  N N   . ILE B 2 17  ? -0.949  5.071   5.505   1.00 79.30  ? 17  ILE B N   1 
ATOM 774  C CA  . ILE B 2 17  ? 0.436   4.791   5.031   1.00 72.47  ? 17  ILE B CA  1 
ATOM 775  C C   . ILE B 2 17  ? 1.330   5.902   5.589   1.00 78.32  ? 17  ILE B C   1 
ATOM 776  O O   . ILE B 2 17  ? 0.867   7.061   5.658   1.00 87.91  ? 17  ILE B O   1 
ATOM 777  C CB  . ILE B 2 17  ? 0.407   4.746   3.485   1.00 76.65  ? 17  ILE B CB  1 
ATOM 778  C CG1 . ILE B 2 17  ? 0.252   3.318   2.971   1.00 81.23  ? 17  ILE B CG1 1 
ATOM 779  C CG2 . ILE B 2 17  ? 1.597   5.440   2.825   1.00 78.48  ? 17  ILE B CG2 1 
ATOM 780  C CD1 . ILE B 2 17  ? -1.164  2.880   2.818   1.00 89.94  ? 17  ILE B CD1 1 
ATOM 781  N N   . LYS B 2 18  ? 2.563   5.610   5.976   1.00 85.76  ? 18  LYS B N   1 
ATOM 782  C CA  . LYS B 2 18  ? 3.488   6.710   6.347   1.00 88.13  ? 18  LYS B CA  1 
ATOM 783  C C   . LYS B 2 18  ? 4.668   6.716   5.383   1.00 85.67  ? 18  LYS B C   1 
ATOM 784  O O   . LYS B 2 18  ? 4.906   7.763   4.744   1.00 108.83 ? 18  LYS B O   1 
ATOM 785  C CB  . LYS B 2 18  ? 3.963   6.610   7.798   1.00 83.68  ? 18  LYS B CB  1 
ATOM 786  C CG  . LYS B 2 18  ? 4.410   7.939   8.388   1.00 86.26  ? 18  LYS B CG  1 
ATOM 787  C CD  . LYS B 2 18  ? 3.339   9.028   8.289   1.00 96.70  ? 18  LYS B CD  1 
ATOM 788  C CE  . LYS B 2 18  ? 3.536   10.180  9.259   1.00 93.90  ? 18  LYS B CE  1 
ATOM 789  N NZ  . LYS B 2 18  ? 4.938   10.661  9.264   1.00 89.03  ? 18  LYS B NZ  1 
ATOM 790  N N   . THR B 2 19  ? 5.391   5.605   5.309   1.00 74.04  ? 19  THR B N   1 
ATOM 791  C CA  . THR B 2 19  ? 6.663   5.519   4.552   1.00 77.89  ? 19  THR B CA  1 
ATOM 792  C C   . THR B 2 19  ? 6.354   5.157   3.100   1.00 71.57  ? 19  THR B C   1 
ATOM 793  O O   . THR B 2 19  ? 5.285   4.614   2.843   1.00 79.27  ? 19  THR B O   1 
ATOM 794  C CB  . THR B 2 19  ? 7.600   4.475   5.160   1.00 76.74  ? 19  THR B CB  1 
ATOM 795  O OG1 . THR B 2 19  ? 7.021   3.223   4.807   1.00 81.80  ? 19  THR B OG1 1 
ATOM 796  C CG2 . THR B 2 19  ? 7.750   4.586   6.659   1.00 81.66  ? 19  THR B CG2 1 
ATOM 797  N N   . ALA B 2 20  ? 7.267   5.452   2.184   1.00 68.55  ? 20  ALA B N   1 
ATOM 798  C CA  . ALA B 2 20  ? 7.205   4.977   0.786   1.00 73.73  ? 20  ALA B CA  1 
ATOM 799  C C   . ALA B 2 20  ? 7.146   3.432   0.780   1.00 79.83  ? 20  ALA B C   1 
ATOM 800  O O   . ALA B 2 20  ? 6.361   2.836   -0.022  1.00 75.98  ? 20  ALA B O   1 
ATOM 801  C CB  . ALA B 2 20  ? 8.384   5.542   0.024   1.00 65.48  ? 20  ALA B CB  1 
ATOM 802  N N   . PHE B 2 21  ? 7.915   2.780   1.657   1.00 71.85  ? 21  PHE B N   1 
ATOM 803  C CA  . PHE B 2 21  ? 7.873   1.309   1.810   1.00 72.85  ? 21  PHE B CA  1 
ATOM 804  C C   . PHE B 2 21  ? 6.396   0.915   1.956   1.00 71.60  ? 21  PHE B C   1 
ATOM 805  O O   . PHE B 2 21  ? 5.882   0.197   1.075   1.00 83.55  ? 21  PHE B O   1 
ATOM 806  C CB  . PHE B 2 21  ? 8.755   0.812   2.962   1.00 76.37  ? 21  PHE B CB  1 
ATOM 807  C CG  . PHE B 2 21  ? 8.570   -0.662  3.220   1.00 79.66  ? 21  PHE B CG  1 
ATOM 808  C CD1 . PHE B 2 21  ? 9.203   -1.607  2.427   1.00 80.25  ? 21  PHE B CD1 1 
ATOM 809  C CD2 . PHE B 2 21  ? 7.684   -1.105  4.189   1.00 83.69  ? 21  PHE B CD2 1 
ATOM 810  C CE1 . PHE B 2 21  ? 8.983   -2.961  2.620   1.00 76.88  ? 21  PHE B CE1 1 
ATOM 811  C CE2 . PHE B 2 21  ? 7.489   -2.463  4.401   1.00 91.22  ? 21  PHE B CE2 1 
ATOM 812  C CZ  . PHE B 2 21  ? 8.120   -3.388  3.602   1.00 83.88  ? 21  PHE B CZ  1 
ATOM 813  N N   . ALA B 2 22  ? 5.708   1.420   2.981   1.00 61.83  ? 22  ALA B N   1 
ATOM 814  C CA  . ALA B 2 22  ? 4.297   1.064   3.267   1.00 61.49  ? 22  ALA B CA  1 
ATOM 815  C C   . ALA B 2 22  ? 3.476   1.157   1.978   1.00 62.99  ? 22  ALA B C   1 
ATOM 816  O O   . ALA B 2 22  ? 2.743   0.200   1.650   1.00 75.72  ? 22  ALA B O   1 
ATOM 817  C CB  . ALA B 2 22  ? 3.718   1.931   4.345   1.00 62.54  ? 22  ALA B CB  1 
ATOM 818  N N   . LEU B 2 23  ? 3.630   2.236   1.229   1.00 56.27  ? 23  LEU B N   1 
ATOM 819  C CA  . LEU B 2 23  ? 2.958   2.369   -0.084  1.00 61.63  ? 23  LEU B CA  1 
ATOM 820  C C   . LEU B 2 23  ? 3.301   1.171   -0.985  1.00 68.64  ? 23  LEU B C   1 
ATOM 821  O O   . LEU B 2 23  ? 2.380   0.521   -1.507  1.00 75.80  ? 23  LEU B O   1 
ATOM 822  C CB  . LEU B 2 23  ? 3.422   3.680   -0.714  1.00 62.24  ? 23  LEU B CB  1 
ATOM 823  C CG  . LEU B 2 23  ? 3.037   3.864   -2.175  1.00 60.36  ? 23  LEU B CG  1 
ATOM 824  C CD1 . LEU B 2 23  ? 1.531   3.804   -2.329  1.00 52.11  ? 23  LEU B CD1 1 
ATOM 825  C CD2 . LEU B 2 23  ? 3.603   5.172   -2.731  1.00 61.95  ? 23  LEU B CD2 1 
ATOM 826  N N   . TYR B 2 24  ? 4.587   0.904   -1.203  1.00 73.34  ? 24  TYR B N   1 
ATOM 827  C CA  . TYR B 2 24  ? 5.051   -0.164  -2.127  1.00 69.26  ? 24  TYR B CA  1 
ATOM 828  C C   . TYR B 2 24  ? 4.547   -1.526  -1.670  1.00 63.93  ? 24  TYR B C   1 
ATOM 829  O O   . TYR B 2 24  ? 4.199   -2.313  -2.545  1.00 58.47  ? 24  TYR B O   1 
ATOM 830  C CB  . TYR B 2 24  ? 6.567   -0.192  -2.206  1.00 67.96  ? 24  TYR B CB  1 
ATOM 831  C CG  . TYR B 2 24  ? 7.120   0.856   -3.130  1.00 82.82  ? 24  TYR B CG  1 
ATOM 832  C CD1 . TYR B 2 24  ? 7.163   0.631   -4.491  1.00 79.97  ? 24  TYR B CD1 1 
ATOM 833  C CD2 . TYR B 2 24  ? 7.581   2.071   -2.649  1.00 90.94  ? 24  TYR B CD2 1 
ATOM 834  C CE1 . TYR B 2 24  ? 7.675   1.580   -5.353  1.00 87.21  ? 24  TYR B CE1 1 
ATOM 835  C CE2 . TYR B 2 24  ? 8.093   3.033   -3.497  1.00 90.05  ? 24  TYR B CE2 1 
ATOM 836  C CZ  . TYR B 2 24  ? 8.142   2.782   -4.853  1.00 95.13  ? 24  TYR B CZ  1 
ATOM 837  O OH  . TYR B 2 24  ? 8.673   3.705   -5.697  1.00 114.52 ? 24  TYR B OH  1 
ATOM 838  N N   . TRP B 2 25  ? 4.534   -1.773  -0.358  1.00 63.23  ? 25  TRP B N   1 
ATOM 839  C CA  . TRP B 2 25  ? 4.008   -3.021  0.248   1.00 63.17  ? 25  TRP B CA  1 
ATOM 840  C C   . TRP B 2 25  ? 2.508   -3.095  0.000   1.00 70.86  ? 25  TRP B C   1 
ATOM 841  O O   . TRP B 2 25  ? 2.038   -4.123  -0.471  1.00 86.05  ? 25  TRP B O   1 
ATOM 842  C CB  . TRP B 2 25  ? 4.290   -3.118  1.744   1.00 61.78  ? 25  TRP B CB  1 
ATOM 843  C CG  . TRP B 2 25  ? 4.063   -4.527  2.177   1.00 70.35  ? 25  TRP B CG  1 
ATOM 844  C CD1 . TRP B 2 25  ? 2.972   -5.053  2.806   1.00 73.78  ? 25  TRP B CD1 1 
ATOM 845  C CD2 . TRP B 2 25  ? 4.932   -5.633  1.895   1.00 77.50  ? 25  TRP B CD2 1 
ATOM 846  N NE1 . TRP B 2 25  ? 3.133   -6.399  3.000   1.00 77.61  ? 25  TRP B NE1 1 
ATOM 847  C CE2 . TRP B 2 25  ? 4.322   -6.788  2.440   1.00 81.37  ? 25  TRP B CE2 1 
ATOM 848  C CE3 . TRP B 2 25  ? 6.174   -5.747  1.260   1.00 68.60  ? 25  TRP B CE3 1 
ATOM 849  C CZ2 . TRP B 2 25  ? 4.911   -8.048  2.345   1.00 74.59  ? 25  TRP B CZ2 1 
ATOM 850  C CZ3 . TRP B 2 25  ? 6.754   -6.991  1.169   1.00 68.31  ? 25  TRP B CZ3 1 
ATOM 851  C CH2 . TRP B 2 25  ? 6.130   -8.122  1.705   1.00 72.82  ? 25  TRP B CH2 1 
ATOM 852  N N   . ALA B 2 26  ? 1.794   -2.019  0.307   1.00 72.41  ? 26  ALA B N   1 
ATOM 853  C CA  . ALA B 2 26  ? 0.358   -1.862  0.001   1.00 71.24  ? 26  ALA B CA  1 
ATOM 854  C C   . ALA B 2 26  ? 0.076   -2.192  -1.471  1.00 68.19  ? 26  ALA B C   1 
ATOM 855  O O   . ALA B 2 26  ? -0.843  -2.975  -1.709  1.00 84.40  ? 26  ALA B O   1 
ATOM 856  C CB  . ALA B 2 26  ? -0.080  -0.468  0.352   1.00 84.99  ? 26  ALA B CB  1 
ATOM 857  N N   . LEU B 2 27  ? 0.826   -1.654  -2.436  1.00 68.40  ? 27  LEU B N   1 
ATOM 858  C CA  . LEU B 2 27  ? 0.601   -1.985  -3.876  1.00 74.98  ? 27  LEU B CA  1 
ATOM 859  C C   . LEU B 2 27  ? 0.733   -3.507  -4.108  1.00 76.46  ? 27  LEU B C   1 
ATOM 860  O O   . LEU B 2 27  ? 0.040   -4.053  -4.994  1.00 71.42  ? 27  LEU B O   1 
ATOM 861  C CB  . LEU B 2 27  ? 1.596   -1.203  -4.736  1.00 81.41  ? 27  LEU B CB  1 
ATOM 862  C CG  . LEU B 2 27  ? 1.473   0.322   -4.686  1.00 90.44  ? 27  LEU B CG  1 
ATOM 863  C CD1 . LEU B 2 27  ? 2.529   0.995   -5.564  1.00 81.81  ? 27  LEU B CD1 1 
ATOM 864  C CD2 . LEU B 2 27  ? 0.073   0.762   -5.098  1.00 92.18  ? 27  LEU B CD2 1 
ATOM 865  N N   . LEU B 2 28  ? 1.621   -4.173  -3.363  1.00 72.22  ? 28  LEU B N   1 
ATOM 866  C CA  . LEU B 2 28  ? 1.845   -5.633  -3.474  1.00 69.89  ? 28  LEU B CA  1 
ATOM 867  C C   . LEU B 2 28  ? 0.586   -6.318  -2.946  1.00 73.06  ? 28  LEU B C   1 
ATOM 868  O O   . LEU B 2 28  ? 0.036   -7.161  -3.669  1.00 98.06  ? 28  LEU B O   1 
ATOM 869  C CB  . LEU B 2 28  ? 3.108   -6.019  -2.695  1.00 68.40  ? 28  LEU B CB  1 
ATOM 870  C CG  . LEU B 2 28  ? 3.422   -7.511  -2.533  1.00 72.28  ? 28  LEU B CG  1 
ATOM 871  C CD1 . LEU B 2 28  ? 4.305   -8.019  -3.656  1.00 76.84  ? 28  LEU B CD1 1 
ATOM 872  C CD2 . LEU B 2 28  ? 4.107   -7.792  -1.204  1.00 72.96  ? 28  LEU B CD2 1 
ATOM 873  N N   . GLU B 2 29  ? 0.121   -5.927  -1.759  1.00 68.71  ? 29  GLU B N   1 
ATOM 874  C CA  . GLU B 2 29  ? -1.056  -6.526  -1.066  1.00 67.09  ? 29  GLU B CA  1 
ATOM 875  C C   . GLU B 2 29  ? -2.324  -6.412  -1.927  1.00 78.47  ? 29  GLU B C   1 
ATOM 876  O O   . GLU B 2 29  ? -3.101  -7.392  -1.962  1.00 97.99  ? 29  GLU B O   1 
ATOM 877  C CB  . GLU B 2 29  ? -1.263  -5.859  0.287   1.00 55.36  ? 29  GLU B CB  1 
ATOM 878  C CG  . GLU B 2 29  ? -0.093  -6.063  1.205   1.00 54.33  ? 29  GLU B CG  1 
ATOM 879  C CD  . GLU B 2 29  ? -0.337  -5.548  2.603   1.00 58.64  ? 29  GLU B CD  1 
ATOM 880  O OE1 . GLU B 2 29  ? -0.675  -4.375  2.723   1.00 67.96  ? 29  GLU B OE1 1 
ATOM 881  O OE2 . GLU B 2 29  ? -0.189  -6.321  3.564   1.00 68.39  ? 29  GLU B OE2 1 
ATOM 882  N N   . ALA B 2 30  ? -2.530  -5.278  -2.602  1.00 81.92  ? 30  ALA B N   1 
ATOM 883  C CA  . ALA B 2 30  ? -3.558  -5.121  -3.659  1.00 91.99  ? 30  ALA B CA  1 
ATOM 884  C C   . ALA B 2 30  ? -3.474  -6.293  -4.648  1.00 106.64 ? 30  ALA B C   1 
ATOM 885  O O   . ALA B 2 30  ? -4.503  -6.952  -4.874  1.00 116.29 ? 30  ALA B O   1 
ATOM 886  C CB  . ALA B 2 30  ? -3.362  -3.816  -4.382  1.00 88.95  ? 30  ALA B CB  1 
ATOM 887  N N   . GLN B 2 31  ? -2.273  -6.537  -5.187  1.00 115.07 ? 31  GLN B N   1 
ATOM 888  C CA  . GLN B 2 31  ? -2.010  -7.321  -6.423  1.00 98.35  ? 31  GLN B CA  1 
ATOM 889  C C   . GLN B 2 31  ? -3.323  -7.527  -7.166  1.00 78.73  ? 31  GLN B C   1 
ATOM 890  O O   . GLN B 2 31  ? -4.214  -8.184  -6.626  1.00 73.31  ? 31  GLN B O   1 
ATOM 891  C CB  . GLN B 2 31  ? -1.361  -8.672  -6.115  1.00 110.59 ? 31  GLN B CB  1 
ATOM 892  C CG  . GLN B 2 31  ? -1.157  -9.558  -7.341  1.00 114.13 ? 31  GLN B CG  1 
ATOM 893  C CD  . GLN B 2 31  ? -0.178  -8.980  -8.336  1.00 118.92 ? 31  GLN B CD  1 
ATOM 894  O OE1 . GLN B 2 31  ? -0.204  -7.793  -8.650  1.00 118.45 ? 31  GLN B OE1 1 
ATOM 895  N NE2 . GLN B 2 31  ? 0.699   -9.826  -8.855  1.00 138.04 ? 31  GLN B NE2 1 
ATOM 896  N N   . GLY B 2 32  ? -3.426  -6.971  -8.361  1.00 82.21  ? 32  GLY B N   1 
ATOM 897  C CA  . GLY B 2 32  ? -4.609  -7.138  -9.218  1.00 98.41  ? 32  GLY B CA  1 
ATOM 898  C C   . GLY B 2 32  ? -5.575  -5.983  -9.079  1.00 97.74  ? 32  GLY B C   1 
ATOM 899  O O   . GLY B 2 32  ? -5.853  -5.351  -10.108 1.00 126.17 ? 32  GLY B O   1 
ATOM 900  N N   . LYS B 2 33  ? -6.089  -5.713  -7.877  1.00 92.96  ? 33  LYS B N   1 
ATOM 901  C CA  . LYS B 2 33  ? -7.067  -4.608  -7.683  1.00 95.59  ? 33  LYS B CA  1 
ATOM 902  C C   . LYS B 2 33  ? -6.396  -3.311  -8.137  1.00 91.96  ? 33  LYS B C   1 
ATOM 903  O O   . LYS B 2 33  ? -5.183  -3.156  -8.011  1.00 94.98  ? 33  LYS B O   1 
ATOM 904  C CB  . LYS B 2 33  ? -7.557  -4.568  -6.229  1.00 101.84 ? 33  LYS B CB  1 
ATOM 905  C CG  . LYS B 2 33  ? -8.299  -5.816  -5.763  1.00 100.12 ? 33  LYS B CG  1 
ATOM 906  C CD  . LYS B 2 33  ? -8.175  -6.100  -4.280  1.00 106.22 ? 33  LYS B CD  1 
ATOM 907  C CE  . LYS B 2 33  ? -8.038  -7.576  -3.953  1.00 115.73 ? 33  LYS B CE  1 
ATOM 908  N NZ  . LYS B 2 33  ? -7.187  -7.822  -2.757  1.00 111.17 ? 33  LYS B NZ  1 
ATOM 909  N N   . PRO B 2 34  ? -7.144  -2.340  -8.701  1.00 83.62  ? 34  PRO B N   1 
ATOM 910  C CA  . PRO B 2 34  ? -6.568  -1.042  -9.031  1.00 80.56  ? 34  PRO B CA  1 
ATOM 911  C C   . PRO B 2 34  ? -6.500  -0.253  -7.716  1.00 85.18  ? 34  PRO B C   1 
ATOM 912  O O   . PRO B 2 34  ? -7.278  -0.566  -6.815  1.00 87.56  ? 34  PRO B O   1 
ATOM 913  C CB  . PRO B 2 34  ? -7.561  -0.399  -10.006 1.00 85.96  ? 34  PRO B CB  1 
ATOM 914  C CG  . PRO B 2 34  ? -8.833  -1.251  -9.915  1.00 92.11  ? 34  PRO B CG  1 
ATOM 915  C CD  . PRO B 2 34  ? -8.592  -2.384  -8.930  1.00 83.89  ? 34  PRO B CD  1 
ATOM 916  N N   . VAL B 2 35  ? -5.613  0.738   -7.608  1.00 82.02  ? 35  VAL B N   1 
ATOM 917  C CA  . VAL B 2 35  ? -5.402  1.457   -6.316  1.00 81.89  ? 35  VAL B CA  1 
ATOM 918  C C   . VAL B 2 35  ? -5.566  2.972   -6.496  1.00 84.13  ? 35  VAL B C   1 
ATOM 919  O O   . VAL B 2 35  ? -5.238  3.507   -7.582  1.00 92.23  ? 35  VAL B O   1 
ATOM 920  C CB  . VAL B 2 35  ? -4.043  1.076   -5.703  1.00 86.06  ? 35  VAL B CB  1 
ATOM 921  C CG1 . VAL B 2 35  ? -3.630  2.003   -4.566  1.00 90.08  ? 35  VAL B CG1 1 
ATOM 922  C CG2 . VAL B 2 35  ? -4.054  -0.363  -5.222  1.00 81.28  ? 35  VAL B CG2 1 
ATOM 923  N N   . MET B 2 36  ? -6.082  3.627   -5.452  1.00 83.12  ? 36  MET B N   1 
ATOM 924  C CA  . MET B 2 36  ? -6.145  5.108   -5.329  1.00 80.25  ? 36  MET B CA  1 
ATOM 925  C C   . MET B 2 36  ? -5.444  5.533   -4.032  1.00 76.71  ? 36  MET B C   1 
ATOM 926  O O   . MET B 2 36  ? -5.690  4.902   -2.962  1.00 69.84  ? 36  MET B O   1 
ATOM 927  C CB  . MET B 2 36  ? -7.590  5.617   -5.324  1.00 86.26  ? 36  MET B CB  1 
ATOM 928  C CG  . MET B 2 36  ? -7.700  7.124   -5.151  1.00 89.29  ? 36  MET B CG  1 
ATOM 929  S SD  . MET B 2 36  ? -9.294  7.665   -4.483  1.00 81.39  ? 36  MET B SD  1 
ATOM 930  C CE  . MET B 2 36  ? -10.186 7.757   -6.024  1.00 83.92  ? 36  MET B CE  1 
ATOM 931  N N   . LEU B 2 37  ? -4.601  6.568   -4.143  1.00 86.14  ? 37  LEU B N   1 
ATOM 932  C CA  . LEU B 2 37  ? -3.799  7.158   -3.039  1.00 79.12  ? 37  LEU B CA  1 
ATOM 933  C C   . LEU B 2 37  ? -4.200  8.613   -2.863  1.00 73.42  ? 37  LEU B C   1 
ATOM 934  O O   . LEU B 2 37  ? -3.898  9.387   -3.751  1.00 80.00  ? 37  LEU B O   1 
ATOM 935  C CB  . LEU B 2 37  ? -2.314  7.092   -3.389  1.00 75.21  ? 37  LEU B CB  1 
ATOM 936  C CG  . LEU B 2 37  ? -1.402  7.645   -2.299  1.00 78.97  ? 37  LEU B CG  1 
ATOM 937  C CD1 . LEU B 2 37  ? -1.798  7.124   -0.920  1.00 76.56  ? 37  LEU B CD1 1 
ATOM 938  C CD2 . LEU B 2 37  ? 0.047   7.306   -2.600  1.00 79.29  ? 37  LEU B CD2 1 
ATOM 939  N N   . ASP B 2 38  ? -4.876  8.938   -1.772  1.00 72.86  ? 38  ASP B N   1 
ATOM 940  C CA  . ASP B 2 38  ? -5.208  10.329  -1.406  1.00 81.42  ? 38  ASP B CA  1 
ATOM 941  C C   . ASP B 2 38  ? -4.113  10.802  -0.454  1.00 81.59  ? 38  ASP B C   1 
ATOM 942  O O   . ASP B 2 38  ? -4.026  10.246  0.667   1.00 83.69  ? 38  ASP B O   1 
ATOM 943  C CB  . ASP B 2 38  ? -6.593  10.416  -0.757  1.00 98.63  ? 38  ASP B CB  1 
ATOM 944  C CG  . ASP B 2 38  ? -7.061  11.831  -0.429  1.00 119.25 ? 38  ASP B CG  1 
ATOM 945  O OD1 . ASP B 2 38  ? -6.736  12.756  -1.207  1.00 141.05 ? 38  ASP B OD1 1 
ATOM 946  O OD2 . ASP B 2 38  ? -7.756  12.000  0.602   1.00 123.57 ? 38  ASP B OD2 1 
ATOM 947  N N   . LEU B 2 39  ? -3.306  11.774  -0.878  1.00 71.59  ? 39  LEU B N   1 
ATOM 948  C CA  . LEU B 2 39  ? -2.555  12.622  0.073   1.00 72.50  ? 39  LEU B CA  1 
ATOM 949  C C   . LEU B 2 39  ? -3.555  13.493  0.842   1.00 76.06  ? 39  LEU B C   1 
ATOM 950  O O   . LEU B 2 39  ? -4.504  14.022  0.206   1.00 77.99  ? 39  LEU B O   1 
ATOM 951  C CB  . LEU B 2 39  ? -1.542  13.466  -0.694  1.00 77.04  ? 39  LEU B CB  1 
ATOM 952  C CG  . LEU B 2 39  ? -0.317  12.705  -1.189  1.00 90.28  ? 39  LEU B CG  1 
ATOM 953  C CD1 . LEU B 2 39  ? -0.006  11.507  -0.302  1.00 95.08  ? 39  LEU B CD1 1 
ATOM 954  C CD2 . LEU B 2 39  ? -0.494  12.256  -2.624  1.00 98.91  ? 39  LEU B CD2 1 
ATOM 955  N N   . TYR B 2 40  ? -3.362  13.606  2.162   1.00 74.22  ? 40  TYR B N   1 
ATOM 956  C CA  . TYR B 2 40  ? -4.241  14.355  3.097   1.00 77.46  ? 40  TYR B CA  1 
ATOM 957  C C   . TYR B 2 40  ? -3.405  15.170  4.090   1.00 76.91  ? 40  TYR B C   1 
ATOM 958  O O   . TYR B 2 40  ? -2.343  14.731  4.539   1.00 70.34  ? 40  TYR B O   1 
ATOM 959  C CB  . TYR B 2 40  ? -5.169  13.418  3.880   1.00 82.26  ? 40  TYR B CB  1 
ATOM 960  C CG  . TYR B 2 40  ? -5.861  14.121  5.021   1.00 76.45  ? 40  TYR B CG  1 
ATOM 961  C CD1 . TYR B 2 40  ? -6.979  14.915  4.807   1.00 66.91  ? 40  TYR B CD1 1 
ATOM 962  C CD2 . TYR B 2 40  ? -5.325  14.075  6.298   1.00 75.37  ? 40  TYR B CD2 1 
ATOM 963  C CE1 . TYR B 2 40  ? -7.565  15.617  5.847   1.00 76.66  ? 40  TYR B CE1 1 
ATOM 964  C CE2 . TYR B 2 40  ? -5.906  14.758  7.355   1.00 75.25  ? 40  TYR B CE2 1 
ATOM 965  C CZ  . TYR B 2 40  ? -7.024  15.541  7.126   1.00 88.64  ? 40  TYR B CZ  1 
ATOM 966  O OH  . TYR B 2 40  ? -7.565  16.213  8.188   1.00 99.55  ? 40  TYR B OH  1 
ATOM 967  N N   . ALA B 2 41  ? -3.923  16.336  4.465   1.00 92.64  ? 41  ALA B N   1 
ATOM 968  C CA  . ALA B 2 41  ? -3.417  17.152  5.592   1.00 85.84  ? 41  ALA B CA  1 
ATOM 969  C C   . ALA B 2 41  ? -4.559  18.018  6.138   1.00 88.21  ? 41  ALA B C   1 
ATOM 970  O O   . ALA B 2 41  ? -5.539  18.281  5.390   1.00 80.90  ? 41  ALA B O   1 
ATOM 971  C CB  . ALA B 2 41  ? -2.240  17.971  5.118   1.00 86.53  ? 41  ALA B CB  1 
ATOM 972  N N   . ASP B 2 42  ? -4.449  18.432  7.403   1.00 103.85 ? 42  ASP B N   1 
ATOM 973  C CA  . ASP B 2 42  ? -5.379  19.411  8.038   1.00 108.81 ? 42  ASP B CA  1 
ATOM 974  C C   . ASP B 2 42  ? -5.237  20.762  7.334   1.00 100.23 ? 42  ASP B C   1 
ATOM 975  O O   . ASP B 2 42  ? -6.262  21.297  6.842   1.00 106.14 ? 42  ASP B O   1 
ATOM 976  C CB  . ASP B 2 42  ? -5.099  19.544  9.531   1.00 107.16 ? 42  ASP B CB  1 
ATOM 977  C CG  . ASP B 2 42  ? -5.007  18.185  10.185  1.00 117.94 ? 42  ASP B CG  1 
ATOM 978  O OD1 . ASP B 2 42  ? -5.632  17.239  9.648   1.00 120.96 ? 42  ASP B OD1 1 
ATOM 979  O OD2 . ASP B 2 42  ? -4.286  18.076  11.190  1.00 126.44 ? 42  ASP B OD2 1 
ATOM 980  N N   . TRP B 2 43  ? -4.000  21.250  7.231   1.00 75.56  ? 43  TRP B N   1 
ATOM 981  C CA  . TRP B 2 43  ? -3.691  22.585  6.668   1.00 75.02  ? 43  TRP B CA  1 
ATOM 982  C C   . TRP B 2 43  ? -4.048  22.646  5.179   1.00 81.55  ? 43  TRP B C   1 
ATOM 983  O O   . TRP B 2 43  ? -4.112  23.758  4.611   1.00 84.09  ? 43  TRP B O   1 
ATOM 984  C CB  . TRP B 2 43  ? -2.240  22.933  6.951   1.00 73.88  ? 43  TRP B CB  1 
ATOM 985  C CG  . TRP B 2 43  ? -1.287  21.820  6.678   1.00 73.94  ? 43  TRP B CG  1 
ATOM 986  C CD1 . TRP B 2 43  ? -0.624  21.042  7.584   1.00 73.80  ? 43  TRP B CD1 1 
ATOM 987  C CD2 . TRP B 2 43  ? -0.858  21.392  5.381   1.00 72.67  ? 43  TRP B CD2 1 
ATOM 988  N NE1 . TRP B 2 43  ? 0.194   20.163  6.931   1.00 78.10  ? 43  TRP B NE1 1 
ATOM 989  C CE2 . TRP B 2 43  ? 0.077   20.359  5.580   1.00 71.88  ? 43  TRP B CE2 1 
ATOM 990  C CE3 . TRP B 2 43  ? -1.144  21.812  4.080   1.00 76.75  ? 43  TRP B CE3 1 
ATOM 991  C CZ2 . TRP B 2 43  ? 0.699   19.714  4.519   1.00 78.16  ? 43  TRP B CZ2 1 
ATOM 992  C CZ3 . TRP B 2 43  ? -0.505  21.191  3.030   1.00 80.60  ? 43  TRP B CZ3 1 
ATOM 993  C CH2 . TRP B 2 43  ? 0.395   20.151  3.250   1.00 83.80  ? 43  TRP B CH2 1 
ATOM 994  N N   . CYS B 2 44  ? -4.322  21.500  4.567   1.00 95.05  ? 44  CYS B N   1 
ATOM 995  C CA  . CYS B 2 44  ? -4.933  21.408  3.216   1.00 92.25  ? 44  CYS B CA  1 
ATOM 996  C C   . CYS B 2 44  ? -6.449  21.381  3.368   1.00 87.57  ? 44  CYS B C   1 
ATOM 997  O O   . CYS B 2 44  ? -7.013  20.319  3.663   1.00 82.18  ? 44  CYS B O   1 
ATOM 998  C CB  . CYS B 2 44  ? -4.446  20.172  2.483   1.00 95.58  ? 44  CYS B CB  1 
ATOM 999  S SG  . CYS B 2 44  ? -5.230  19.923  0.877   1.00 100.00 ? 44  CYS B SG  1 
ATOM 1000 N N   . VAL B 2 45  ? -7.061  22.547  3.229   1.00 103.87 ? 45  VAL B N   1 
ATOM 1001 C CA  . VAL B 2 45  ? -8.543  22.708  3.244   1.00 103.77 ? 45  VAL B CA  1 
ATOM 1002 C C   . VAL B 2 45  ? -9.123  21.914  2.074   1.00 92.29  ? 45  VAL B C   1 
ATOM 1003 O O   . VAL B 2 45  ? -10.000 21.078  2.320   1.00 94.89  ? 45  VAL B O   1 
ATOM 1004 C CB  . VAL B 2 45  ? -8.970  24.183  3.169   1.00 105.47 ? 45  VAL B CB  1 
ATOM 1005 C CG1 . VAL B 2 45  ? -7.988  25.027  2.346   1.00 109.57 ? 45  VAL B CG1 1 
ATOM 1006 C CG2 . VAL B 2 45  ? -10.408 24.307  2.667   1.00 88.68  ? 45  VAL B CG2 1 
ATOM 1007 N N   . ALA B 2 46  ? -8.637  22.156  0.856   1.00 79.54  ? 46  ALA B N   1 
ATOM 1008 C CA  . ALA B 2 46  ? -9.069  21.425  -0.359  1.00 87.13  ? 46  ALA B CA  1 
ATOM 1009 C C   . ALA B 2 46  ? -9.187  19.909  -0.081  1.00 89.00  ? 46  ALA B C   1 
ATOM 1010 O O   . ALA B 2 46  ? -10.082 19.269  -0.653  1.00 79.61  ? 46  ALA B O   1 
ATOM 1011 C CB  . ALA B 2 46  ? -8.108  21.730  -1.476  1.00 84.28  ? 46  ALA B CB  1 
ATOM 1012 N N   . CYS B 2 47  ? -8.338  19.352  0.790   1.00 87.99  ? 47  CYS B N   1 
ATOM 1013 C CA  . CYS B 2 47  ? -8.303  17.911  1.153   1.00 84.62  ? 47  CYS B CA  1 
ATOM 1014 C C   . CYS B 2 47  ? -9.508  17.558  2.019   1.00 89.54  ? 47  CYS B C   1 
ATOM 1015 O O   . CYS B 2 47  ? -10.210 16.599  1.680   1.00 104.88 ? 47  CYS B O   1 
ATOM 1016 C CB  . CYS B 2 47  ? -7.022  17.564  1.901   1.00 89.46  ? 47  CYS B CB  1 
ATOM 1017 S SG  . CYS B 2 47  ? -5.556  17.862  0.886   1.00 115.23 ? 47  CYS B SG  1 
ATOM 1018 N N   . LYS B 2 48  ? -9.724  18.305  3.098   1.00 92.51  ? 48  LYS B N   1 
ATOM 1019 C CA  . LYS B 2 48  ? -10.901 18.151  3.999   1.00 97.22  ? 48  LYS B CA  1 
ATOM 1020 C C   . LYS B 2 48  ? -12.209 18.419  3.216   1.00 96.03  ? 48  LYS B C   1 
ATOM 1021 O O   . LYS B 2 48  ? -13.222 17.745  3.508   1.00 87.29  ? 48  LYS B O   1 
ATOM 1022 C CB  . LYS B 2 48  ? -10.782 19.103  5.197   1.00 103.35 ? 48  LYS B CB  1 
ATOM 1023 C CG  . LYS B 2 48  ? -9.420  19.181  5.876   1.00 114.03 ? 48  LYS B CG  1 
ATOM 1024 C CD  . LYS B 2 48  ? -9.281  20.352  6.833   1.00 114.58 ? 48  LYS B CD  1 
ATOM 1025 C CE  . LYS B 2 48  ? -9.539  19.988  8.283   1.00 116.16 ? 48  LYS B CE  1 
ATOM 1026 N NZ  . LYS B 2 48  ? -8.775  20.857  9.212   1.00 112.07 ? 48  LYS B NZ  1 
ATOM 1027 N N   . GLU B 2 49  ? -12.214 19.390  2.284   1.00 91.17  ? 49  GLU B N   1 
ATOM 1028 C CA  . GLU B 2 49  ? -13.365 19.704  1.382   1.00 98.45  ? 49  GLU B CA  1 
ATOM 1029 C C   . GLU B 2 49  ? -13.653 18.423  0.567   1.00 95.48  ? 49  GLU B C   1 
ATOM 1030 O O   . GLU B 2 49  ? -14.800 17.901  0.623   1.00 85.21  ? 49  GLU B O   1 
ATOM 1031 C CB  . GLU B 2 49  ? -13.071 20.967  0.533   1.00 101.38 ? 49  GLU B CB  1 
ATOM 1032 C CG  . GLU B 2 49  ? -14.036 22.152  0.736   1.00 109.54 ? 49  GLU B CG  1 
ATOM 1033 C CD  . GLU B 2 49  ? -13.848 23.347  -0.207  1.00 123.37 ? 49  GLU B CD  1 
ATOM 1034 O OE1 . GLU B 2 49  ? -14.870 23.993  -0.702  1.00 102.94 ? 49  GLU B OE1 1 
ATOM 1035 O OE2 . GLU B 2 49  ? -12.666 23.649  -0.449  1.00 121.82 ? 49  GLU B OE2 1 
ATOM 1036 N N   . PHE B 2 50  ? -12.617 17.903  -0.105  1.00 87.71  ? 50  PHE B N   1 
ATOM 1037 C CA  . PHE B 2 50  ? -12.602 16.608  -0.840  1.00 87.72  ? 50  PHE B CA  1 
ATOM 1038 C C   . PHE B 2 50  ? -13.232 15.492  -0.009  1.00 85.95  ? 50  PHE B C   1 
ATOM 1039 O O   . PHE B 2 50  ? -14.215 14.879  -0.439  1.00 84.35  ? 50  PHE B O   1 
ATOM 1040 C CB  . PHE B 2 50  ? -11.180 16.157  -1.198  1.00 79.08  ? 50  PHE B CB  1 
ATOM 1041 C CG  . PHE B 2 50  ? -11.077 15.843  -2.661  1.00 71.36  ? 50  PHE B CG  1 
ATOM 1042 C CD1 . PHE B 2 50  ? -11.949 14.934  -3.217  1.00 66.16  ? 50  PHE B CD1 1 
ATOM 1043 C CD2 . PHE B 2 50  ? -10.219 16.542  -3.495  1.00 73.56  ? 50  PHE B CD2 1 
ATOM 1044 C CE1 . PHE B 2 50  ? -11.917 14.683  -4.575  1.00 80.15  ? 50  PHE B CE1 1 
ATOM 1045 C CE2 . PHE B 2 50  ? -10.201 16.298  -4.856  1.00 79.06  ? 50  PHE B CE2 1 
ATOM 1046 C CZ  . PHE B 2 50  ? -11.047 15.364  -5.395  1.00 78.85  ? 50  PHE B CZ  1 
ATOM 1047 N N   . GLU B 2 51  ? -12.630 15.233  1.148   1.00 94.84  ? 51  GLU B N   1 
ATOM 1048 C CA  . GLU B 2 51  ? -13.044 14.173  2.097   1.00 99.72  ? 51  GLU B CA  1 
ATOM 1049 C C   . GLU B 2 51  ? -14.546 14.272  2.314   1.00 84.04  ? 51  GLU B C   1 
ATOM 1050 O O   . GLU B 2 51  ? -15.269 13.418  1.801   1.00 91.67  ? 51  GLU B O   1 
ATOM 1051 C CB  . GLU B 2 51  ? -12.287 14.312  3.414   1.00 109.19 ? 51  GLU B CB  1 
ATOM 1052 C CG  . GLU B 2 51  ? -12.610 13.228  4.432   1.00 114.65 ? 51  GLU B CG  1 
ATOM 1053 C CD  . GLU B 2 51  ? -11.368 12.753  5.175   1.00 124.66 ? 51  GLU B CD  1 
ATOM 1054 O OE1 . GLU B 2 51  ? -10.486 12.174  4.502   1.00 124.26 ? 51  GLU B OE1 1 
ATOM 1055 O OE2 . GLU B 2 51  ? -11.250 13.008  6.406   1.00 104.91 ? 51  GLU B OE2 1 
ATOM 1056 N N   . LYS B 2 52  ? -14.980 15.343  2.963   1.00 92.92  ? 52  LYS B N   1 
ATOM 1057 C CA  . LYS B 2 52  ? -16.385 15.571  3.389   1.00 112.73 ? 52  LYS B CA  1 
ATOM 1058 C C   . LYS B 2 52  ? -17.413 15.493  2.247   1.00 105.14 ? 52  LYS B C   1 
ATOM 1059 O O   . LYS B 2 52  ? -18.443 14.820  2.453   1.00 102.77 ? 52  LYS B O   1 
ATOM 1060 C CB  . LYS B 2 52  ? -16.544 16.958  3.999   1.00 119.40 ? 52  LYS B CB  1 
ATOM 1061 C CG  . LYS B 2 52  ? -17.986 17.283  4.358   1.00 131.91 ? 52  LYS B CG  1 
ATOM 1062 C CD  . LYS B 2 52  ? -18.232 18.634  4.990   1.00 143.90 ? 52  LYS B CD  1 
ATOM 1063 C CE  . LYS B 2 52  ? -16.987 19.389  5.402   1.00 151.20 ? 52  LYS B CE  1 
ATOM 1064 N NZ  . LYS B 2 52  ? -17.107 19.906  6.784   1.00 160.60 ? 52  LYS B NZ  1 
ATOM 1065 N N   . TYR B 2 53  ? -17.218 16.216  1.140   1.00 88.40  ? 53  TYR B N   1 
ATOM 1066 C CA  . TYR B 2 53  ? -18.244 16.356  0.077   1.00 87.22  ? 53  TYR B CA  1 
ATOM 1067 C C   . TYR B 2 53  ? -18.184 15.239  -0.959  1.00 90.76  ? 53  TYR B C   1 
ATOM 1068 O O   . TYR B 2 53  ? -19.260 14.734  -1.266  1.00 113.31 ? 53  TYR B O   1 
ATOM 1069 C CB  . TYR B 2 53  ? -18.116 17.683  -0.653  1.00 102.27 ? 53  TYR B CB  1 
ATOM 1070 C CG  . TYR B 2 53  ? -18.351 18.874  0.237   1.00 113.89 ? 53  TYR B CG  1 
ATOM 1071 C CD1 . TYR B 2 53  ? -19.417 18.899  1.121   1.00 102.19 ? 53  TYR B CD1 1 
ATOM 1072 C CD2 . TYR B 2 53  ? -17.515 19.979  0.192   1.00 120.48 ? 53  TYR B CD2 1 
ATOM 1073 C CE1 . TYR B 2 53  ? -19.647 19.989  1.940   1.00 103.79 ? 53  TYR B CE1 1 
ATOM 1074 C CE2 . TYR B 2 53  ? -17.736 21.081  1.002   1.00 117.91 ? 53  TYR B CE2 1 
ATOM 1075 C CZ  . TYR B 2 53  ? -18.804 21.081  1.883   1.00 112.42 ? 53  TYR B CZ  1 
ATOM 1076 O OH  . TYR B 2 53  ? -19.047 22.150  2.693   1.00 127.60 ? 53  TYR B OH  1 
ATOM 1077 N N   . THR B 2 54  ? -17.012 14.879  -1.489  1.00 94.62  ? 54  THR B N   1 
ATOM 1078 C CA  . THR B 2 54  ? -16.887 13.940  -2.646  1.00 93.92  ? 54  THR B CA  1 
ATOM 1079 C C   . THR B 2 54  ? -16.890 12.465  -2.186  1.00 84.16  ? 54  THR B C   1 
ATOM 1080 O O   . THR B 2 54  ? -17.616 11.681  -2.816  1.00 81.60  ? 54  THR B O   1 
ATOM 1081 C CB  . THR B 2 54  ? -15.693 14.332  -3.531  1.00 100.58 ? 54  THR B CB  1 
ATOM 1082 O OG1 . THR B 2 54  ? -15.791 15.728  -3.837  1.00 91.02  ? 54  THR B OG1 1 
ATOM 1083 C CG2 . THR B 2 54  ? -15.626 13.555  -4.830  1.00 98.38  ? 54  THR B CG2 1 
ATOM 1084 N N   . PHE B 2 55  ? -16.146 12.098  -1.135  1.00 77.49  ? 55  PHE B N   1 
ATOM 1085 C CA  . PHE B 2 55  ? -15.972 10.694  -0.675  1.00 90.99  ? 55  PHE B CA  1 
ATOM 1086 C C   . PHE B 2 55  ? -17.155 10.210  0.170   1.00 100.84 ? 55  PHE B C   1 
ATOM 1087 O O   . PHE B 2 55  ? -17.229 8.986   0.463   1.00 105.37 ? 55  PHE B O   1 
ATOM 1088 C CB  . PHE B 2 55  ? -14.714 10.515  0.182   1.00 93.96  ? 55  PHE B CB  1 
ATOM 1089 C CG  . PHE B 2 55  ? -13.418 10.920  -0.468  1.00 86.16  ? 55  PHE B CG  1 
ATOM 1090 C CD1 . PHE B 2 55  ? -13.334 11.176  -1.829  1.00 89.12  ? 55  PHE B CD1 1 
ATOM 1091 C CD2 . PHE B 2 55  ? -12.262 11.007  0.290   1.00 83.94  ? 55  PHE B CD2 1 
ATOM 1092 C CE1 . PHE B 2 55  ? -12.125 11.548  -2.407  1.00 86.02  ? 55  PHE B CE1 1 
ATOM 1093 C CE2 . PHE B 2 55  ? -11.054 11.379  -0.290  1.00 82.26  ? 55  PHE B CE2 1 
ATOM 1094 C CZ  . PHE B 2 55  ? -10.984 11.650  -1.637  1.00 75.73  ? 55  PHE B CZ  1 
ATOM 1095 N N   . SER B 2 56  ? -18.013 11.127  0.619   1.00 94.05  ? 56  SER B N   1 
ATOM 1096 C CA  . SER B 2 56  ? -19.328 10.774  1.203   1.00 88.34  ? 56  SER B CA  1 
ATOM 1097 C C   . SER B 2 56  ? -20.254 10.326  0.061   1.00 90.95  ? 56  SER B C   1 
ATOM 1098 O O   . SER B 2 56  ? -20.979 9.309   0.247   1.00 96.88  ? 56  SER B O   1 
ATOM 1099 C CB  . SER B 2 56  ? -19.883 11.916  1.998   1.00 94.74  ? 56  SER B CB  1 
ATOM 1100 O OG  . SER B 2 56  ? -19.642 13.149  1.340   1.00 102.78 ? 56  SER B OG  1 
ATOM 1101 N N   . ASP B 2 57  ? -20.185 10.986  -1.106  1.00 81.70  ? 57  ASP B N   1 
ATOM 1102 C CA  . ASP B 2 57  ? -21.204 10.806  -2.174  1.00 85.00  ? 57  ASP B CA  1 
ATOM 1103 C C   . ASP B 2 57  ? -21.276 9.346   -2.602  1.00 92.72  ? 57  ASP B C   1 
ATOM 1104 O O   . ASP B 2 57  ? -20.315 8.815   -3.161  1.00 89.56  ? 57  ASP B O   1 
ATOM 1105 C CB  . ASP B 2 57  ? -20.966 11.648  -3.418  1.00 88.03  ? 57  ASP B CB  1 
ATOM 1106 C CG  . ASP B 2 57  ? -21.981 11.260  -4.476  1.00 105.68 ? 57  ASP B CG  1 
ATOM 1107 O OD1 . ASP B 2 57  ? -21.927 10.088  -4.938  1.00 112.10 ? 57  ASP B OD1 1 
ATOM 1108 O OD2 . ASP B 2 57  ? -22.860 12.094  -4.772  1.00 114.57 ? 57  ASP B OD2 1 
ATOM 1109 N N   . PRO B 2 58  ? -22.447 8.688   -2.418  1.00 108.42 ? 58  PRO B N   1 
ATOM 1110 C CA  . PRO B 2 58  ? -22.570 7.238   -2.599  1.00 108.85 ? 58  PRO B CA  1 
ATOM 1111 C C   . PRO B 2 58  ? -22.398 6.739   -4.044  1.00 93.16  ? 58  PRO B C   1 
ATOM 1112 O O   . PRO B 2 58  ? -22.266 5.533   -4.197  1.00 87.24  ? 58  PRO B O   1 
ATOM 1113 C CB  . PRO B 2 58  ? -23.979 6.906   -2.076  1.00 104.64 ? 58  PRO B CB  1 
ATOM 1114 C CG  . PRO B 2 58  ? -24.743 8.201   -2.211  1.00 104.27 ? 58  PRO B CG  1 
ATOM 1115 C CD  . PRO B 2 58  ? -23.720 9.304   -2.015  1.00 101.92 ? 58  PRO B CD  1 
ATOM 1116 N N   . GLN B 2 59  ? -22.382 7.638   -5.037  1.00 76.71  ? 59  GLN B N   1 
ATOM 1117 C CA  . GLN B 2 59  ? -22.072 7.282   -6.447  1.00 90.09  ? 59  GLN B CA  1 
ATOM 1118 C C   . GLN B 2 59  ? -20.574 7.014   -6.558  1.00 95.98  ? 59  GLN B C   1 
ATOM 1119 O O   . GLN B 2 59  ? -20.179 5.904   -6.977  1.00 100.18 ? 59  GLN B O   1 
ATOM 1120 C CB  . GLN B 2 59  ? -22.465 8.408   -7.395  1.00 101.63 ? 59  GLN B CB  1 
ATOM 1121 C CG  . GLN B 2 59  ? -21.875 8.264   -8.788  1.00 120.68 ? 59  GLN B CG  1 
ATOM 1122 C CD  . GLN B 2 59  ? -21.850 9.587   -9.516  1.00 139.90 ? 59  GLN B CD  1 
ATOM 1123 O OE1 . GLN B 2 59  ? -21.869 10.655  -8.902  1.00 146.06 ? 59  GLN B OE1 1 
ATOM 1124 N NE2 . GLN B 2 59  ? -21.793 9.522   -10.840 1.00 138.87 ? 59  GLN B NE2 1 
ATOM 1125 N N   . VAL B 2 60  ? -19.789 8.032   -6.219  1.00 103.29 ? 60  VAL B N   1 
ATOM 1126 C CA  . VAL B 2 60  ? -18.321 7.922   -6.011  1.00 101.42 ? 60  VAL B CA  1 
ATOM 1127 C C   . VAL B 2 60  ? -18.078 6.603   -5.278  1.00 97.78  ? 60  VAL B C   1 
ATOM 1128 O O   . VAL B 2 60  ? -17.535 5.687   -5.902  1.00 115.57 ? 60  VAL B O   1 
ATOM 1129 C CB  . VAL B 2 60  ? -17.763 9.121   -5.216  1.00 97.97  ? 60  VAL B CB  1 
ATOM 1130 C CG1 . VAL B 2 60  ? -16.343 8.862   -4.733  1.00 90.05  ? 60  VAL B CG1 1 
ATOM 1131 C CG2 . VAL B 2 60  ? -17.846 10.416  -6.017  1.00 92.70  ? 60  VAL B CG2 1 
ATOM 1132 N N   . GLN B 2 61  ? -18.524 6.500   -4.026  1.00 89.30  ? 61  GLN B N   1 
ATOM 1133 C CA  . GLN B 2 61  ? -18.237 5.328   -3.162  1.00 93.08  ? 61  GLN B CA  1 
ATOM 1134 C C   . GLN B 2 61  ? -18.364 4.030   -3.985  1.00 98.85  ? 61  GLN B C   1 
ATOM 1135 O O   . GLN B 2 61  ? -17.498 3.143   -3.807  1.00 90.00  ? 61  GLN B O   1 
ATOM 1136 C CB  . GLN B 2 61  ? -19.148 5.330   -1.931  1.00 102.29 ? 61  GLN B CB  1 
ATOM 1137 C CG  . GLN B 2 61  ? -18.730 6.302   -0.826  1.00 101.54 ? 61  GLN B CG  1 
ATOM 1138 C CD  . GLN B 2 61  ? -19.392 5.985   0.499   1.00 107.28 ? 61  GLN B CD  1 
ATOM 1139 O OE1 . GLN B 2 61  ? -19.855 4.867   0.734   1.00 114.09 ? 61  GLN B OE1 1 
ATOM 1140 N NE2 . GLN B 2 61  ? -19.453 6.970   1.386   1.00 105.55 ? 61  GLN B NE2 1 
ATOM 1141 N N   . LYS B 2 62  ? -19.372 3.889   -4.863  1.00 105.05 ? 62  LYS B N   1 
ATOM 1142 C CA  . LYS B 2 62  ? -19.576 2.594   -5.570  1.00 105.60 ? 62  LYS B CA  1 
ATOM 1143 C C   . LYS B 2 62  ? -18.558 2.458   -6.701  1.00 92.26  ? 62  LYS B C   1 
ATOM 1144 O O   . LYS B 2 62  ? -18.088 1.330   -6.880  1.00 113.50 ? 62  LYS B O   1 
ATOM 1145 C CB  . LYS B 2 62  ? -20.982 2.349   -6.130  1.00 124.45 ? 62  LYS B CB  1 
ATOM 1146 C CG  . LYS B 2 62  ? -21.234 0.874   -6.484  1.00 133.02 ? 62  LYS B CG  1 
ATOM 1147 C CD  . LYS B 2 62  ? -22.553 0.536   -7.171  1.00 121.78 ? 62  LYS B CD  1 
ATOM 1148 C CE  . LYS B 2 62  ? -22.576 0.918   -8.636  1.00 125.98 ? 62  LYS B CE  1 
ATOM 1149 N NZ  . LYS B 2 62  ? -23.934 0.817   -9.226  1.00 130.82 ? 62  LYS B NZ  1 
ATOM 1150 N N   . ALA B 2 63  ? -18.232 3.529   -7.437  1.00 85.93  ? 63  ALA B N   1 
ATOM 1151 C CA  . ALA B 2 63  ? -17.175 3.503   -8.489  1.00 97.76  ? 63  ALA B CA  1 
ATOM 1152 C C   . ALA B 2 63  ? -15.819 3.076   -7.899  1.00 106.94 ? 63  ALA B C   1 
ATOM 1153 O O   . ALA B 2 63  ? -14.957 2.627   -8.699  1.00 109.52 ? 63  ALA B O   1 
ATOM 1154 C CB  . ALA B 2 63  ? -17.038 4.831   -9.191  1.00 90.18  ? 63  ALA B CB  1 
ATOM 1155 N N   . LEU B 2 64  ? -15.634 3.202   -6.575  1.00 96.78  ? 64  LEU B N   1 
ATOM 1156 C CA  . LEU B 2 64  ? -14.373 2.852   -5.873  1.00 102.78 ? 64  LEU B CA  1 
ATOM 1157 C C   . LEU B 2 64  ? -14.479 1.492   -5.168  1.00 108.74 ? 64  LEU B C   1 
ATOM 1158 O O   . LEU B 2 64  ? -13.453 1.046   -4.632  1.00 114.56 ? 64  LEU B O   1 
ATOM 1159 C CB  . LEU B 2 64  ? -14.031 3.958   -4.868  1.00 104.14 ? 64  LEU B CB  1 
ATOM 1160 C CG  . LEU B 2 64  ? -13.685 5.327   -5.456  1.00 103.51 ? 64  LEU B CG  1 
ATOM 1161 C CD1 . LEU B 2 64  ? -13.121 6.244   -4.385  1.00 115.22 ? 64  LEU B CD1 1 
ATOM 1162 C CD2 . LEU B 2 64  ? -12.702 5.217   -6.609  1.00 103.08 ? 64  LEU B CD2 1 
ATOM 1163 N N   . ALA B 2 65  ? -15.646 0.843   -5.162  1.00 113.23 ? 65  ALA B N   1 
ATOM 1164 C CA  . ALA B 2 65  ? -15.885 -0.402  -4.390  1.00 107.10 ? 65  ALA B CA  1 
ATOM 1165 C C   . ALA B 2 65  ? -15.016 -1.538  -4.938  1.00 102.94 ? 65  ALA B C   1 
ATOM 1166 O O   . ALA B 2 65  ? -14.616 -2.398  -4.148  1.00 100.04 ? 65  ALA B O   1 
ATOM 1167 C CB  . ALA B 2 65  ? -17.346 -0.763  -4.403  1.00 106.48 ? 65  ALA B CB  1 
ATOM 1168 N N   . ASP B 2 66  ? -14.693 -1.514  -6.231  1.00 111.17 ? 66  ASP B N   1 
ATOM 1169 C CA  . ASP B 2 66  ? -13.760 -2.497  -6.853  1.00 124.83 ? 66  ASP B CA  1 
ATOM 1170 C C   . ASP B 2 66  ? -12.295 -2.066  -6.640  1.00 118.50 ? 66  ASP B C   1 
ATOM 1171 O O   . ASP B 2 66  ? -11.416 -2.873  -6.971  1.00 126.36 ? 66  ASP B O   1 
ATOM 1172 C CB  . ASP B 2 66  ? -14.072 -2.683  -8.342  1.00 138.42 ? 66  ASP B CB  1 
ATOM 1173 C CG  . ASP B 2 66  ? -14.355 -1.378  -9.067  1.00 155.61 ? 66  ASP B CG  1 
ATOM 1174 O OD1 . ASP B 2 66  ? -15.410 -1.301  -9.720  1.00 161.39 ? 66  ASP B OD1 1 
ATOM 1175 O OD2 . ASP B 2 66  ? -13.528 -0.444  -8.956  1.00 159.03 ? 66  ASP B OD2 1 
ATOM 1176 N N   . THR B 2 67  ? -12.038 -0.853  -6.115  1.00 107.86 ? 67  THR B N   1 
ATOM 1177 C CA  . THR B 2 67  ? -10.703 -0.179  -6.048  1.00 92.03  ? 67  THR B CA  1 
ATOM 1178 C C   . THR B 2 67  ? -10.171 -0.135  -4.608  1.00 80.07  ? 67  THR B C   1 
ATOM 1179 O O   . THR B 2 67  ? -10.900 0.347   -3.735  1.00 88.27  ? 67  THR B O   1 
ATOM 1180 C CB  . THR B 2 67  ? -10.758 1.290   -6.503  1.00 83.17  ? 67  THR B CB  1 
ATOM 1181 O OG1 . THR B 2 67  ? -11.062 1.399   -7.894  1.00 80.95  ? 67  THR B OG1 1 
ATOM 1182 C CG2 . THR B 2 67  ? -9.458  2.019   -6.242  1.00 80.90  ? 67  THR B CG2 1 
ATOM 1183 N N   . VAL B 2 68  ? -8.916  -0.521  -4.375  1.00 71.64  ? 68  VAL B N   1 
ATOM 1184 C CA  . VAL B 2 68  ? -8.278  -0.432  -3.024  1.00 72.43  ? 68  VAL B CA  1 
ATOM 1185 C C   . VAL B 2 68  ? -7.976  1.046   -2.739  1.00 83.74  ? 68  VAL B C   1 
ATOM 1186 O O   . VAL B 2 68  ? -7.527  1.783   -3.684  1.00 78.62  ? 68  VAL B O   1 
ATOM 1187 C CB  . VAL B 2 68  ? -6.996  -1.286  -2.918  1.00 72.18  ? 68  VAL B CB  1 
ATOM 1188 C CG1 . VAL B 2 68  ? -6.055  -0.771  -1.852  1.00 72.89  ? 68  VAL B CG1 1 
ATOM 1189 C CG2 . VAL B 2 68  ? -7.285  -2.748  -2.654  1.00 72.51  ? 68  VAL B CG2 1 
ATOM 1190 N N   . LEU B 2 69  ? -8.169  1.449   -1.480  1.00 74.82  ? 69  LEU B N   1 
ATOM 1191 C CA  . LEU B 2 69  ? -8.154  2.864   -1.050  1.00 69.38  ? 69  LEU B CA  1 
ATOM 1192 C C   . LEU B 2 69  ? -7.060  3.078   -0.008  1.00 68.53  ? 69  LEU B C   1 
ATOM 1193 O O   . LEU B 2 69  ? -7.150  2.482   1.102   1.00 62.03  ? 69  LEU B O   1 
ATOM 1194 C CB  . LEU B 2 69  ? -9.528  3.211   -0.470  1.00 80.11  ? 69  LEU B CB  1 
ATOM 1195 C CG  . LEU B 2 69  ? -10.717 3.043   -1.417  1.00 81.79  ? 69  LEU B CG  1 
ATOM 1196 C CD1 . LEU B 2 69  ? -12.002 3.458   -0.729  1.00 91.08  ? 69  LEU B CD1 1 
ATOM 1197 C CD2 . LEU B 2 69  ? -10.539 3.837   -2.696  1.00 81.77  ? 69  LEU B CD2 1 
ATOM 1198 N N   . LEU B 2 70  ? -6.116  3.968   -0.332  1.00 65.98  ? 70  LEU B N   1 
ATOM 1199 C CA  . LEU B 2 70  ? -4.973  4.337   0.540   1.00 66.63  ? 70  LEU B CA  1 
ATOM 1200 C C   . LEU B 2 70  ? -4.978  5.826   0.867   1.00 65.55  ? 70  LEU B C   1 
ATOM 1201 O O   . LEU B 2 70  ? -5.367  6.621   0.017   1.00 67.42  ? 70  LEU B O   1 
ATOM 1202 C CB  . LEU B 2 70  ? -3.694  4.020   -0.223  1.00 73.03  ? 70  LEU B CB  1 
ATOM 1203 C CG  . LEU B 2 70  ? -3.550  2.576   -0.664  1.00 69.28  ? 70  LEU B CG  1 
ATOM 1204 C CD1 . LEU B 2 70  ? -2.288  2.420   -1.477  1.00 74.94  ? 70  LEU B CD1 1 
ATOM 1205 C CD2 . LEU B 2 70  ? -3.558  1.654   0.537   1.00 69.12  ? 70  LEU B CD2 1 
ATOM 1206 N N   . GLN B 2 71  ? -4.421  6.183   2.015   1.00 69.82  ? 71  GLN B N   1 
ATOM 1207 C CA  . GLN B 2 71  ? -4.290  7.595   2.433   1.00 78.67  ? 71  GLN B CA  1 
ATOM 1208 C C   . GLN B 2 71  ? -2.988  7.778   3.217   1.00 77.35  ? 71  GLN B C   1 
ATOM 1209 O O   . GLN B 2 71  ? -2.721  6.984   4.155   1.00 67.83  ? 71  GLN B O   1 
ATOM 1210 C CB  . GLN B 2 71  ? -5.506  7.975   3.267   1.00 87.26  ? 71  GLN B CB  1 
ATOM 1211 C CG  . GLN B 2 71  ? -5.583  9.451   3.624   1.00 94.69  ? 71  GLN B CG  1 
ATOM 1212 C CD  . GLN B 2 71  ? -6.903  9.701   4.307   1.00 98.60  ? 71  GLN B CD  1 
ATOM 1213 O OE1 . GLN B 2 71  ? -7.102  9.340   5.469   1.00 78.80  ? 71  GLN B OE1 1 
ATOM 1214 N NE2 . GLN B 2 71  ? -7.840  10.261  3.555   1.00 102.14 ? 71  GLN B NE2 1 
ATOM 1215 N N   . ALA B 2 72  ? -2.224  8.804   2.841   1.00 73.36  ? 72  ALA B N   1 
ATOM 1216 C CA  . ALA B 2 72  ? -1.078  9.339   3.606   1.00 77.41  ? 72  ALA B CA  1 
ATOM 1217 C C   . ALA B 2 72  ? -1.517  10.631  4.303   1.00 78.22  ? 72  ALA B C   1 
ATOM 1218 O O   . ALA B 2 72  ? -2.165  11.458  3.626   1.00 80.92  ? 72  ALA B O   1 
ATOM 1219 C CB  . ALA B 2 72  ? 0.095   9.585   2.692   1.00 73.48  ? 72  ALA B CB  1 
ATOM 1220 N N   . ASN B 2 73  ? -1.209  10.763  5.599   1.00 70.63  ? 73  ASN B N   1 
ATOM 1221 C CA  . ASN B 2 73  ? -1.368  12.017  6.371   1.00 71.80  ? 73  ASN B CA  1 
ATOM 1222 C C   . ASN B 2 73  ? 0.006   12.652  6.592   1.00 71.35  ? 73  ASN B C   1 
ATOM 1223 O O   . ASN B 2 73  ? 0.728   12.249  7.526   1.00 83.22  ? 73  ASN B O   1 
ATOM 1224 C CB  . ASN B 2 73  ? -2.087  11.799  7.695   1.00 69.24  ? 73  ASN B CB  1 
ATOM 1225 C CG  . ASN B 2 73  ? -2.452  13.106  8.351   1.00 68.37  ? 73  ASN B CG  1 
ATOM 1226 O OD1 . ASN B 2 73  ? -2.002  14.176  7.927   1.00 79.04  ? 73  ASN B OD1 1 
ATOM 1227 N ND2 . ASN B 2 73  ? -3.296  13.017  9.359   1.00 63.05  ? 73  ASN B ND2 1 
ATOM 1228 N N   . VAL B 2 74  ? 0.315   13.666  5.796   1.00 68.75  ? 74  VAL B N   1 
ATOM 1229 C CA  . VAL B 2 74  ? 1.606   14.405  5.850   1.00 75.37  ? 74  VAL B CA  1 
ATOM 1230 C C   . VAL B 2 74  ? 1.455   15.707  6.650   1.00 77.53  ? 74  VAL B C   1 
ATOM 1231 O O   . VAL B 2 74  ? 2.330   16.570  6.494   1.00 77.00  ? 74  VAL B O   1 
ATOM 1232 C CB  . VAL B 2 74  ? 2.073   14.691  4.417   1.00 82.25  ? 74  VAL B CB  1 
ATOM 1233 C CG1 . VAL B 2 74  ? 2.431   13.407  3.701   1.00 95.25  ? 74  VAL B CG1 1 
ATOM 1234 C CG2 . VAL B 2 74  ? 1.018   15.455  3.635   1.00 87.81  ? 74  VAL B CG2 1 
ATOM 1235 N N   . THR B 2 75  ? 0.384   15.871  7.439   1.00 85.40  ? 75  THR B N   1 
ATOM 1236 C CA  . THR B 2 75  ? 0.085   17.130  8.175   1.00 83.80  ? 75  THR B CA  1 
ATOM 1237 C C   . THR B 2 75  ? 1.342   17.581  8.912   1.00 76.94  ? 75  THR B C   1 
ATOM 1238 O O   . THR B 2 75  ? 1.637   18.765  8.855   1.00 79.59  ? 75  THR B O   1 
ATOM 1239 C CB  . THR B 2 75  ? -1.060  16.990  9.182   1.00 94.00  ? 75  THR B CB  1 
ATOM 1240 O OG1 . THR B 2 75  ? -2.306  16.819  8.492   1.00 88.02  ? 75  THR B OG1 1 
ATOM 1241 C CG2 . THR B 2 75  ? -1.126  18.196  10.092  1.00 93.44  ? 75  THR B CG2 1 
ATOM 1242 N N   . ALA B 2 76  ? 2.046   16.632  9.539   1.00 79.23  ? 76  ALA B N   1 
ATOM 1243 C CA  . ALA B 2 76  ? 3.355   16.791  10.230  1.00 76.35  ? 76  ALA B CA  1 
ATOM 1244 C C   . ALA B 2 76  ? 4.485   17.294  9.309   1.00 69.38  ? 76  ALA B C   1 
ATOM 1245 O O   . ALA B 2 76  ? 5.540   17.645  9.810   1.00 61.62  ? 76  ALA B O   1 
ATOM 1246 C CB  . ALA B 2 76  ? 3.745   15.465  10.823  1.00 67.45  ? 76  ALA B CB  1 
ATOM 1247 N N   . ASN B 2 77  ? 4.331   17.231  7.997   1.00 77.19  ? 77  ASN B N   1 
ATOM 1248 C CA  . ASN B 2 77  ? 5.450   17.422  7.048   1.00 74.47  ? 77  ASN B CA  1 
ATOM 1249 C C   . ASN B 2 77  ? 6.784   17.038  7.706   1.00 83.69  ? 77  ASN B C   1 
ATOM 1250 O O   . ASN B 2 77  ? 7.709   17.862  7.657   1.00 81.96  ? 77  ASN B O   1 
ATOM 1251 C CB  . ASN B 2 77  ? 5.481   18.860  6.551   1.00 72.98  ? 77  ASN B CB  1 
ATOM 1252 C CG  . ASN B 2 77  ? 6.283   18.991  5.275   1.00 83.26  ? 77  ASN B CG  1 
ATOM 1253 O OD1 . ASN B 2 77  ? 7.285   19.708  5.236   1.00 74.33  ? 77  ASN B OD1 1 
ATOM 1254 N ND2 . ASN B 2 77  ? 5.860   18.289  4.231   1.00 83.39  ? 77  ASN B ND2 1 
ATOM 1255 N N   . ASP B 2 78  ? 6.906   15.832  8.282   1.00 89.58  ? 78  ASP B N   1 
ATOM 1256 C CA  . ASP B 2 78  ? 8.201   15.315  8.812   1.00 81.27  ? 78  ASP B CA  1 
ATOM 1257 C C   . ASP B 2 78  ? 8.965   14.564  7.702   1.00 77.63  ? 78  ASP B C   1 
ATOM 1258 O O   . ASP B 2 78  ? 8.431   14.446  6.578   1.00 85.63  ? 78  ASP B O   1 
ATOM 1259 C CB  . ASP B 2 78  ? 7.978   14.485  10.074  1.00 79.44  ? 78  ASP B CB  1 
ATOM 1260 C CG  . ASP B 2 78  ? 7.229   13.201  9.820   1.00 86.11  ? 78  ASP B CG  1 
ATOM 1261 O OD1 . ASP B 2 78  ? 7.539   12.536  8.815   1.00 94.13  ? 78  ASP B OD1 1 
ATOM 1262 O OD2 . ASP B 2 78  ? 6.343   12.890  10.624  1.00 96.08  ? 78  ASP B OD2 1 
ATOM 1263 N N   . ALA B 2 79  ? 10.167  14.069  8.011   1.00 74.59  ? 79  ALA B N   1 
ATOM 1264 C CA  . ALA B 2 79  ? 11.172  13.545  7.049   1.00 77.26  ? 79  ALA B CA  1 
ATOM 1265 C C   . ALA B 2 79  ? 10.574  12.420  6.212   1.00 84.30  ? 79  ALA B C   1 
ATOM 1266 O O   . ALA B 2 79  ? 10.767  12.410  4.991   1.00 86.78  ? 79  ALA B O   1 
ATOM 1267 C CB  . ALA B 2 79  ? 12.383  13.038  7.787   1.00 78.23  ? 79  ALA B CB  1 
ATOM 1268 N N   . GLN B 2 80  ? 9.894   11.486  6.871   1.00 89.93  ? 80  GLN B N   1 
ATOM 1269 C CA  . GLN B 2 80  ? 9.225   10.352  6.194   1.00 86.77  ? 80  GLN B CA  1 
ATOM 1270 C C   . GLN B 2 80  ? 8.097   10.886  5.310   1.00 81.62  ? 80  GLN B C   1 
ATOM 1271 O O   . GLN B 2 80  ? 7.881   10.313  4.233   1.00 78.50  ? 80  GLN B O   1 
ATOM 1272 C CB  . GLN B 2 80  ? 8.786   9.317   7.226   1.00 82.99  ? 80  GLN B CB  1 
ATOM 1273 C CG  . GLN B 2 80  ? 9.884   8.303   7.492   1.00 85.55  ? 80  GLN B CG  1 
ATOM 1274 C CD  . GLN B 2 80  ? 10.523  7.831   6.199   1.00 99.09  ? 80  GLN B CD  1 
ATOM 1275 O OE1 . GLN B 2 80  ? 9.857   7.589   5.177   1.00 90.73  ? 80  GLN B OE1 1 
ATOM 1276 N NE2 . GLN B 2 80  ? 11.842  7.706   6.232   1.00 98.29  ? 80  GLN B NE2 1 
ATOM 1277 N N   . ASP B 2 81  ? 7.450   11.969  5.737   1.00 86.83  ? 81  ASP B N   1 
ATOM 1278 C CA  . ASP B 2 81  ? 6.423   12.681  4.934   1.00 86.53  ? 81  ASP B CA  1 
ATOM 1279 C C   . ASP B 2 81  ? 7.088   13.307  3.710   1.00 80.83  ? 81  ASP B C   1 
ATOM 1280 O O   . ASP B 2 81  ? 6.480   13.221  2.640   1.00 77.82  ? 81  ASP B O   1 
ATOM 1281 C CB  . ASP B 2 81  ? 5.640   13.702  5.763   1.00 86.83  ? 81  ASP B CB  1 
ATOM 1282 C CG  . ASP B 2 81  ? 4.650   13.047  6.716   1.00 96.37  ? 81  ASP B CG  1 
ATOM 1283 O OD1 . ASP B 2 81  ? 4.248   11.895  6.430   1.00 98.63  ? 81  ASP B OD1 1 
ATOM 1284 O OD2 . ASP B 2 81  ? 4.279   13.688  7.733   1.00 93.20  ? 81  ASP B OD2 1 
ATOM 1285 N N   . VAL B 2 82  ? 8.285   13.891  3.826   1.00 78.43  ? 82  VAL B N   1 
ATOM 1286 C CA  . VAL B 2 82  ? 8.854   14.652  2.670   1.00 82.83  ? 82  VAL B CA  1 
ATOM 1287 C C   . VAL B 2 82  ? 9.446   13.656  1.680   1.00 86.00  ? 82  VAL B C   1 
ATOM 1288 O O   . VAL B 2 82  ? 9.279   13.886  0.472   1.00 96.94  ? 82  VAL B O   1 
ATOM 1289 C CB  . VAL B 2 82  ? 9.857   15.764  3.045   1.00 80.30  ? 82  VAL B CB  1 
ATOM 1290 C CG1 . VAL B 2 82  ? 9.295   16.672  4.125   1.00 83.69  ? 82  VAL B CG1 1 
ATOM 1291 C CG2 . VAL B 2 82  ? 11.233  15.241  3.424   1.00 85.12  ? 82  VAL B CG2 1 
ATOM 1292 N N   . ALA B 2 83  ? 10.079  12.588  2.176   1.00 90.97  ? 83  ALA B N   1 
ATOM 1293 C CA  . ALA B 2 83  ? 10.728  11.541  1.354   1.00 83.43  ? 83  ALA B CA  1 
ATOM 1294 C C   . ALA B 2 83  ? 9.672   10.915  0.445   1.00 83.17  ? 83  ALA B C   1 
ATOM 1295 O O   . ALA B 2 83  ? 9.909   10.807  -0.772  1.00 82.60  ? 83  ALA B O   1 
ATOM 1296 C CB  . ALA B 2 83  ? 11.342  10.506  2.253   1.00 91.01  ? 83  ALA B CB  1 
ATOM 1297 N N   . LEU B 2 84  ? 8.541   10.548  1.048   1.00 75.90  ? 84  LEU B N   1 
ATOM 1298 C CA  . LEU B 2 84  ? 7.344   10.009  0.361   1.00 71.91  ? 84  LEU B CA  1 
ATOM 1299 C C   . LEU B 2 84  ? 6.980   10.951  -0.766  1.00 75.65  ? 84  LEU B C   1 
ATOM 1300 O O   . LEU B 2 84  ? 7.009   10.493  -1.912  1.00 81.68  ? 84  LEU B O   1 
ATOM 1301 C CB  . LEU B 2 84  ? 6.186   9.914   1.357   1.00 77.97  ? 84  LEU B CB  1 
ATOM 1302 C CG  . LEU B 2 84  ? 4.842   9.431   0.805   1.00 77.58  ? 84  LEU B CG  1 
ATOM 1303 C CD1 . LEU B 2 84  ? 5.000   8.218   -0.118  1.00 74.01  ? 84  LEU B CD1 1 
ATOM 1304 C CD2 . LEU B 2 84  ? 3.890   9.114   1.960   1.00 70.15  ? 84  LEU B CD2 1 
ATOM 1305 N N   . LEU B 2 85  ? 6.713   12.216  -0.413  1.00 80.43  ? 85  LEU B N   1 
ATOM 1306 C CA  . LEU B 2 85  ? 6.265   13.296  -1.337  1.00 82.00  ? 85  LEU B CA  1 
ATOM 1307 C C   . LEU B 2 85  ? 7.293   13.530  -2.447  1.00 85.08  ? 85  LEU B C   1 
ATOM 1308 O O   . LEU B 2 85  ? 6.866   13.584  -3.614  1.00 80.34  ? 85  LEU B O   1 
ATOM 1309 C CB  . LEU B 2 85  ? 6.012   14.566  -0.526  1.00 81.81  ? 85  LEU B CB  1 
ATOM 1310 C CG  . LEU B 2 85  ? 4.720   14.519  0.293   1.00 86.99  ? 85  LEU B CG  1 
ATOM 1311 C CD1 . LEU B 2 85  ? 4.635   15.637  1.320   1.00 73.90  ? 85  LEU B CD1 1 
ATOM 1312 C CD2 . LEU B 2 85  ? 3.510   14.539  -0.627  1.00 89.72  ? 85  LEU B CD2 1 
ATOM 1313 N N   . LYS B 2 86  ? 8.581   13.628  -2.099  1.00 88.68  ? 86  LYS B N   1 
ATOM 1314 C CA  . LYS B 2 86  ? 9.688   13.781  -3.078  1.00 87.19  ? 86  LYS B CA  1 
ATOM 1315 C C   . LYS B 2 86  ? 9.707   12.560  -4.001  1.00 78.54  ? 86  LYS B C   1 
ATOM 1316 O O   . LYS B 2 86  ? 9.643   12.743  -5.225  1.00 83.76  ? 86  LYS B O   1 
ATOM 1317 C CB  . LYS B 2 86  ? 11.039  13.979  -2.385  1.00 97.37  ? 86  LYS B CB  1 
ATOM 1318 C CG  . LYS B 2 86  ? 12.225  14.162  -3.330  1.00 114.25 ? 86  LYS B CG  1 
ATOM 1319 C CD  . LYS B 2 86  ? 13.108  12.917  -3.453  1.00 133.66 ? 86  LYS B CD  1 
ATOM 1320 C CE  . LYS B 2 86  ? 13.766  12.731  -4.810  1.00 139.33 ? 86  LYS B CE  1 
ATOM 1321 N NZ  . LYS B 2 86  ? 13.184  11.591  -5.563  1.00 138.36 ? 86  LYS B NZ  1 
ATOM 1322 N N   . HIS B 2 87  ? 9.766   11.355  -3.448  1.00 78.56  ? 87  HIS B N   1 
ATOM 1323 C CA  . HIS B 2 87  ? 9.805   10.121  -4.269  1.00 84.83  ? 87  HIS B CA  1 
ATOM 1324 C C   . HIS B 2 87  ? 8.608   10.094  -5.221  1.00 80.08  ? 87  HIS B C   1 
ATOM 1325 O O   . HIS B 2 87  ? 8.807   9.716   -6.385  1.00 87.83  ? 87  HIS B O   1 
ATOM 1326 C CB  . HIS B 2 87  ? 9.809   8.844   -3.436  1.00 98.20  ? 87  HIS B CB  1 
ATOM 1327 C CG  . HIS B 2 87  ? 9.524   7.677   -4.314  1.00 113.88 ? 87  HIS B CG  1 
ATOM 1328 N ND1 . HIS B 2 87  ? 8.259   7.139   -4.417  1.00 117.04 ? 87  HIS B ND1 1 
ATOM 1329 C CD2 . HIS B 2 87  ? 10.295  7.037   -5.226  1.00 117.26 ? 87  HIS B CD2 1 
ATOM 1330 C CE1 . HIS B 2 87  ? 8.275   6.168   -5.305  1.00 122.55 ? 87  HIS B CE1 1 
ATOM 1331 N NE2 . HIS B 2 87  ? 9.516   6.083   -5.819  1.00 111.02 ? 87  HIS B NE2 1 
ATOM 1332 N N   . LEU B 2 88  ? 7.422   10.464  -4.736  1.00 79.40  ? 88  LEU B N   1 
ATOM 1333 C CA  . LEU B 2 88  ? 6.162   10.504  -5.531  1.00 82.46  ? 88  LEU B CA  1 
ATOM 1334 C C   . LEU B 2 88  ? 6.134   11.732  -6.443  1.00 83.50  ? 88  LEU B C   1 
ATOM 1335 O O   . LEU B 2 88  ? 5.261   11.789  -7.334  1.00 90.18  ? 88  LEU B O   1 
ATOM 1336 C CB  . LEU B 2 88  ? 4.949   10.549  -4.596  1.00 80.38  ? 88  LEU B CB  1 
ATOM 1337 C CG  . LEU B 2 88  ? 4.555   9.216   -3.971  1.00 86.17  ? 88  LEU B CG  1 
ATOM 1338 C CD1 . LEU B 2 88  ? 3.435   9.408   -2.965  1.00 83.12  ? 88  LEU B CD1 1 
ATOM 1339 C CD2 . LEU B 2 88  ? 4.162   8.205   -5.037  1.00 86.66  ? 88  LEU B CD2 1 
ATOM 1340 N N   . ASN B 2 89  ? 7.003   12.711  -6.200  1.00 86.61  ? 89  ASN B N   1 
ATOM 1341 C CA  . ASN B 2 89  ? 7.122   13.905  -7.075  1.00 89.82  ? 89  ASN B CA  1 
ATOM 1342 C C   . ASN B 2 89  ? 5.837   14.741  -6.967  1.00 84.47  ? 89  ASN B C   1 
ATOM 1343 O O   . ASN B 2 89  ? 5.414   15.326  -7.987  1.00 71.92  ? 89  ASN B O   1 
ATOM 1344 C CB  . ASN B 2 89  ? 7.411   13.493  -8.517  1.00 89.57  ? 89  ASN B CB  1 
ATOM 1345 C CG  . ASN B 2 89  ? 7.969   14.639  -9.320  1.00 106.83 ? 89  ASN B CG  1 
ATOM 1346 O OD1 . ASN B 2 89  ? 7.903   15.791  -8.890  1.00 113.54 ? 89  ASN B OD1 1 
ATOM 1347 N ND2 . ASN B 2 89  ? 8.522   14.327  -10.478 1.00 127.13 ? 89  ASN B ND2 1 
ATOM 1348 N N   . VAL B 2 90  ? 5.273   14.798  -5.756  1.00 79.65  ? 90  VAL B N   1 
ATOM 1349 C CA  . VAL B 2 90  ? 4.112   15.642  -5.372  1.00 83.16  ? 90  VAL B CA  1 
ATOM 1350 C C   . VAL B 2 90  ? 4.626   17.060  -5.085  1.00 91.46  ? 90  VAL B C   1 
ATOM 1351 O O   . VAL B 2 90  ? 5.649   17.196  -4.383  1.00 90.95  ? 90  VAL B O   1 
ATOM 1352 C CB  . VAL B 2 90  ? 3.355   15.032  -4.175  1.00 84.56  ? 90  VAL B CB  1 
ATOM 1353 C CG1 . VAL B 2 90  ? 2.448   16.045  -3.493  1.00 85.81  ? 90  VAL B CG1 1 
ATOM 1354 C CG2 . VAL B 2 90  ? 2.548   13.819  -4.618  1.00 83.72  ? 90  VAL B CG2 1 
ATOM 1355 N N   . LEU B 2 91  ? 3.928   18.060  -5.639  1.00 93.57  ? 91  LEU B N   1 
ATOM 1356 C CA  . LEU B 2 91  ? 4.299   19.498  -5.638  1.00 88.61  ? 91  LEU B CA  1 
ATOM 1357 C C   . LEU B 2 91  ? 3.509   20.204  -4.535  1.00 87.21  ? 91  LEU B C   1 
ATOM 1358 O O   . LEU B 2 91  ? 4.064   21.059  -3.827  1.00 100.12 ? 91  LEU B O   1 
ATOM 1359 C CB  . LEU B 2 91  ? 3.984   20.100  -7.014  1.00 90.53  ? 91  LEU B CB  1 
ATOM 1360 C CG  . LEU B 2 91  ? 4.777   19.545  -8.206  1.00 110.17 ? 91  LEU B CG  1 
ATOM 1361 C CD1 . LEU B 2 91  ? 6.234   19.231  -7.842  1.00 105.34 ? 91  LEU B CD1 1 
ATOM 1362 C CD2 . LEU B 2 91  ? 4.096   18.315  -8.811  1.00 117.54 ? 91  LEU B CD2 1 
ATOM 1363 N N   . GLY B 2 92  ? 2.240   19.859  -4.395  1.00 88.05  ? 92  GLY B N   1 
ATOM 1364 C CA  . GLY B 2 92  ? 1.419   20.327  -3.271  1.00 81.85  ? 92  GLY B CA  1 
ATOM 1365 C C   . GLY B 2 92  ? 0.092   19.602  -3.239  1.00 79.39  ? 92  GLY B C   1 
ATOM 1366 O O   . GLY B 2 92  ? -0.307  19.043  -4.278  1.00 82.49  ? 92  GLY B O   1 
ATOM 1367 N N   . LEU B 2 93  ? -0.565  19.635  -2.087  1.00 70.74  ? 93  LEU B N   1 
ATOM 1368 C CA  . LEU B 2 93  ? -1.912  19.056  -1.865  1.00 74.54  ? 93  LEU B CA  1 
ATOM 1369 C C   . LEU B 2 93  ? -2.973  20.002  -2.428  1.00 76.94  ? 93  LEU B C   1 
ATOM 1370 O O   . LEU B 2 93  ? -2.713  21.179  -2.635  1.00 77.42  ? 93  LEU B O   1 
ATOM 1371 C CB  . LEU B 2 93  ? -2.096  18.832  -0.359  1.00 70.26  ? 93  LEU B CB  1 
ATOM 1372 C CG  . LEU B 2 93  ? -0.992  18.024  0.322   1.00 69.67  ? 93  LEU B CG  1 
ATOM 1373 C CD1 . LEU B 2 93  ? -1.456  17.482  1.666   1.00 73.87  ? 93  LEU B CD1 1 
ATOM 1374 C CD2 . LEU B 2 93  ? -0.520  16.880  -0.565  1.00 76.25  ? 93  LEU B CD2 1 
ATOM 1375 N N   . PRO B 2 94  ? -4.192  19.520  -2.742  1.00 79.95  ? 94  PRO B N   1 
ATOM 1376 C CA  . PRO B 2 94  ? -4.510  18.096  -2.722  1.00 86.44  ? 94  PRO B CA  1 
ATOM 1377 C C   . PRO B 2 94  ? -3.803  17.432  -3.904  1.00 84.36  ? 94  PRO B C   1 
ATOM 1378 O O   . PRO B 2 94  ? -3.525  18.137  -4.866  1.00 83.44  ? 94  PRO B O   1 
ATOM 1379 C CB  . PRO B 2 94  ? -6.031  18.041  -2.902  1.00 88.90  ? 94  PRO B CB  1 
ATOM 1380 C CG  . PRO B 2 94  ? -6.336  19.300  -3.681  1.00 93.61  ? 94  PRO B CG  1 
ATOM 1381 C CD  . PRO B 2 94  ? -5.325  20.328  -3.198  1.00 90.80  ? 94  PRO B CD  1 
ATOM 1382 N N   . THR B 2 95  ? -3.477  16.144  -3.770  1.00 85.59  ? 95  THR B N   1 
ATOM 1383 C CA  . THR B 2 95  ? -3.019  15.267  -4.882  1.00 85.17  ? 95  THR B CA  1 
ATOM 1384 C C   . THR B 2 95  ? -3.511  13.837  -4.638  1.00 84.83  ? 95  THR B C   1 
ATOM 1385 O O   . THR B 2 95  ? -3.331  13.303  -3.515  1.00 75.92  ? 95  THR B O   1 
ATOM 1386 C CB  . THR B 2 95  ? -1.503  15.289  -5.115  1.00 75.39  ? 95  THR B CB  1 
ATOM 1387 O OG1 . THR B 2 95  ? -1.019  16.612  -5.326  1.00 86.27  ? 95  THR B OG1 1 
ATOM 1388 C CG2 . THR B 2 95  ? -1.117  14.500  -6.341  1.00 76.21  ? 95  THR B CG2 1 
ATOM 1389 N N   . ILE B 2 96  ? -4.147  13.265  -5.660  1.00 87.34  ? 96  ILE B N   1 
ATOM 1390 C CA  . ILE B 2 96  ? -4.716  11.892  -5.628  1.00 88.47  ? 96  ILE B CA  1 
ATOM 1391 C C   . ILE B 2 96  ? -4.062  11.135  -6.767  1.00 78.55  ? 96  ILE B C   1 
ATOM 1392 O O   . ILE B 2 96  ? -4.001  11.695  -7.856  1.00 75.03  ? 96  ILE B O   1 
ATOM 1393 C CB  . ILE B 2 96  ? -6.250  11.889  -5.732  1.00 92.65  ? 96  ILE B CB  1 
ATOM 1394 C CG1 . ILE B 2 96  ? -6.874  12.977  -4.852  1.00 101.67 ? 96  ILE B CG1 1 
ATOM 1395 C CG2 . ILE B 2 96  ? -6.781  10.504  -5.404  1.00 90.39  ? 96  ILE B CG2 1 
ATOM 1396 C CD1 . ILE B 2 96  ? -8.356  12.814  -4.605  1.00 100.87 ? 96  ILE B CD1 1 
ATOM 1397 N N   . LEU B 2 97  ? -3.546  9.944   -6.469  1.00 85.51  ? 97  LEU B N   1 
ATOM 1398 C CA  . LEU B 2 97  ? -2.741  9.119   -7.402  1.00 87.33  ? 97  LEU B CA  1 
ATOM 1399 C C   . LEU B 2 97  ? -3.508  7.827   -7.687  1.00 79.01  ? 97  LEU B C   1 
ATOM 1400 O O   . LEU B 2 97  ? -4.201  7.347   -6.781  1.00 55.94  ? 97  LEU B O   1 
ATOM 1401 C CB  . LEU B 2 97  ? -1.368  8.844   -6.778  1.00 92.37  ? 97  LEU B CB  1 
ATOM 1402 C CG  . LEU B 2 97  ? -0.323  9.944   -6.966  1.00 90.33  ? 97  LEU B CG  1 
ATOM 1403 C CD1 . LEU B 2 97  ? -0.589  11.100  -6.028  1.00 91.87  ? 97  LEU B CD1 1 
ATOM 1404 C CD2 . LEU B 2 97  ? 1.080   9.413   -6.737  1.00 93.23  ? 97  LEU B CD2 1 
ATOM 1405 N N   . PHE B 2 98  ? -3.391  7.320   -8.915  1.00 76.61  ? 98  PHE B N   1 
ATOM 1406 C CA  . PHE B 2 98  ? -4.098  6.108   -9.386  1.00 81.49  ? 98  PHE B CA  1 
ATOM 1407 C C   . PHE B 2 98  ? -3.085  5.102   -9.907  1.00 79.17  ? 98  PHE B C   1 
ATOM 1408 O O   . PHE B 2 98  ? -2.116  5.516   -10.544 1.00 80.78  ? 98  PHE B O   1 
ATOM 1409 C CB  . PHE B 2 98  ? -5.098  6.487   -10.476 1.00 91.96  ? 98  PHE B CB  1 
ATOM 1410 C CG  . PHE B 2 98  ? -6.222  7.310   -9.921  1.00 78.20  ? 98  PHE B CG  1 
ATOM 1411 C CD1 . PHE B 2 98  ? -7.194  6.709   -9.139  1.00 81.17  ? 98  PHE B CD1 1 
ATOM 1412 C CD2 . PHE B 2 98  ? -6.244  8.679   -10.096 1.00 70.18  ? 98  PHE B CD2 1 
ATOM 1413 C CE1 . PHE B 2 98  ? -8.202  7.463   -8.574  1.00 78.32  ? 98  PHE B CE1 1 
ATOM 1414 C CE2 . PHE B 2 98  ? -7.245  9.436   -9.518  1.00 73.50  ? 98  PHE B CE2 1 
ATOM 1415 C CZ  . PHE B 2 98  ? -8.224  8.826   -8.768  1.00 81.73  ? 98  PHE B CZ  1 
ATOM 1416 N N   . PHE B 2 99  ? -3.343  3.825   -9.655  1.00 84.80  ? 99  PHE B N   1 
ATOM 1417 C CA  . PHE B 2 99  ? -2.459  2.695   -10.029 1.00 91.03  ? 99  PHE B CA  1 
ATOM 1418 C C   . PHE B 2 99  ? -3.314  1.645   -10.734 1.00 91.45  ? 99  PHE B C   1 
ATOM 1419 O O   . PHE B 2 99  ? -4.460  1.407   -10.301 1.00 114.54 ? 99  PHE B O   1 
ATOM 1420 C CB  . PHE B 2 99  ? -1.754  2.130   -8.790  1.00 86.38  ? 99  PHE B CB  1 
ATOM 1421 C CG  . PHE B 2 99  ? -0.876  3.104   -8.044  1.00 85.70  ? 99  PHE B CG  1 
ATOM 1422 C CD1 . PHE B 2 99  ? -1.393  3.893   -7.025  1.00 84.18  ? 99  PHE B CD1 1 
ATOM 1423 C CD2 . PHE B 2 99  ? 0.472   3.245   -8.359  1.00 82.73  ? 99  PHE B CD2 1 
ATOM 1424 C CE1 . PHE B 2 99  ? -0.583  4.784   -6.333  1.00 75.99  ? 99  PHE B CE1 1 
ATOM 1425 C CE2 . PHE B 2 99  ? 1.284   4.127   -7.656  1.00 72.99  ? 99  PHE B CE2 1 
ATOM 1426 C CZ  . PHE B 2 99  ? 0.755   4.903   -6.656  1.00 71.49  ? 99  PHE B CZ  1 
ATOM 1427 N N   . ASP B 2 100 ? -2.779  1.065   -11.806 1.00 95.37  ? 100 ASP B N   1 
ATOM 1428 C CA  . ASP B 2 100 ? -3.368  -0.113  -12.497 1.00 94.81  ? 100 ASP B CA  1 
ATOM 1429 C C   . ASP B 2 100 ? -3.121  -1.334  -11.608 1.00 85.73  ? 100 ASP B C   1 
ATOM 1430 O O   . ASP B 2 100 ? -2.541  -1.173  -10.534 1.00 80.56  ? 100 ASP B O   1 
ATOM 1431 C CB  . ASP B 2 100 ? -2.746  -0.277  -13.879 1.00 87.45  ? 100 ASP B CB  1 
ATOM 1432 C CG  . ASP B 2 100 ? -1.241  -0.357  -13.759 1.00 92.67  ? 100 ASP B CG  1 
ATOM 1433 O OD1 . ASP B 2 100 ? -0.748  -1.084  -12.843 1.00 81.48  ? 100 ASP B OD1 1 
ATOM 1434 O OD2 . ASP B 2 100 ? -0.589  0.366   -14.506 1.00 93.28  ? 100 ASP B OD2 1 
ATOM 1435 N N   . GLY B 2 101 ? -3.502  -2.519  -12.056 1.00 82.26  ? 101 GLY B N   1 
ATOM 1436 C CA  . GLY B 2 101 ? -3.514  -3.712  -11.189 1.00 94.14  ? 101 GLY B CA  1 
ATOM 1437 C C   . GLY B 2 101 ? -2.128  -4.269  -10.908 1.00 96.43  ? 101 GLY B C   1 
ATOM 1438 O O   . GLY B 2 101 ? -2.018  -5.146  -10.027 1.00 93.20  ? 101 GLY B O   1 
ATOM 1439 N N   . GLN B 2 102 ? -1.108  -3.830  -11.652 1.00 102.32 ? 102 GLN B N   1 
ATOM 1440 C CA  . GLN B 2 102 ? 0.289   -4.313  -11.468 1.00 108.18 ? 102 GLN B CA  1 
ATOM 1441 C C   . GLN B 2 102 ? 1.040   -3.299  -10.598 1.00 102.23 ? 102 GLN B C   1 
ATOM 1442 O O   . GLN B 2 102 ? 2.169   -3.600  -10.177 1.00 120.51 ? 102 GLN B O   1 
ATOM 1443 C CB  . GLN B 2 102 ? 0.967   -4.599  -12.817 1.00 110.48 ? 102 GLN B CB  1 
ATOM 1444 C CG  . GLN B 2 102 ? 0.384   -5.796  -13.580 1.00 108.68 ? 102 GLN B CG  1 
ATOM 1445 C CD  . GLN B 2 102 ? 0.288   -7.100  -12.812 1.00 104.01 ? 102 GLN B CD  1 
ATOM 1446 O OE1 . GLN B 2 102 ? -0.619  -7.316  -12.005 1.00 96.14  ? 102 GLN B OE1 1 
ATOM 1447 N NE2 . GLN B 2 102 ? 1.198   -8.019  -13.097 1.00 103.52 ? 102 GLN B NE2 1 
ATOM 1448 N N   . GLY B 2 103 ? 0.413   -2.166  -10.294 1.00 94.20  ? 103 GLY B N   1 
ATOM 1449 C CA  . GLY B 2 103 ? 0.902   -1.242  -9.261  1.00 83.26  ? 103 GLY B CA  1 
ATOM 1450 C C   . GLY B 2 103 ? 1.742   -0.136  -9.850  1.00 79.17  ? 103 GLY B C   1 
ATOM 1451 O O   . GLY B 2 103 ? 2.567   0.399   -9.100  1.00 76.68  ? 103 GLY B O   1 
ATOM 1452 N N   . GLN B 2 104 ? 1.543   0.192   -11.133 1.00 85.14  ? 104 GLN B N   1 
ATOM 1453 C CA  . GLN B 2 104 ? 2.192   1.357   -11.794 1.00 89.15  ? 104 GLN B CA  1 
ATOM 1454 C C   . GLN B 2 104 ? 1.204   2.520   -11.820 1.00 82.31  ? 104 GLN B C   1 
ATOM 1455 O O   . GLN B 2 104 ? 0.055   2.333   -12.218 1.00 82.41  ? 104 GLN B O   1 
ATOM 1456 C CB  . GLN B 2 104 ? 2.673   1.034   -13.204 1.00 96.71  ? 104 GLN B CB  1 
ATOM 1457 C CG  . GLN B 2 104 ? 3.914   0.159   -13.223 1.00 105.22 ? 104 GLN B CG  1 
ATOM 1458 C CD  . GLN B 2 104 ? 3.695   -1.066  -14.076 1.00 112.12 ? 104 GLN B CD  1 
ATOM 1459 O OE1 . GLN B 2 104 ? 2.614   -1.658  -14.088 1.00 130.56 ? 104 GLN B OE1 1 
ATOM 1460 N NE2 . GLN B 2 104 ? 4.729   -1.461  -14.794 1.00 115.89 ? 104 GLN B NE2 1 
ATOM 1461 N N   . GLU B 2 105 ? 1.663   3.667   -11.347 1.00 82.42  ? 105 GLU B N   1 
ATOM 1462 C CA  . GLU B 2 105 ? 0.899   4.923   -11.317 1.00 89.79  ? 105 GLU B CA  1 
ATOM 1463 C C   . GLU B 2 105 ? 0.657   5.350   -12.756 1.00 96.26  ? 105 GLU B C   1 
ATOM 1464 O O   . GLU B 2 105 ? 1.603   5.246   -13.535 1.00 105.58 ? 105 GLU B O   1 
ATOM 1465 C CB  . GLU B 2 105 ? 1.691   6.014   -10.606 1.00 89.32  ? 105 GLU B CB  1 
ATOM 1466 C CG  . GLU B 2 105 ? 0.787   7.042   -9.980  1.00 97.29  ? 105 GLU B CG  1 
ATOM 1467 C CD  . GLU B 2 105 ? 1.114   8.457   -10.384 1.00 108.26 ? 105 GLU B CD  1 
ATOM 1468 O OE1 . GLU B 2 105 ? 2.331   8.741   -10.526 1.00 104.55 ? 105 GLU B OE1 1 
ATOM 1469 O OE2 . GLU B 2 105 ? 0.148   9.259   -10.558 1.00 106.03 ? 105 GLU B OE2 1 
ATOM 1470 N N   . HIS B 2 106 ? -0.564  5.777   -13.077 1.00 102.38 ? 106 HIS B N   1 
ATOM 1471 C CA  . HIS B 2 106 ? -0.898  6.544   -14.306 1.00 103.85 ? 106 HIS B CA  1 
ATOM 1472 C C   . HIS B 2 106 ? -0.883  8.022   -13.939 1.00 101.95 ? 106 HIS B C   1 
ATOM 1473 O O   . HIS B 2 106 ? -1.756  8.486   -13.207 1.00 113.00 ? 106 HIS B O   1 
ATOM 1474 C CB  . HIS B 2 106 ? -2.218  6.067   -14.909 1.00 104.53 ? 106 HIS B CB  1 
ATOM 1475 C CG  . HIS B 2 106 ? -2.116  4.699   -15.483 1.00 116.40 ? 106 HIS B CG  1 
ATOM 1476 N ND1 . HIS B 2 106 ? -2.018  4.476   -16.839 1.00 120.09 ? 106 HIS B ND1 1 
ATOM 1477 C CD2 . HIS B 2 106 ? -2.065  3.487   -14.885 1.00 127.44 ? 106 HIS B CD2 1 
ATOM 1478 C CE1 . HIS B 2 106 ? -1.936  3.179   -17.056 1.00 131.96 ? 106 HIS B CE1 1 
ATOM 1479 N NE2 . HIS B 2 106 ? -1.963  2.548   -15.868 1.00 126.85 ? 106 HIS B NE2 1 
ATOM 1480 N N   . PRO B 2 107 ? 0.163   8.766   -14.363 1.00 94.96  ? 107 PRO B N   1 
ATOM 1481 C CA  . PRO B 2 107 ? 0.333   10.179  -14.000 1.00 92.14  ? 107 PRO B CA  1 
ATOM 1482 C C   . PRO B 2 107 ? -0.599  11.182  -14.704 1.00 89.96  ? 107 PRO B C   1 
ATOM 1483 O O   . PRO B 2 107 ? -0.945  12.180  -14.115 1.00 96.35  ? 107 PRO B O   1 
ATOM 1484 C CB  . PRO B 2 107 ? 1.784   10.469  -14.410 1.00 90.24  ? 107 PRO B CB  1 
ATOM 1485 C CG  . PRO B 2 107 ? 2.418   9.108   -14.554 1.00 99.87  ? 107 PRO B CG  1 
ATOM 1486 C CD  . PRO B 2 107 ? 1.309   8.251   -15.120 1.00 97.28  ? 107 PRO B CD  1 
ATOM 1487 N N   . GLN B 2 108 ? -0.950  10.914  -15.958 1.00 93.13  ? 108 GLN B N   1 
ATOM 1488 C CA  . GLN B 2 108 ? -2.097  11.537  -16.668 1.00 91.79  ? 108 GLN B CA  1 
ATOM 1489 C C   . GLN B 2 108 ? -3.236  11.754  -15.648 1.00 79.11  ? 108 GLN B C   1 
ATOM 1490 O O   . GLN B 2 108 ? -3.624  12.902  -15.470 1.00 82.47  ? 108 GLN B O   1 
ATOM 1491 C CB  . GLN B 2 108 ? -2.453  10.679  -17.905 1.00 109.47 ? 108 GLN B CB  1 
ATOM 1492 C CG  . GLN B 2 108 ? -2.753  9.187   -17.646 1.00 115.30 ? 108 GLN B CG  1 
ATOM 1493 C CD  . GLN B 2 108 ? -1.699  8.133   -17.985 1.00 113.26 ? 108 GLN B CD  1 
ATOM 1494 O OE1 . GLN B 2 108 ? -0.475  8.302   -17.864 1.00 74.61  ? 108 GLN B OE1 1 
ATOM 1495 N NE2 . GLN B 2 108 ? -2.182  6.962   -18.376 1.00 115.19 ? 108 GLN B NE2 1 
ATOM 1496 N N   . ALA B 2 109 ? -3.656  10.712  -14.919 1.00 75.09  ? 109 ALA B N   1 
ATOM 1497 C CA  . ALA B 2 109 ? -4.863  10.640  -14.057 1.00 77.44  ? 109 ALA B CA  1 
ATOM 1498 C C   . ALA B 2 109 ? -4.613  11.172  -12.635 1.00 88.55  ? 109 ALA B C   1 
ATOM 1499 O O   . ALA B 2 109 ? -5.442  10.895  -11.732 1.00 79.78  ? 109 ALA B O   1 
ATOM 1500 C CB  . ALA B 2 109 ? -5.322  9.204   -13.980 1.00 82.61  ? 109 ALA B CB  1 
ATOM 1501 N N   . ARG B 2 110 ? -3.512  11.883  -12.390 1.00 89.41  ? 110 ARG B N   1 
ATOM 1502 C CA  . ARG B 2 110 ? -3.368  12.651  -11.128 1.00 83.61  ? 110 ARG B CA  1 
ATOM 1503 C C   . ARG B 2 110 ? -4.526  13.650  -11.089 1.00 87.16  ? 110 ARG B C   1 
ATOM 1504 O O   . ARG B 2 110 ? -4.897  14.161  -12.164 1.00 100.29 ? 110 ARG B O   1 
ATOM 1505 C CB  . ARG B 2 110 ? -1.997  13.330  -11.040 1.00 79.73  ? 110 ARG B CB  1 
ATOM 1506 C CG  . ARG B 2 110 ? -0.953  12.513  -10.292 1.00 91.16  ? 110 ARG B CG  1 
ATOM 1507 C CD  . ARG B 2 110 ? 0.452   12.664  -10.846 1.00 91.12  ? 110 ARG B CD  1 
ATOM 1508 N NE  . ARG B 2 110 ? 1.510   12.241  -9.927  1.00 86.48  ? 110 ARG B NE  1 
ATOM 1509 C CZ  . ARG B 2 110 ? 2.250   13.067  -9.186  1.00 90.95  ? 110 ARG B CZ  1 
ATOM 1510 N NH1 . ARG B 2 110 ? 2.048   14.378  -9.239  1.00 97.70  ? 110 ARG B NH1 1 
ATOM 1511 N NH2 . ARG B 2 110 ? 3.179   12.578  -8.381  1.00 87.08  ? 110 ARG B NH2 1 
ATOM 1512 N N   . VAL B 2 111 ? -5.125  13.846  -9.917  1.00 85.33  ? 111 VAL B N   1 
ATOM 1513 C CA  . VAL B 2 111 ? -6.004  15.006  -9.594  1.00 82.58  ? 111 VAL B CA  1 
ATOM 1514 C C   . VAL B 2 111 ? -5.204  15.945  -8.684  1.00 81.50  ? 111 VAL B C   1 
ATOM 1515 O O   . VAL B 2 111 ? -4.780  15.467  -7.623  1.00 79.30  ? 111 VAL B O   1 
ATOM 1516 C CB  . VAL B 2 111 ? -7.305  14.552  -8.908  1.00 80.85  ? 111 VAL B CB  1 
ATOM 1517 C CG1 . VAL B 2 111 ? -8.166  15.742  -8.516  1.00 89.59  ? 111 VAL B CG1 1 
ATOM 1518 C CG2 . VAL B 2 111 ? -8.094  13.577  -9.764  1.00 82.03  ? 111 VAL B CG2 1 
ATOM 1519 N N   . THR B 2 112 ? -5.037  17.217  -9.073  1.00 80.56  ? 112 THR B N   1 
ATOM 1520 C CA  . THR B 2 112 ? -4.258  18.252  -8.340  1.00 82.00  ? 112 THR B CA  1 
ATOM 1521 C C   . THR B 2 112 ? -5.184  19.372  -7.837  1.00 86.16  ? 112 THR B C   1 
ATOM 1522 O O   . THR B 2 112 ? -4.674  20.442  -7.511  1.00 95.88  ? 112 THR B O   1 
ATOM 1523 C CB  . THR B 2 112 ? -3.185  18.897  -9.231  1.00 91.10  ? 112 THR B CB  1 
ATOM 1524 O OG1 . THR B 2 112 ? -3.862  19.607  -10.273 1.00 103.27 ? 112 THR B OG1 1 
ATOM 1525 C CG2 . THR B 2 112 ? -2.208  17.914  -9.833  1.00 91.34  ? 112 THR B CG2 1 
ATOM 1526 N N   . GLY B 2 113 ? -6.500  19.179  -7.792  1.00 94.16  ? 113 GLY B N   1 
ATOM 1527 C CA  . GLY B 2 113 ? -7.423  20.250  -7.362  1.00 93.58  ? 113 GLY B CA  1 
ATOM 1528 C C   . GLY B 2 113 ? -8.674  19.674  -6.746  1.00 95.95  ? 113 GLY B C   1 
ATOM 1529 O O   . GLY B 2 113 ? -8.776  18.440  -6.679  1.00 97.67  ? 113 GLY B O   1 
ATOM 1530 N N   . PHE B 2 114 ? -9.598  20.526  -6.305  1.00 92.33  ? 114 PHE B N   1 
ATOM 1531 C CA  . PHE B 2 114 ? -10.917 20.066  -5.809  1.00 82.46  ? 114 PHE B CA  1 
ATOM 1532 C C   . PHE B 2 114 ? -11.754 19.639  -7.013  1.00 85.38  ? 114 PHE B C   1 
ATOM 1533 O O   . PHE B 2 114 ? -11.508 20.159  -8.122  1.00 77.71  ? 114 PHE B O   1 
ATOM 1534 C CB  . PHE B 2 114 ? -11.654 21.126  -4.994  1.00 74.68  ? 114 PHE B CB  1 
ATOM 1535 C CG  . PHE B 2 114 ? -12.982 20.625  -4.505  1.00 75.05  ? 114 PHE B CG  1 
ATOM 1536 C CD1 . PHE B 2 114 ? -13.065 19.787  -3.404  1.00 85.40  ? 114 PHE B CD1 1 
ATOM 1537 C CD2 . PHE B 2 114 ? -14.143 20.925  -5.193  1.00 85.53  ? 114 PHE B CD2 1 
ATOM 1538 C CE1 . PHE B 2 114 ? -14.290 19.297  -2.977  1.00 91.94  ? 114 PHE B CE1 1 
ATOM 1539 C CE2 . PHE B 2 114 ? -15.369 20.445  -4.761  1.00 98.22  ? 114 PHE B CE2 1 
ATOM 1540 C CZ  . PHE B 2 114 ? -15.440 19.627  -3.656  1.00 98.56  ? 114 PHE B CZ  1 
ATOM 1541 N N   . MET B 2 115 ? -12.666 18.687  -6.779  1.00 94.12  ? 115 MET B N   1 
ATOM 1542 C CA  . MET B 2 115 ? -13.751 18.247  -7.696  1.00 84.90  ? 115 MET B CA  1 
ATOM 1543 C C   . MET B 2 115 ? -14.960 17.809  -6.863  1.00 93.64  ? 115 MET B C   1 
ATOM 1544 O O   . MET B 2 115 ? -14.765 17.285  -5.721  1.00 84.80  ? 115 MET B O   1 
ATOM 1545 C CB  . MET B 2 115 ? -13.311 17.059  -8.553  1.00 88.92  ? 115 MET B CB  1 
ATOM 1546 C CG  . MET B 2 115 ? -12.236 17.387  -9.550  1.00 94.77  ? 115 MET B CG  1 
ATOM 1547 S SD  . MET B 2 115 ? -11.735 15.949  -10.545 1.00 99.84  ? 115 MET B SD  1 
ATOM 1548 C CE  . MET B 2 115 ? -10.253 16.612  -11.319 1.00 88.28  ? 115 MET B CE  1 
ATOM 1549 N N   . ASP B 2 116 ? -16.155 17.991  -7.430  1.00 97.65  ? 116 ASP B N   1 
ATOM 1550 C CA  . ASP B 2 116 ? -17.443 17.513  -6.862  1.00 104.33 ? 116 ASP B CA  1 
ATOM 1551 C C   . ASP B 2 116 ? -17.650 16.052  -7.269  1.00 103.34 ? 116 ASP B C   1 
ATOM 1552 O O   . ASP B 2 116 ? -16.898 15.571  -8.143  1.00 120.95 ? 116 ASP B O   1 
ATOM 1553 C CB  . ASP B 2 116 ? -18.609 18.363  -7.363  1.00 111.38 ? 116 ASP B CB  1 
ATOM 1554 C CG  . ASP B 2 116 ? -18.799 18.252  -8.863  1.00 119.01 ? 116 ASP B CG  1 
ATOM 1555 O OD1 . ASP B 2 116 ? -18.684 19.285  -9.549  1.00 126.34 ? 116 ASP B OD1 1 
ATOM 1556 O OD2 . ASP B 2 116 ? -19.030 17.124  -9.332  1.00 135.24 ? 116 ASP B OD2 1 
ATOM 1557 N N   . ALA B 2 117 ? -18.686 15.417  -6.712  1.00 89.56  ? 117 ALA B N   1 
ATOM 1558 C CA  . ALA B 2 117 ? -19.099 14.019  -6.963  1.00 80.01  ? 117 ALA B CA  1 
ATOM 1559 C C   . ALA B 2 117 ? -19.134 13.718  -8.460  1.00 83.91  ? 117 ALA B C   1 
ATOM 1560 O O   . ALA B 2 117 ? -18.638 12.647  -8.858  1.00 95.86  ? 117 ALA B O   1 
ATOM 1561 C CB  . ALA B 2 117 ? -20.447 13.775  -6.346  1.00 84.84  ? 117 ALA B CB  1 
ATOM 1562 N N   . GLU B 2 118 ? -19.727 14.606  -9.254  1.00 96.26  ? 118 GLU B N   1 
ATOM 1563 C CA  . GLU B 2 118 ? -19.892 14.378  -10.712 1.00 107.12 ? 118 GLU B CA  1 
ATOM 1564 C C   . GLU B 2 118 ? -18.509 14.354  -11.358 1.00 87.99  ? 118 GLU B C   1 
ATOM 1565 O O   . GLU B 2 118 ? -18.148 13.332  -11.982 1.00 98.88  ? 118 GLU B O   1 
ATOM 1566 C CB  . GLU B 2 118 ? -20.757 15.455  -11.372 1.00 119.41 ? 118 GLU B CB  1 
ATOM 1567 C CG  . GLU B 2 118 ? -20.805 15.320  -12.887 1.00 128.09 ? 118 GLU B CG  1 
ATOM 1568 C CD  . GLU B 2 118 ? -21.403 16.503  -13.621 1.00 127.52 ? 118 GLU B CD  1 
ATOM 1569 O OE1 . GLU B 2 118 ? -20.811 16.922  -14.643 1.00 127.85 ? 118 GLU B OE1 1 
ATOM 1570 O OE2 . GLU B 2 118 ? -22.462 16.987  -13.177 1.00 119.67 ? 118 GLU B OE2 1 
ATOM 1571 N N   . THR B 2 119 ? -17.781 15.455  -11.231 1.00 81.37  ? 119 THR B N   1 
ATOM 1572 C CA  . THR B 2 119 ? -16.511 15.661  -11.962 1.00 90.14  ? 119 THR B CA  1 
ATOM 1573 C C   . THR B 2 119 ? -15.602 14.484  -11.633 1.00 88.70  ? 119 THR B C   1 
ATOM 1574 O O   . THR B 2 119 ? -14.967 13.959  -12.571 1.00 91.07  ? 119 THR B O   1 
ATOM 1575 C CB  . THR B 2 119 ? -15.822 16.974  -11.585 1.00 88.46  ? 119 THR B CB  1 
ATOM 1576 O OG1 . THR B 2 119 ? -16.835 17.869  -11.121 1.00 80.30  ? 119 THR B OG1 1 
ATOM 1577 C CG2 . THR B 2 119 ? -15.013 17.527  -12.739 1.00 82.93  ? 119 THR B CG2 1 
ATOM 1578 N N   . PHE B 2 120 ? -15.571 14.099  -10.352 1.00 73.33  ? 120 PHE B N   1 
ATOM 1579 C CA  . PHE B 2 120 ? -14.743 12.968  -9.869  1.00 86.86  ? 120 PHE B CA  1 
ATOM 1580 C C   . PHE B 2 120 ? -15.065 11.728  -10.721 1.00 96.86  ? 120 PHE B C   1 
ATOM 1581 O O   . PHE B 2 120 ? -14.147 11.227  -11.413 1.00 100.72 ? 120 PHE B O   1 
ATOM 1582 C CB  . PHE B 2 120 ? -14.908 12.756  -8.361  1.00 82.61  ? 120 PHE B CB  1 
ATOM 1583 C CG  . PHE B 2 120 ? -13.740 12.031  -7.739  1.00 86.22  ? 120 PHE B CG  1 
ATOM 1584 C CD1 . PHE B 2 120 ? -12.439 12.384  -8.077  1.00 85.22  ? 120 PHE B CD1 1 
ATOM 1585 C CD2 . PHE B 2 120 ? -13.927 10.987  -6.841  1.00 86.27  ? 120 PHE B CD2 1 
ATOM 1586 C CE1 . PHE B 2 120 ? -11.359 11.706  -7.536  1.00 75.58  ? 120 PHE B CE1 1 
ATOM 1587 C CE2 . PHE B 2 120 ? -12.843 10.312  -6.298  1.00 70.26  ? 120 PHE B CE2 1 
ATOM 1588 C CZ  . PHE B 2 120 ? -11.567 10.676  -6.650  1.00 68.83  ? 120 PHE B CZ  1 
ATOM 1589 N N   . SER B 2 121 ? -16.334 11.313  -10.744 1.00 99.02  ? 121 SER B N   1 
ATOM 1590 C CA  . SER B 2 121 ? -16.853 10.146  -11.504 1.00 99.72  ? 121 SER B CA  1 
ATOM 1591 C C   . SER B 2 121 ? -16.523 10.245  -13.006 1.00 106.48 ? 121 SER B C   1 
ATOM 1592 O O   . SER B 2 121 ? -16.315 9.183   -13.629 1.00 115.24 ? 121 SER B O   1 
ATOM 1593 C CB  . SER B 2 121 ? -18.314 10.005  -11.241 1.00 103.20 ? 121 SER B CB  1 
ATOM 1594 O OG  . SER B 2 121 ? -18.526 9.962   -9.836  1.00 107.05 ? 121 SER B OG  1 
ATOM 1595 N N   . ALA B 2 122 ? -16.415 11.446  -13.579 1.00 100.00 ? 122 ALA B N   1 
ATOM 1596 C CA  . ALA B 2 122 ? -15.862 11.629  -14.945 1.00 114.70 ? 122 ALA B CA  1 
ATOM 1597 C C   . ALA B 2 122 ? -14.386 11.212  -14.964 1.00 115.89 ? 122 ALA B C   1 
ATOM 1598 O O   . ALA B 2 122 ? -13.985 10.504  -15.919 1.00 133.52 ? 122 ALA B O   1 
ATOM 1599 C CB  . ALA B 2 122 ? -16.028 13.053  -15.427 1.00 123.11 ? 122 ALA B CB  1 
ATOM 1600 N N   . HIS B 2 123 ? -13.607 11.654  -13.967 1.00 109.30 ? 123 HIS B N   1 
ATOM 1601 C CA  . HIS B 2 123 ? -12.148 11.388  -13.869 1.00 103.90 ? 123 HIS B CA  1 
ATOM 1602 C C   . HIS B 2 123 ? -11.931 9.903   -13.588 1.00 104.14 ? 123 HIS B C   1 
ATOM 1603 O O   . HIS B 2 123 ? -10.842 9.408   -13.928 1.00 121.58 ? 123 HIS B O   1 
ATOM 1604 C CB  . HIS B 2 123 ? -11.454 12.262  -12.816 1.00 102.30 ? 123 HIS B CB  1 
ATOM 1605 C CG  . HIS B 2 123 ? -9.991  12.417  -13.080 1.00 103.27 ? 123 HIS B CG  1 
ATOM 1606 N ND1 . HIS B 2 123 ? -9.511  13.159  -14.153 1.00 122.60 ? 123 HIS B ND1 1 
ATOM 1607 C CD2 . HIS B 2 123 ? -8.904  11.916  -12.456 1.00 93.74  ? 123 HIS B CD2 1 
ATOM 1608 C CE1 . HIS B 2 123 ? -8.193  13.125  -14.165 1.00 114.15 ? 123 HIS B CE1 1 
ATOM 1609 N NE2 . HIS B 2 123 ? -7.795  12.372  -13.133 1.00 108.79 ? 123 HIS B NE2 1 
ATOM 1610 N N   . LEU B 2 124 ? -12.933 9.238   -13.002 1.00 91.22  ? 124 LEU B N   1 
ATOM 1611 C CA  . LEU B 2 124 ? -13.000 7.760   -12.861 1.00 92.42  ? 124 LEU B CA  1 
ATOM 1612 C C   . LEU B 2 124 ? -13.431 7.090   -14.185 1.00 100.76 ? 124 LEU B C   1 
ATOM 1613 O O   . LEU B 2 124 ? -13.514 5.858   -14.205 1.00 103.91 ? 124 LEU B O   1 
ATOM 1614 C CB  . LEU B 2 124 ? -13.970 7.435   -11.727 1.00 100.47 ? 124 LEU B CB  1 
ATOM 1615 C CG  . LEU B 2 124 ? -13.628 8.047   -10.371 1.00 99.70  ? 124 LEU B CG  1 
ATOM 1616 C CD1 . LEU B 2 124 ? -14.658 7.639   -9.324  1.00 111.78 ? 124 LEU B CD1 1 
ATOM 1617 C CD2 . LEU B 2 124 ? -12.237 7.641   -9.922  1.00 94.14  ? 124 LEU B CD2 1 
ATOM 1618 N N   . ARG B 2 125 ? -13.676 7.857   -15.254 1.00 109.32 ? 125 ARG B N   1 
ATOM 1619 C CA  . ARG B 2 125 ? -13.680 7.368   -16.663 1.00 105.74 ? 125 ARG B CA  1 
ATOM 1620 C C   . ARG B 2 125 ? -12.311 7.627   -17.313 1.00 115.21 ? 125 ARG B C   1 
ATOM 1621 O O   . ARG B 2 125 ? -12.163 7.334   -18.503 1.00 103.94 ? 125 ARG B O   1 
ATOM 1622 C CB  . ARG B 2 125 ? -14.776 8.071   -17.466 1.00 121.79 ? 125 ARG B CB  1 
ATOM 1623 C CG  . ARG B 2 125 ? -16.078 8.243   -16.700 1.00 140.79 ? 125 ARG B CG  1 
ATOM 1624 C CD  . ARG B 2 125 ? -16.690 6.932   -16.251 1.00 148.91 ? 125 ARG B CD  1 
ATOM 1625 N NE  . ARG B 2 125 ? -17.394 6.296   -17.357 1.00 166.04 ? 125 ARG B NE  1 
ATOM 1626 C CZ  . ARG B 2 125 ? -17.912 5.071   -17.331 1.00 165.23 ? 125 ARG B CZ  1 
ATOM 1627 N NH1 . ARG B 2 125 ? -17.810 4.322   -16.244 1.00 164.27 ? 125 ARG B NH1 1 
ATOM 1628 N NH2 . ARG B 2 125 ? -18.528 4.597   -18.400 1.00 159.18 ? 125 ARG B NH2 1 
ATOM 1629 N N   . ASP B 2 126 ? -11.336 8.153   -16.559 1.00 130.84 ? 126 ASP B N   1 
ATOM 1630 C CA  . ASP B 2 126 ? -9.921  8.341   -16.990 1.00 112.66 ? 126 ASP B CA  1 
ATOM 1631 C C   . ASP B 2 126 ? -8.966  7.702   -15.960 1.00 101.01 ? 126 ASP B C   1 
ATOM 1632 O O   . ASP B 2 126 ? -7.906  8.282   -15.702 1.00 97.92  ? 126 ASP B O   1 
ATOM 1633 C CB  . ASP B 2 126 ? -9.622  9.829   -17.185 1.00 107.90 ? 126 ASP B CB  1 
ATOM 1634 C CG  . ASP B 2 126 ? -8.278  10.086  -17.837 1.00 111.42 ? 126 ASP B CG  1 
ATOM 1635 O OD1 . ASP B 2 126 ? -7.911  9.295   -18.720 1.00 116.66 ? 126 ASP B OD1 1 
ATOM 1636 O OD2 . ASP B 2 126 ? -7.610  11.065  -17.448 1.00 111.78 ? 126 ASP B OD2 1 
ATOM 1637 N N   . ARG B 2 127 ? -9.299  6.519   -15.436 1.00 91.28  ? 127 ARG B N   1 
ATOM 1638 C CA  . ARG B 2 127 ? -8.564  5.852   -14.336 1.00 102.69 ? 127 ARG B CA  1 
ATOM 1639 C C   . ARG B 2 127 ? -7.893  4.562   -14.816 1.00 113.33 ? 127 ARG B C   1 
ATOM 1640 O O   . ARG B 2 127 ? -8.356  4.015   -15.835 1.00 110.89 ? 127 ARG B O   1 
ATOM 1641 C CB  . ARG B 2 127 ? -9.558  5.501   -13.229 1.00 111.88 ? 127 ARG B CB  1 
ATOM 1642 C CG  . ARG B 2 127 ? -8.900  5.083   -11.922 1.00 127.65 ? 127 ARG B CG  1 
ATOM 1643 C CD  . ARG B 2 127 ? -9.000  3.601   -11.657 1.00 127.62 ? 127 ARG B CD  1 
ATOM 1644 N NE  . ARG B 2 127 ? -10.410 3.278   -11.516 1.00 119.05 ? 127 ARG B NE  1 
ATOM 1645 C CZ  . ARG B 2 127 ? -11.042 3.101   -10.365 1.00 105.86 ? 127 ARG B CZ  1 
ATOM 1646 N NH1 . ARG B 2 127 ? -10.386 3.180   -9.221  1.00 100.55 ? 127 ARG B NH1 1 
ATOM 1647 N NH2 . ARG B 2 127 ? -12.333 2.807   -10.367 1.00 103.92 ? 127 ARG B NH2 1 
ATOM 1648 N N   . GLN B 2 128 ? -6.879  4.090   -14.071 1.00 115.85 ? 128 GLN B N   1 
ATOM 1649 C CA  . GLN B 2 128 ? -6.282  2.730   -14.184 1.00 118.53 ? 128 GLN B CA  1 
ATOM 1650 C C   . GLN B 2 128 ? -5.282  2.736   -15.349 1.00 125.93 ? 128 GLN B C   1 
ATOM 1651 O O   . GLN B 2 128 ? -5.321  1.922   -16.281 1.00 132.56 ? 128 GLN B O   1 
ATOM 1652 C CB  . GLN B 2 128 ? -7.365  1.651   -14.359 1.00 116.90 ? 128 GLN B CB  1 
ATOM 1653 C CG  . GLN B 2 128 ? -6.910  0.262   -13.922 1.00 125.87 ? 128 GLN B CG  1 
ATOM 1654 C CD  . GLN B 2 128 ? -7.524  -0.894  -14.682 1.00 121.91 ? 128 GLN B CD  1 
ATOM 1655 O OE1 . GLN B 2 128 ? -8.641  -0.808  -15.193 1.00 103.51 ? 128 GLN B OE1 1 
ATOM 1656 N NE2 . GLN B 2 128 ? -6.791  -2.002  -14.737 1.00 106.27 ? 128 GLN B NE2 1 
# 
